data_4YB6
#
_entry.id   4YB6
#
_cell.length_a   91.871
_cell.length_b   124.906
_cell.length_c   92.809
_cell.angle_alpha   90.00
_cell.angle_beta   115.86
_cell.angle_gamma   90.00
#
_symmetry.space_group_name_H-M   'P 1 21 1'
#
loop_
_entity.id
_entity.type
_entity.pdbx_description
1 polymer 'ATP phosphoribosyltransferase'
2 non-polymer 'ADENOSINE MONOPHOSPHATE'
3 non-polymer HISTIDINE
4 non-polymer DI(HYDROXYETHYL)ETHER
5 non-polymer 'MAGNESIUM ION'
6 water water
#
_entity_poly.entity_id   1
_entity_poly.type   'polypeptide(L)'
_entity_poly.pdbx_seq_one_letter_code
;GMQENTRLRIAIQKSGRLSKESIELLSECGVKMHIHEQSLIAFSTNLPIDILRVRDDDIPGLIFDGVVDLGIIGENVLEE
NELERQSLGENPSYKLLKKLDFGYCRLSLALPQENKFQNLKDFEGLRIATSYPQLLKRFMKENGINYKNCTLTGSVEVAP
RANLADAICDLVSSGATLQANNLKEVKVIYESRACLIQKENALSKEKQALVDKIMLRVAGVMQARESKYIMLHAPKEKLD
KIQALLPGVERPTILPLAHDEKNVALHMVSKENLFWETMEALKEEGASSILVLPIEKMLK
;
_entity_poly.pdbx_strand_id   A,B,C,D,E,F
#
# COMPACT_ATOMS: atom_id res chain seq x y z
N ASN A 5 -10.96 20.06 30.23
CA ASN A 5 -11.36 19.93 28.80
C ASN A 5 -12.74 20.53 28.54
N THR A 6 -12.79 21.44 27.56
CA THR A 6 -14.05 22.06 27.17
C THR A 6 -15.00 21.04 26.52
N ARG A 7 -14.48 20.12 25.71
CA ARG A 7 -15.28 19.31 24.83
C ARG A 7 -15.35 17.83 25.28
N LEU A 8 -16.46 17.18 24.98
CA LEU A 8 -16.65 15.76 25.27
C LEU A 8 -15.61 14.93 24.53
N ARG A 9 -14.98 13.98 25.21
CA ARG A 9 -13.87 13.23 24.61
C ARG A 9 -14.20 11.73 24.50
N ILE A 10 -14.12 11.20 23.28
CA ILE A 10 -14.49 9.82 23.00
C ILE A 10 -13.29 9.11 22.46
N ALA A 11 -12.92 8.00 23.09
CA ALA A 11 -11.83 7.16 22.62
C ALA A 11 -12.38 6.02 21.79
N ILE A 12 -11.80 5.82 20.61
CA ILE A 12 -12.12 4.70 19.74
C ILE A 12 -10.84 3.98 19.32
N GLN A 13 -11.01 2.75 18.87
CA GLN A 13 -9.88 1.97 18.37
C GLN A 13 -9.26 2.61 17.16
N LYS A 14 -7.95 2.45 17.07
CA LYS A 14 -7.16 3.00 15.98
C LYS A 14 -7.33 2.17 14.70
N SER A 15 -7.46 0.85 14.83
CA SER A 15 -7.61 -0.04 13.66
C SER A 15 -8.55 -1.23 13.92
N GLY A 16 -8.79 -2.01 12.88
CA GLY A 16 -9.69 -3.17 12.96
C GLY A 16 -11.07 -2.82 12.45
N ARG A 17 -11.88 -3.85 12.20
CA ARG A 17 -13.26 -3.67 11.78
C ARG A 17 -14.01 -2.87 12.85
N LEU A 18 -13.64 -3.10 14.12
CA LEU A 18 -14.27 -2.41 15.23
C LEU A 18 -14.09 -0.89 15.12
N SER A 19 -12.91 -0.44 14.72
CA SER A 19 -12.71 1.00 14.46
C SER A 19 -13.62 1.59 13.38
N LYS A 20 -13.78 0.89 12.26
CA LYS A 20 -14.64 1.39 11.17
C LYS A 20 -16.09 1.47 11.63
N GLU A 21 -16.55 0.44 12.32
CA GLU A 21 -17.92 0.43 12.83
C GLU A 21 -18.17 1.49 13.89
N SER A 22 -17.13 1.82 14.67
CA SER A 22 -17.24 2.88 15.68
C SER A 22 -17.42 4.23 15.03
N ILE A 23 -16.63 4.50 14.01
CA ILE A 23 -16.73 5.74 13.23
C ILE A 23 -18.11 5.86 12.57
N GLU A 24 -18.57 4.76 11.99
CA GLU A 24 -19.89 4.73 11.35
C GLU A 24 -21.03 4.99 12.37
N LEU A 25 -20.96 4.35 13.53
CA LEU A 25 -21.95 4.61 14.55
C LEU A 25 -21.99 6.10 14.93
N LEU A 26 -20.82 6.70 15.15
CA LEU A 26 -20.78 8.10 15.54
C LEU A 26 -21.39 8.97 14.44
N SER A 27 -21.06 8.65 13.19
CA SER A 27 -21.62 9.37 12.06
C SER A 27 -23.15 9.27 12.02
N GLU A 28 -23.68 8.06 12.21
CA GLU A 28 -25.14 7.85 12.27
C GLU A 28 -25.79 8.53 13.47
N CYS A 29 -25.00 8.81 14.51
CA CYS A 29 -25.50 9.59 15.65
C CYS A 29 -25.31 11.09 15.50
N GLY A 30 -24.97 11.54 14.29
CA GLY A 30 -24.91 12.98 13.98
C GLY A 30 -23.59 13.67 14.29
N VAL A 31 -22.54 12.89 14.52
CA VAL A 31 -21.22 13.48 14.76
C VAL A 31 -20.50 13.56 13.42
N LYS A 32 -20.37 14.79 12.90
CA LYS A 32 -19.58 15.04 11.71
C LYS A 32 -18.10 15.23 12.06
N MET A 33 -17.25 14.55 11.29
CA MET A 33 -15.82 14.58 11.52
C MET A 33 -15.12 14.08 10.26
N HIS A 34 -13.86 14.49 10.08
CA HIS A 34 -12.99 14.00 9.02
C HIS A 34 -11.76 13.38 9.68
N ILE A 35 -11.71 12.07 9.76
CA ILE A 35 -10.58 11.36 10.32
C ILE A 35 -9.63 10.95 9.19
N HIS A 36 -8.59 11.76 8.97
CA HIS A 36 -7.47 11.33 8.12
C HIS A 36 -6.82 10.06 8.72
N GLU A 37 -6.30 9.20 7.85
CA GLU A 37 -5.70 7.91 8.27
C GLU A 37 -4.65 8.09 9.38
N GLN A 38 -3.92 9.21 9.33
CA GLN A 38 -2.85 9.47 10.28
C GLN A 38 -3.36 10.18 11.54
N SER A 39 -4.43 10.96 11.42
CA SER A 39 -4.84 11.83 12.53
C SER A 39 -5.22 11.04 13.77
N LEU A 40 -4.59 11.35 14.89
CA LEU A 40 -4.82 10.64 16.17
C LEU A 40 -5.82 11.36 17.07
N ILE A 41 -5.93 12.67 16.91
CA ILE A 41 -7.00 13.44 17.53
C ILE A 41 -7.78 14.08 16.41
N ALA A 42 -9.09 13.85 16.41
CA ALA A 42 -9.97 14.51 15.47
C ALA A 42 -10.96 15.36 16.24
N PHE A 43 -11.39 16.45 15.62
CA PHE A 43 -12.34 17.35 16.23
C PHE A 43 -13.60 17.34 15.39
N SER A 44 -14.74 16.99 15.99
CA SER A 44 -16.01 17.10 15.30
C SER A 44 -16.22 18.56 14.83
N THR A 45 -16.74 18.72 13.63
CA THR A 45 -16.95 20.04 13.07
C THR A 45 -18.31 20.64 13.44
N ASN A 46 -19.24 19.82 13.90
CA ASN A 46 -20.57 20.31 14.23
C ASN A 46 -20.94 20.21 15.69
N LEU A 47 -20.21 19.40 16.46
CA LEU A 47 -20.51 19.22 17.88
C LEU A 47 -19.23 19.39 18.70
N PRO A 48 -19.38 19.74 19.99
CA PRO A 48 -18.21 19.94 20.84
C PRO A 48 -17.71 18.58 21.33
N ILE A 49 -17.11 17.83 20.42
CA ILE A 49 -16.66 16.46 20.65
C ILE A 49 -15.28 16.29 20.03
N ASP A 50 -14.38 15.67 20.78
CA ASP A 50 -13.09 15.25 20.28
C ASP A 50 -13.05 13.73 20.25
N ILE A 51 -12.48 13.20 19.17
CA ILE A 51 -12.36 11.76 19.00
C ILE A 51 -10.87 11.42 19.06
N LEU A 52 -10.52 10.52 19.99
CA LEU A 52 -9.15 10.08 20.15
C LEU A 52 -9.05 8.66 19.64
N ARG A 53 -8.16 8.45 18.68
CA ARG A 53 -7.93 7.14 18.13
C ARG A 53 -6.75 6.53 18.88
N VAL A 54 -7.00 5.41 19.55
CA VAL A 54 -5.95 4.78 20.35
C VAL A 54 -6.02 3.27 20.24
N ARG A 55 -4.91 2.62 20.57
CA ARG A 55 -4.84 1.18 20.51
C ARG A 55 -5.89 0.62 21.46
N ASP A 56 -6.61 -0.41 21.01
CA ASP A 56 -7.70 -0.97 21.81
C ASP A 56 -7.33 -1.26 23.28
N ASP A 57 -6.18 -1.88 23.46
CA ASP A 57 -5.74 -2.31 24.79
C ASP A 57 -5.50 -1.16 25.75
N ASP A 58 -5.31 0.04 25.22
CA ASP A 58 -5.11 1.21 26.04
C ASP A 58 -6.41 1.90 26.48
N ILE A 59 -7.52 1.61 25.81
CA ILE A 59 -8.75 2.38 26.05
C ILE A 59 -9.33 2.17 27.47
N PRO A 60 -9.43 0.92 27.95
CA PRO A 60 -9.97 0.75 29.31
C PRO A 60 -9.28 1.58 30.39
N GLY A 61 -7.95 1.57 30.40
CA GLY A 61 -7.18 2.37 31.36
C GLY A 61 -7.48 3.86 31.31
N LEU A 62 -7.70 4.42 30.11
CA LEU A 62 -8.02 5.84 29.98
C LEU A 62 -9.38 6.14 30.61
N ILE A 63 -10.31 5.23 30.43
CA ILE A 63 -11.62 5.35 31.05
C ILE A 63 -11.50 5.15 32.57
N PHE A 64 -10.79 4.12 33.02
CA PHE A 64 -10.63 3.87 34.46
C PHE A 64 -10.06 5.11 35.17
N ASP A 65 -9.10 5.77 34.52
CA ASP A 65 -8.42 6.93 35.11
C ASP A 65 -9.16 8.23 34.87
N GLY A 66 -10.24 8.18 34.08
CA GLY A 66 -11.08 9.34 33.89
C GLY A 66 -10.53 10.42 32.98
N VAL A 67 -9.52 10.11 32.17
CA VAL A 67 -8.90 11.10 31.29
C VAL A 67 -9.52 11.18 29.87
N VAL A 68 -10.41 10.24 29.55
CA VAL A 68 -11.40 10.44 28.48
C VAL A 68 -12.78 10.20 29.06
N ASP A 69 -13.82 10.69 28.38
CA ASP A 69 -15.17 10.63 28.89
C ASP A 69 -15.90 9.36 28.48
N LEU A 70 -15.80 9.03 27.19
CA LEU A 70 -16.46 7.86 26.61
C LEU A 70 -15.47 7.00 25.86
N GLY A 71 -15.81 5.73 25.70
CA GLY A 71 -14.99 4.79 24.96
C GLY A 71 -15.85 3.75 24.29
N ILE A 72 -15.42 3.33 23.10
CA ILE A 72 -16.00 2.16 22.44
C ILE A 72 -14.94 1.09 22.37
N ILE A 73 -15.22 -0.07 22.97
CA ILE A 73 -14.22 -1.11 23.13
C ILE A 73 -14.88 -2.47 23.24
N GLY A 74 -14.19 -3.52 22.80
CA GLY A 74 -14.68 -4.88 23.04
C GLY A 74 -14.75 -5.23 24.52
N GLU A 75 -15.82 -5.93 24.91
CA GLU A 75 -15.92 -6.43 26.29
C GLU A 75 -14.70 -7.21 26.71
N ASN A 76 -14.17 -8.02 25.82
CA ASN A 76 -13.01 -8.84 26.13
C ASN A 76 -11.80 -8.02 26.56
N VAL A 77 -11.55 -6.92 25.84
CA VAL A 77 -10.42 -6.05 26.13
C VAL A 77 -10.68 -5.29 27.45
N LEU A 78 -11.91 -4.85 27.64
CA LEU A 78 -12.31 -4.16 28.86
C LEU A 78 -12.10 -5.04 30.10
N GLU A 79 -12.58 -6.28 30.04
CA GLU A 79 -12.51 -7.16 31.18
C GLU A 79 -11.08 -7.67 31.41
N GLU A 80 -10.33 -7.92 30.33
CA GLU A 80 -8.93 -8.29 30.46
C GLU A 80 -8.19 -7.22 31.27
N ASN A 81 -8.41 -5.95 30.94
CA ASN A 81 -7.75 -4.86 31.63
C ASN A 81 -8.27 -4.62 33.06
N GLU A 82 -9.57 -4.80 33.25
CA GLU A 82 -10.18 -4.73 34.57
C GLU A 82 -9.53 -5.77 35.50
N LEU A 83 -9.45 -7.00 35.04
CA LEU A 83 -8.76 -8.05 35.78
C LEU A 83 -7.29 -7.72 36.04
N GLU A 84 -6.59 -7.20 35.06
CA GLU A 84 -5.20 -6.82 35.30
C GLU A 84 -5.08 -5.77 36.43
N ARG A 85 -5.92 -4.74 36.38
CA ARG A 85 -5.86 -3.69 37.41
C ARG A 85 -6.23 -4.26 38.80
N GLN A 86 -7.26 -5.08 38.85
CA GLN A 86 -7.65 -5.73 40.09
C GLN A 86 -6.54 -6.60 40.66
N SER A 87 -5.81 -7.29 39.79
CA SER A 87 -4.67 -8.10 40.24
C SER A 87 -3.58 -7.27 40.90
N LEU A 88 -3.49 -5.99 40.54
CA LEU A 88 -2.53 -5.09 41.15
C LEU A 88 -3.06 -4.39 42.42
N GLY A 89 -4.24 -4.79 42.88
CA GLY A 89 -4.85 -4.16 44.04
C GLY A 89 -5.71 -2.92 43.76
N GLU A 90 -5.99 -2.59 42.50
CA GLU A 90 -6.80 -1.40 42.20
C GLU A 90 -8.29 -1.75 42.13
N ASN A 91 -9.13 -0.73 42.09
CA ASN A 91 -10.58 -0.89 41.97
C ASN A 91 -11.08 -0.08 40.75
N PRO A 92 -10.74 -0.55 39.54
CA PRO A 92 -11.17 0.18 38.35
C PRO A 92 -12.69 0.25 38.33
N SER A 93 -13.26 1.37 37.92
CA SER A 93 -14.69 1.42 37.63
C SER A 93 -15.01 2.29 36.40
N TYR A 94 -16.23 2.12 35.93
CA TYR A 94 -16.73 2.78 34.74
C TYR A 94 -18.25 2.55 34.70
N LYS A 95 -18.92 3.26 33.83
CA LYS A 95 -20.34 3.06 33.58
C LYS A 95 -20.52 2.37 32.23
N LEU A 96 -21.28 1.29 32.18
CA LEU A 96 -21.63 0.66 30.94
C LEU A 96 -22.85 1.36 30.42
N LEU A 97 -22.72 2.01 29.26
CA LEU A 97 -23.84 2.71 28.67
C LEU A 97 -24.64 1.83 27.73
N LYS A 98 -23.97 1.02 26.91
CA LYS A 98 -24.69 0.20 25.94
C LYS A 98 -23.82 -0.93 25.41
N LYS A 99 -24.40 -2.12 25.38
CA LYS A 99 -23.80 -3.22 24.65
C LYS A 99 -24.23 -3.04 23.20
N LEU A 100 -23.25 -2.98 22.30
CA LEU A 100 -23.50 -2.61 20.92
C LEU A 100 -23.69 -3.86 20.04
N ASP A 101 -24.01 -3.65 18.77
CA ASP A 101 -24.40 -4.76 17.88
C ASP A 101 -23.33 -5.10 16.85
N PHE A 102 -22.06 -4.88 17.21
CA PHE A 102 -20.95 -5.29 16.38
C PHE A 102 -19.80 -5.70 17.30
N GLY A 103 -18.72 -6.19 16.69
CA GLY A 103 -17.56 -6.66 17.43
C GLY A 103 -17.78 -8.03 18.06
N TYR A 104 -18.74 -8.81 17.56
CA TYR A 104 -19.03 -10.12 18.15
C TYR A 104 -17.90 -11.13 17.96
N CYS A 105 -17.52 -11.80 19.05
CA CYS A 105 -16.52 -12.88 18.97
C CYS A 105 -16.58 -13.72 20.23
N ARG A 106 -15.94 -14.89 20.18
CA ARG A 106 -15.84 -15.82 21.28
C ARG A 106 -14.35 -15.95 21.58
N LEU A 107 -13.98 -15.89 22.86
CA LEU A 107 -12.64 -16.26 23.27
C LEU A 107 -12.69 -17.75 23.63
N SER A 108 -11.95 -18.55 22.88
CA SER A 108 -12.01 -20.01 22.97
C SER A 108 -10.66 -20.69 23.06
N LEU A 109 -10.63 -21.79 23.83
CA LEU A 109 -9.52 -22.73 23.83
C LEU A 109 -9.60 -23.59 22.56
N ALA A 110 -8.45 -23.78 21.94
CA ALA A 110 -8.36 -24.57 20.72
C ALA A 110 -7.09 -25.40 20.73
N LEU A 111 -7.14 -26.53 20.04
CA LEU A 111 -6.06 -27.52 20.00
C LEU A 111 -5.85 -27.96 18.56
N PRO A 112 -4.66 -28.47 18.23
CA PRO A 112 -4.47 -29.06 16.90
C PRO A 112 -5.51 -30.16 16.64
N GLN A 113 -6.03 -30.21 15.42
CA GLN A 113 -7.07 -31.21 15.06
C GLN A 113 -6.70 -32.64 15.43
N GLU A 114 -5.43 -33.01 15.32
CA GLU A 114 -5.01 -34.37 15.65
C GLU A 114 -5.13 -34.68 17.15
N ASN A 115 -4.93 -33.67 18.00
CA ASN A 115 -5.01 -33.91 19.47
C ASN A 115 -6.37 -34.41 19.93
N LYS A 116 -6.38 -35.38 20.84
CA LYS A 116 -7.61 -35.97 21.37
C LYS A 116 -8.14 -35.11 22.50
N PHE A 117 -9.39 -34.68 22.39
CA PHE A 117 -10.03 -33.95 23.47
C PHE A 117 -11.28 -34.64 23.95
N GLN A 118 -11.28 -35.04 25.22
CA GLN A 118 -12.47 -35.54 25.89
C GLN A 118 -13.04 -34.48 26.81
N ASN A 119 -12.18 -33.86 27.62
CA ASN A 119 -12.63 -32.82 28.54
C ASN A 119 -11.51 -31.86 28.93
N LEU A 120 -11.88 -30.84 29.70
CA LEU A 120 -10.98 -29.75 30.06
C LEU A 120 -9.64 -30.23 30.67
N LYS A 121 -9.62 -31.42 31.28
CA LYS A 121 -8.40 -31.98 31.87
C LYS A 121 -7.32 -32.27 30.84
N ASP A 122 -7.69 -32.41 29.57
CA ASP A 122 -6.70 -32.52 28.47
C ASP A 122 -5.77 -31.30 28.29
N PHE A 123 -6.11 -30.17 28.90
CA PHE A 123 -5.28 -28.97 28.89
C PHE A 123 -4.33 -28.95 30.09
N GLU A 124 -4.48 -29.90 31.02
CA GLU A 124 -3.61 -30.03 32.17
C GLU A 124 -2.15 -30.05 31.77
N GLY A 125 -1.39 -29.11 32.32
CA GLY A 125 0.05 -29.04 32.06
C GLY A 125 0.47 -28.54 30.68
N LEU A 126 -0.47 -28.17 29.81
CA LEU A 126 -0.11 -27.66 28.48
C LEU A 126 0.40 -26.20 28.53
N ARG A 127 1.29 -25.87 27.60
CA ARG A 127 1.60 -24.47 27.30
C ARG A 127 0.47 -23.95 26.41
N ILE A 128 -0.16 -22.85 26.83
CA ILE A 128 -1.27 -22.26 26.08
C ILE A 128 -0.94 -20.81 25.71
N ALA A 129 -0.89 -20.55 24.42
CA ALA A 129 -0.59 -19.21 23.92
C ALA A 129 -1.87 -18.36 23.85
N THR A 130 -1.79 -17.12 24.30
CA THR A 130 -2.93 -16.21 24.28
C THR A 130 -2.49 -14.76 24.31
N SER A 131 -3.36 -13.88 23.80
CA SER A 131 -3.20 -12.44 24.00
C SER A 131 -4.02 -11.93 25.17
N TYR A 132 -4.78 -12.82 25.81
CA TYR A 132 -5.67 -12.45 26.94
C TYR A 132 -5.33 -13.29 28.18
N PRO A 133 -4.11 -13.10 28.71
CA PRO A 133 -3.67 -13.97 29.81
C PRO A 133 -4.51 -13.88 31.08
N GLN A 134 -5.08 -12.72 31.40
CA GLN A 134 -5.94 -12.60 32.58
C GLN A 134 -7.26 -13.37 32.43
N LEU A 135 -7.91 -13.25 31.28
CA LEU A 135 -9.14 -14.00 31.01
C LEU A 135 -8.89 -15.51 31.03
N LEU A 136 -7.80 -15.94 30.43
CA LEU A 136 -7.43 -17.34 30.47
C LEU A 136 -7.14 -17.79 31.90
N LYS A 137 -6.30 -17.05 32.60
CA LYS A 137 -5.91 -17.40 33.98
C LYS A 137 -7.13 -17.59 34.86
N ARG A 138 -8.06 -16.65 34.81
CA ARG A 138 -9.26 -16.75 35.63
C ARG A 138 -10.02 -18.04 35.35
N PHE A 139 -10.23 -18.33 34.08
CA PHE A 139 -10.99 -19.50 33.70
C PHE A 139 -10.32 -20.79 34.17
N MET A 140 -9.01 -20.88 33.97
CA MET A 140 -8.28 -22.10 34.34
C MET A 140 -8.19 -22.26 35.86
N LYS A 141 -7.93 -21.19 36.57
CA LYS A 141 -7.95 -21.26 38.02
C LYS A 141 -9.34 -21.61 38.57
N GLU A 142 -10.43 -21.03 38.05
CA GLU A 142 -11.80 -21.48 38.37
C GLU A 142 -12.06 -22.96 38.15
N ASN A 143 -11.45 -23.54 37.11
CA ASN A 143 -11.69 -24.94 36.79
C ASN A 143 -10.57 -25.84 37.30
N GLY A 144 -9.66 -25.27 38.08
CA GLY A 144 -8.56 -26.01 38.68
C GLY A 144 -7.66 -26.74 37.70
N ILE A 145 -7.40 -26.11 36.55
CA ILE A 145 -6.52 -26.69 35.55
C ILE A 145 -5.19 -25.95 35.60
N ASN A 146 -4.11 -26.69 35.83
CA ASN A 146 -2.76 -26.13 35.74
C ASN A 146 -2.29 -26.07 34.31
N TYR A 147 -1.57 -25.02 33.97
CA TYR A 147 -1.10 -24.83 32.59
C TYR A 147 0.08 -23.87 32.64
N LYS A 148 0.80 -23.75 31.53
CA LYS A 148 1.85 -22.75 31.39
C LYS A 148 1.41 -21.68 30.38
N ASN A 149 1.41 -20.44 30.81
CA ASN A 149 0.96 -19.33 29.97
C ASN A 149 2.05 -18.94 28.99
N CYS A 150 1.65 -18.64 27.75
CA CYS A 150 2.55 -18.03 26.77
C CYS A 150 1.86 -16.81 26.15
N THR A 151 2.33 -15.62 26.49
CA THR A 151 1.69 -14.40 26.02
C THR A 151 2.27 -14.06 24.65
N LEU A 152 1.38 -13.99 23.67
CA LEU A 152 1.72 -13.51 22.34
C LEU A 152 0.73 -12.41 21.96
N THR A 153 1.25 -11.35 21.34
CA THR A 153 0.48 -10.14 21.07
C THR A 153 -0.31 -10.28 19.78
N GLY A 154 0.14 -11.17 18.90
CA GLY A 154 -0.53 -11.38 17.62
C GLY A 154 -0.18 -12.72 17.03
N SER A 155 -0.90 -13.09 15.98
CA SER A 155 -0.71 -14.36 15.30
C SER A 155 -0.67 -15.56 16.25
N VAL A 156 -1.56 -15.55 17.23
CA VAL A 156 -1.61 -16.60 18.24
C VAL A 156 -1.86 -17.94 17.60
N GLU A 157 -2.65 -17.94 16.53
CA GLU A 157 -3.00 -19.18 15.85
C GLU A 157 -1.81 -20.00 15.32
N VAL A 158 -0.66 -19.35 15.14
CA VAL A 158 0.52 -20.04 14.60
C VAL A 158 1.37 -20.69 15.69
N ALA A 159 1.05 -20.43 16.96
CA ALA A 159 1.91 -20.89 18.04
C ALA A 159 2.13 -22.41 18.11
N PRO A 160 1.06 -23.20 17.94
CA PRO A 160 1.27 -24.65 17.96
C PRO A 160 2.18 -25.15 16.86
N ARG A 161 1.92 -24.71 15.64
CA ARG A 161 2.77 -25.09 14.51
C ARG A 161 4.21 -24.61 14.73
N ALA A 162 4.35 -23.44 15.32
CA ALA A 162 5.65 -22.84 15.58
C ALA A 162 6.36 -23.49 16.77
N ASN A 163 5.63 -24.35 17.46
CA ASN A 163 6.09 -24.99 18.67
C ASN A 163 6.40 -24.02 19.80
N LEU A 164 5.63 -22.95 19.85
CA LEU A 164 5.65 -22.04 20.97
C LEU A 164 4.69 -22.47 22.07
N ALA A 165 3.73 -23.33 21.74
CA ALA A 165 2.75 -23.77 22.70
C ALA A 165 2.04 -25.01 22.19
N ASP A 166 1.34 -25.69 23.08
CA ASP A 166 0.59 -26.90 22.74
C ASP A 166 -0.83 -26.56 22.28
N ALA A 167 -1.31 -25.40 22.70
CA ALA A 167 -2.69 -25.01 22.47
C ALA A 167 -2.80 -23.48 22.50
N ILE A 168 -3.98 -22.97 22.17
CA ILE A 168 -4.20 -21.53 22.23
C ILE A 168 -5.52 -21.18 22.85
N CYS A 169 -5.60 -19.93 23.26
CA CYS A 169 -6.85 -19.33 23.68
C CYS A 169 -6.95 -18.03 22.90
N ASP A 170 -7.85 -17.97 21.93
CA ASP A 170 -7.92 -16.80 21.02
C ASP A 170 -9.34 -16.53 20.55
N LEU A 171 -9.52 -15.37 19.94
CA LEU A 171 -10.84 -14.91 19.50
C LEU A 171 -11.24 -15.59 18.21
N VAL A 172 -12.51 -15.97 18.15
CA VAL A 172 -13.09 -16.66 17.02
C VAL A 172 -14.38 -15.92 16.64
N SER A 173 -14.55 -15.68 15.34
CA SER A 173 -15.78 -15.13 14.84
C SER A 173 -16.34 -16.16 13.88
N SER A 174 -15.75 -16.31 12.69
CA SER A 174 -16.27 -17.28 11.71
C SER A 174 -15.67 -18.66 11.86
N GLY A 175 -14.51 -18.76 12.50
CA GLY A 175 -13.82 -20.03 12.61
C GLY A 175 -12.83 -20.30 11.50
N ALA A 176 -12.73 -19.40 10.52
CA ALA A 176 -11.86 -19.65 9.37
C ALA A 176 -10.38 -19.71 9.76
N THR A 177 -9.97 -18.83 10.67
CA THR A 177 -8.57 -18.77 11.07
C THR A 177 -8.12 -20.04 11.82
N LEU A 178 -8.96 -20.56 12.72
CA LEU A 178 -8.68 -21.84 13.33
C LEU A 178 -8.53 -22.94 12.26
N GLN A 179 -9.50 -23.05 11.35
CA GLN A 179 -9.46 -24.09 10.31
C GLN A 179 -8.23 -23.97 9.44
N ALA A 180 -7.87 -22.75 9.07
CA ALA A 180 -6.68 -22.53 8.25
C ALA A 180 -5.41 -23.00 8.93
N ASN A 181 -5.43 -23.10 10.25
CA ASN A 181 -4.25 -23.52 11.00
C ASN A 181 -4.40 -24.89 11.61
N ASN A 182 -5.34 -25.68 11.10
CA ASN A 182 -5.59 -27.03 11.56
C ASN A 182 -5.88 -27.11 13.07
N LEU A 183 -6.61 -26.13 13.59
CA LEU A 183 -7.01 -26.08 14.98
C LEU A 183 -8.51 -26.34 15.13
N LYS A 184 -8.88 -26.97 16.24
CA LYS A 184 -10.27 -27.27 16.57
C LYS A 184 -10.66 -26.41 17.78
N GLU A 185 -11.79 -25.73 17.70
CA GLU A 185 -12.32 -24.96 18.81
C GLU A 185 -12.96 -25.93 19.80
N VAL A 186 -12.47 -25.94 21.02
CA VAL A 186 -12.87 -26.95 21.99
C VAL A 186 -13.74 -26.45 23.15
N LYS A 187 -13.47 -25.23 23.62
CA LYS A 187 -14.20 -24.70 24.77
C LYS A 187 -14.24 -23.18 24.70
N VAL A 188 -15.46 -22.63 24.73
CA VAL A 188 -15.65 -21.18 24.77
C VAL A 188 -15.51 -20.70 26.21
N ILE A 189 -14.64 -19.73 26.46
CA ILE A 189 -14.47 -19.23 27.82
C ILE A 189 -15.04 -17.83 28.05
N TYR A 190 -15.33 -17.10 26.99
CA TYR A 190 -15.82 -15.74 27.12
C TYR A 190 -16.47 -15.34 25.81
N GLU A 191 -17.60 -14.64 25.88
CA GLU A 191 -18.24 -14.09 24.69
C GLU A 191 -18.26 -12.57 24.77
N SER A 192 -18.01 -11.90 23.65
CA SER A 192 -17.78 -10.47 23.64
C SER A 192 -18.47 -9.78 22.48
N ARG A 193 -18.83 -8.53 22.71
CA ARG A 193 -19.20 -7.61 21.66
C ARG A 193 -18.70 -6.22 22.05
N ALA A 194 -18.73 -5.29 21.11
CA ALA A 194 -18.35 -3.90 21.38
C ALA A 194 -19.32 -3.30 22.38
N CYS A 195 -18.81 -2.45 23.26
N CYS A 195 -18.77 -2.42 23.21
CA CYS A 195 -19.67 -1.70 24.15
CA CYS A 195 -19.53 -1.70 24.23
C CYS A 195 -19.25 -0.25 24.26
C CYS A 195 -19.23 -0.21 24.17
N LEU A 196 -20.20 0.59 24.59
CA LEU A 196 -19.97 1.99 24.82
C LEU A 196 -19.93 2.20 26.33
N ILE A 197 -18.83 2.76 26.82
CA ILE A 197 -18.62 2.96 28.26
C ILE A 197 -18.30 4.40 28.55
N GLN A 198 -18.49 4.77 29.82
CA GLN A 198 -18.26 6.13 30.28
C GLN A 198 -17.43 6.09 31.56
N LYS A 199 -16.62 7.11 31.77
CA LYS A 199 -15.85 7.20 33.02
C LYS A 199 -16.80 7.29 34.23
N GLU A 200 -16.28 6.90 35.39
CA GLU A 200 -17.10 6.86 36.61
C GLU A 200 -17.46 8.27 37.11
N ASN A 201 -16.48 9.16 37.18
CA ASN A 201 -16.72 10.48 37.75
C ASN A 201 -17.68 11.28 36.89
N ALA A 202 -18.60 11.97 37.57
CA ALA A 202 -19.68 12.67 36.92
C ALA A 202 -19.14 13.70 35.94
N LEU A 203 -19.83 13.82 34.81
CA LEU A 203 -19.48 14.83 33.83
C LEU A 203 -20.14 16.14 34.22
N SER A 204 -19.69 17.23 33.63
CA SER A 204 -20.43 18.47 33.68
C SER A 204 -21.84 18.27 33.14
N LYS A 205 -22.76 19.16 33.55
CA LYS A 205 -24.16 19.08 33.10
C LYS A 205 -24.26 19.15 31.57
N GLU A 206 -23.47 20.01 30.95
CA GLU A 206 -23.50 20.17 29.49
C GLU A 206 -22.95 18.94 28.75
N LYS A 207 -21.86 18.36 29.24
CA LYS A 207 -21.34 17.13 28.65
C LYS A 207 -22.31 15.96 28.82
N GLN A 208 -22.89 15.83 30.01
CA GLN A 208 -23.80 14.73 30.25
C GLN A 208 -25.03 14.86 29.35
N ALA A 209 -25.50 16.09 29.15
CA ALA A 209 -26.65 16.35 28.26
C ALA A 209 -26.35 15.95 26.82
N LEU A 210 -25.12 16.17 26.38
CA LEU A 210 -24.71 15.70 25.06
C LEU A 210 -24.66 14.18 24.98
N VAL A 211 -24.10 13.54 26.00
CA VAL A 211 -24.09 12.08 26.07
C VAL A 211 -25.53 11.56 25.97
N ASP A 212 -26.44 12.16 26.74
CA ASP A 212 -27.84 11.74 26.74
C ASP A 212 -28.42 11.82 25.32
N LYS A 213 -28.13 12.90 24.60
CA LYS A 213 -28.58 13.06 23.22
C LYS A 213 -28.05 11.99 22.30
N ILE A 214 -26.75 11.72 22.42
CA ILE A 214 -26.12 10.70 21.62
C ILE A 214 -26.75 9.34 21.89
N MET A 215 -27.01 9.04 23.15
CA MET A 215 -27.56 7.75 23.54
C MET A 215 -28.98 7.49 22.99
N LEU A 216 -29.79 8.54 22.88
CA LEU A 216 -31.13 8.40 22.26
C LEU A 216 -30.97 7.93 20.82
N ARG A 217 -29.96 8.46 20.12
CA ARG A 217 -29.68 8.07 18.75
C ARG A 217 -29.09 6.70 18.63
N VAL A 218 -28.19 6.36 19.55
CA VAL A 218 -27.61 5.02 19.56
C VAL A 218 -28.73 3.99 19.70
N ALA A 219 -29.68 4.23 20.60
CA ALA A 219 -30.82 3.32 20.77
C ALA A 219 -31.63 3.21 19.48
N GLY A 220 -31.84 4.34 18.81
CA GLY A 220 -32.52 4.34 17.54
C GLY A 220 -31.83 3.45 16.50
N VAL A 221 -30.51 3.56 16.42
CA VAL A 221 -29.73 2.77 15.46
C VAL A 221 -29.85 1.28 15.79
N MET A 222 -29.67 0.95 17.05
CA MET A 222 -29.65 -0.45 17.48
C MET A 222 -31.01 -1.12 17.31
N GLN A 223 -32.08 -0.38 17.62
CA GLN A 223 -33.42 -0.92 17.47
C GLN A 223 -33.82 -1.18 16.01
N ALA A 224 -33.23 -0.42 15.08
CA ALA A 224 -33.51 -0.60 13.66
C ALA A 224 -32.66 -1.70 13.00
N ARG A 225 -31.58 -2.16 13.65
CA ARG A 225 -30.62 -3.09 13.01
C ARG A 225 -31.41 -4.37 12.63
N GLU A 226 -31.27 -4.78 11.40
CA GLU A 226 -31.94 -5.98 10.90
C GLU A 226 -33.47 -5.85 10.67
N SER A 227 -34.02 -4.65 10.80
CA SER A 227 -35.46 -4.41 10.50
C SER A 227 -35.56 -3.64 9.18
N LYS A 228 -36.62 -3.92 8.43
CA LYS A 228 -36.87 -3.23 7.19
C LYS A 228 -38.34 -2.83 7.15
N TYR A 229 -38.64 -1.88 6.27
CA TYR A 229 -40.01 -1.41 6.06
C TYR A 229 -40.56 -2.10 4.83
N ILE A 230 -41.56 -2.97 5.04
CA ILE A 230 -42.09 -3.80 3.96
C ILE A 230 -43.36 -3.15 3.45
N MET A 231 -43.47 -3.06 2.13
CA MET A 231 -44.69 -2.58 1.49
C MET A 231 -45.17 -3.63 0.49
N LEU A 232 -46.47 -3.78 0.35
CA LEU A 232 -47.01 -4.71 -0.61
C LEU A 232 -48.44 -4.36 -0.94
N HIS A 233 -48.96 -4.96 -2.02
CA HIS A 233 -50.34 -4.86 -2.38
C HIS A 233 -51.04 -6.17 -2.09
N ALA A 234 -52.28 -6.09 -1.64
CA ALA A 234 -53.06 -7.30 -1.42
C ALA A 234 -54.55 -7.02 -1.56
N PRO A 235 -55.33 -8.07 -1.86
CA PRO A 235 -56.79 -7.91 -1.83
C PRO A 235 -57.28 -7.58 -0.44
N LYS A 236 -58.23 -6.67 -0.34
CA LYS A 236 -58.80 -6.25 0.95
C LYS A 236 -59.26 -7.43 1.77
N GLU A 237 -59.85 -8.42 1.10
CA GLU A 237 -60.36 -9.60 1.78
C GLU A 237 -59.26 -10.45 2.43
N LYS A 238 -58.02 -10.25 2.01
CA LYS A 238 -56.89 -10.99 2.56
C LYS A 238 -56.18 -10.34 3.77
N LEU A 239 -56.68 -9.20 4.24
CA LEU A 239 -55.95 -8.38 5.21
C LEU A 239 -55.64 -9.13 6.50
N ASP A 240 -56.63 -9.86 7.00
CA ASP A 240 -56.46 -10.60 8.23
C ASP A 240 -55.40 -11.69 8.09
N LYS A 241 -55.41 -12.41 6.97
CA LYS A 241 -54.43 -13.47 6.79
C LYS A 241 -53.02 -12.87 6.66
N ILE A 242 -52.91 -11.79 5.90
CA ILE A 242 -51.60 -11.17 5.68
C ILE A 242 -51.07 -10.56 6.99
N GLN A 243 -51.96 -9.92 7.75
CA GLN A 243 -51.61 -9.43 9.09
C GLN A 243 -51.13 -10.53 10.03
N ALA A 244 -51.74 -11.72 9.95
CA ALA A 244 -51.28 -12.85 10.75
C ALA A 244 -49.83 -13.26 10.37
N LEU A 245 -49.49 -13.22 9.09
CA LEU A 245 -48.15 -13.61 8.63
C LEU A 245 -47.10 -12.54 8.88
N LEU A 246 -47.51 -11.28 8.74
CA LEU A 246 -46.61 -10.13 8.82
C LEU A 246 -47.31 -9.04 9.63
N PRO A 247 -47.15 -9.07 10.96
CA PRO A 247 -48.00 -8.22 11.82
C PRO A 247 -47.60 -6.77 11.94
N GLY A 248 -46.38 -6.42 11.53
CA GLY A 248 -45.84 -5.10 11.80
C GLY A 248 -45.34 -5.00 13.23
N VAL A 249 -44.78 -3.85 13.60
CA VAL A 249 -44.32 -3.64 14.96
C VAL A 249 -45.51 -3.34 15.86
N GLU A 250 -46.59 -2.82 15.31
CA GLU A 250 -47.87 -2.72 16.06
C GLU A 250 -48.99 -3.32 15.24
N ARG A 251 -49.27 -2.74 14.07
CA ARG A 251 -50.25 -3.29 13.17
C ARG A 251 -50.06 -2.68 11.79
N PRO A 252 -50.48 -3.39 10.74
CA PRO A 252 -50.19 -2.86 9.40
C PRO A 252 -50.85 -1.51 9.13
N THR A 253 -50.14 -0.66 8.41
CA THR A 253 -50.72 0.53 7.84
C THR A 253 -51.48 0.09 6.58
N ILE A 254 -52.69 0.64 6.39
CA ILE A 254 -53.53 0.26 5.25
C ILE A 254 -53.76 1.50 4.42
N LEU A 255 -53.38 1.43 3.14
CA LEU A 255 -53.39 2.57 2.25
C LEU A 255 -54.17 2.27 0.95
N PRO A 256 -55.06 3.20 0.54
CA PRO A 256 -55.82 3.02 -0.69
C PRO A 256 -54.95 3.07 -1.92
N LEU A 257 -55.40 2.40 -2.98
CA LEU A 257 -54.76 2.44 -4.28
C LEU A 257 -55.68 3.15 -5.27
N ALA A 258 -55.07 3.89 -6.19
CA ALA A 258 -55.82 4.71 -7.13
C ALA A 258 -56.87 3.88 -7.92
N HIS A 259 -58.13 4.33 -7.86
CA HIS A 259 -59.23 3.76 -8.64
C HIS A 259 -59.41 2.27 -8.39
N ASP A 260 -59.15 1.84 -7.17
CA ASP A 260 -59.18 0.42 -6.84
C ASP A 260 -59.92 0.27 -5.55
N GLU A 261 -61.05 -0.43 -5.58
CA GLU A 261 -61.81 -0.71 -4.38
C GLU A 261 -61.57 -2.12 -3.85
N LYS A 262 -60.87 -2.96 -4.61
CA LYS A 262 -60.65 -4.37 -4.26
C LYS A 262 -59.33 -4.62 -3.52
N ASN A 263 -58.31 -3.80 -3.77
CA ASN A 263 -56.96 -4.04 -3.23
C ASN A 263 -56.48 -2.82 -2.48
N VAL A 264 -55.55 -3.05 -1.56
CA VAL A 264 -54.91 -1.98 -0.81
C VAL A 264 -53.41 -2.19 -0.80
N ALA A 265 -52.66 -1.15 -0.46
CA ALA A 265 -51.30 -1.32 -0.01
C ALA A 265 -51.28 -1.56 1.49
N LEU A 266 -50.38 -2.43 1.95
CA LEU A 266 -50.17 -2.67 3.37
C LEU A 266 -48.70 -2.44 3.65
N HIS A 267 -48.40 -1.73 4.74
CA HIS A 267 -47.01 -1.50 5.13
C HIS A 267 -46.79 -2.05 6.54
N MET A 268 -45.67 -2.75 6.73
CA MET A 268 -45.31 -3.33 8.02
C MET A 268 -43.80 -3.27 8.21
N VAL A 269 -43.36 -2.92 9.40
CA VAL A 269 -41.99 -3.12 9.80
C VAL A 269 -41.80 -4.62 10.09
N SER A 270 -40.68 -5.18 9.64
CA SER A 270 -40.36 -6.57 9.91
C SER A 270 -38.87 -6.76 10.04
N LYS A 271 -38.45 -7.65 10.93
CA LYS A 271 -37.07 -8.18 10.88
C LYS A 271 -36.90 -8.77 9.49
N GLU A 272 -35.76 -8.54 8.85
CA GLU A 272 -35.64 -8.95 7.46
C GLU A 272 -35.71 -10.49 7.29
N ASN A 273 -35.06 -11.23 8.16
CA ASN A 273 -35.03 -12.70 7.98
C ASN A 273 -36.41 -13.31 8.18
N LEU A 274 -37.18 -12.80 9.14
CA LEU A 274 -38.59 -13.19 9.28
C LEU A 274 -39.39 -12.88 8.02
N PHE A 275 -39.15 -11.72 7.42
CA PHE A 275 -39.81 -11.39 6.17
C PHE A 275 -39.57 -12.46 5.11
N TRP A 276 -38.30 -12.77 4.86
CA TRP A 276 -37.96 -13.76 3.84
C TRP A 276 -38.57 -15.13 4.15
N GLU A 277 -38.64 -15.49 5.42
CA GLU A 277 -39.25 -16.74 5.83
C GLU A 277 -40.75 -16.82 5.54
N THR A 278 -41.43 -15.68 5.46
CA THR A 278 -42.86 -15.70 5.18
C THR A 278 -43.23 -15.20 3.78
N MET A 279 -42.25 -14.84 2.97
CA MET A 279 -42.53 -14.20 1.70
C MET A 279 -43.36 -15.08 0.76
N GLU A 280 -43.08 -16.38 0.69
CA GLU A 280 -43.88 -17.25 -0.17
C GLU A 280 -45.31 -17.41 0.28
N ALA A 281 -45.52 -17.51 1.58
CA ALA A 281 -46.87 -17.56 2.12
C ALA A 281 -47.62 -16.25 1.80
N LEU A 282 -46.90 -15.14 1.83
CA LEU A 282 -47.52 -13.85 1.46
C LEU A 282 -47.99 -13.91 0.01
N LYS A 283 -47.14 -14.41 -0.87
CA LYS A 283 -47.55 -14.54 -2.28
C LYS A 283 -48.71 -15.50 -2.47
N GLU A 284 -48.69 -16.61 -1.73
CA GLU A 284 -49.83 -17.54 -1.75
C GLU A 284 -51.15 -16.87 -1.35
N GLU A 285 -51.08 -15.93 -0.41
CA GLU A 285 -52.26 -15.16 0.00
C GLU A 285 -52.58 -13.94 -0.87
N GLY A 286 -51.94 -13.84 -2.03
CA GLY A 286 -52.27 -12.78 -2.98
C GLY A 286 -51.43 -11.50 -2.93
N ALA A 287 -50.35 -11.48 -2.16
CA ALA A 287 -49.51 -10.27 -2.08
C ALA A 287 -48.75 -10.10 -3.38
N SER A 288 -48.58 -8.85 -3.83
CA SER A 288 -47.79 -8.54 -5.01
C SER A 288 -47.04 -7.20 -4.82
N SER A 289 -46.12 -6.93 -5.72
CA SER A 289 -45.30 -5.70 -5.69
C SER A 289 -44.72 -5.46 -4.30
N ILE A 290 -44.03 -6.47 -3.80
CA ILE A 290 -43.51 -6.44 -2.45
C ILE A 290 -42.18 -5.72 -2.45
N LEU A 291 -42.06 -4.69 -1.63
CA LEU A 291 -40.85 -3.88 -1.53
C LEU A 291 -40.23 -4.01 -0.14
N VAL A 292 -38.90 -3.94 -0.12
CA VAL A 292 -38.13 -3.92 1.10
C VAL A 292 -37.35 -2.60 1.11
N LEU A 293 -37.66 -1.74 2.06
CA LEU A 293 -36.96 -0.46 2.25
C LEU A 293 -36.18 -0.45 3.55
N PRO A 294 -35.07 0.31 3.59
CA PRO A 294 -34.27 0.40 4.81
C PRO A 294 -34.94 1.21 5.88
N ILE A 295 -34.58 0.95 7.13
CA ILE A 295 -34.94 1.82 8.25
C ILE A 295 -33.62 2.17 8.95
N GLU A 296 -33.35 3.45 9.13
CA GLU A 296 -32.10 3.89 9.74
C GLU A 296 -32.18 3.98 11.26
N LYS A 297 -33.31 4.42 11.79
CA LYS A 297 -33.54 4.43 13.22
C LYS A 297 -34.97 4.05 13.52
N MET A 298 -35.16 3.40 14.66
CA MET A 298 -36.48 3.09 15.15
C MET A 298 -36.55 3.35 16.65
N LEU A 299 -37.59 4.04 17.08
CA LEU A 299 -37.89 4.22 18.49
C LEU A 299 -39.28 3.62 18.79
N LYS A 300 -39.33 2.73 19.77
N LYS A 300 -39.34 2.74 19.78
CA LYS A 300 -40.55 1.93 20.04
CA LYS A 300 -40.56 1.99 20.09
C LYS A 300 -41.60 2.80 20.74
C LYS A 300 -41.54 2.90 20.81
N ASN B 5 18.71 27.37 12.83
CA ASN B 5 19.96 28.04 12.36
C ASN B 5 21.25 27.67 13.12
N THR B 6 21.19 26.88 14.19
CA THR B 6 22.42 26.31 14.76
C THR B 6 23.11 25.35 13.75
N ARG B 7 22.30 24.55 13.06
CA ARG B 7 22.79 23.42 12.28
C ARG B 7 22.67 23.70 10.79
N LEU B 8 23.58 23.10 10.02
CA LEU B 8 23.53 23.20 8.57
C LEU B 8 22.22 22.61 8.04
N ARG B 9 21.57 23.29 7.10
CA ARG B 9 20.27 22.86 6.61
C ARG B 9 20.31 22.52 5.14
N ILE B 10 19.88 21.30 4.81
CA ILE B 10 19.89 20.79 3.44
C ILE B 10 18.50 20.41 3.01
N ALA B 11 18.04 20.99 1.92
CA ALA B 11 16.72 20.67 1.36
C ALA B 11 16.89 19.62 0.27
N ILE B 12 16.08 18.56 0.36
CA ILE B 12 16.03 17.54 -0.67
C ILE B 12 14.57 17.27 -1.07
N GLN B 13 14.41 16.66 -2.24
CA GLN B 13 13.09 16.34 -2.75
C GLN B 13 12.38 15.35 -1.86
N LYS B 14 11.07 15.52 -1.77
CA LYS B 14 10.21 14.68 -0.96
C LYS B 14 9.99 13.32 -1.62
N SER B 15 9.90 13.27 -2.95
CA SER B 15 9.67 12.00 -3.68
C SER B 15 10.39 11.93 -5.02
N GLY B 16 10.28 10.78 -5.68
CA GLY B 16 10.95 10.56 -6.97
C GLY B 16 12.27 9.82 -6.79
N ARG B 17 12.80 9.29 -7.89
CA ARG B 17 14.09 8.59 -7.87
C ARG B 17 15.17 9.57 -7.39
N LEU B 18 14.99 10.84 -7.73
CA LEU B 18 15.92 11.87 -7.31
C LEU B 18 16.03 11.95 -5.80
N SER B 19 14.90 11.88 -5.11
CA SER B 19 14.87 11.84 -3.65
C SER B 19 15.68 10.68 -3.05
N LYS B 20 15.52 9.48 -3.60
CA LYS B 20 16.26 8.30 -3.09
C LYS B 20 17.77 8.46 -3.31
N GLU B 21 18.14 8.91 -4.49
CA GLU B 21 19.56 9.11 -4.82
C GLU B 21 20.19 10.21 -3.97
N SER B 22 19.39 11.20 -3.58
CA SER B 22 19.88 12.28 -2.72
C SER B 22 20.21 11.76 -1.34
N ILE B 23 19.29 10.96 -0.80
CA ILE B 23 19.49 10.34 0.50
C ILE B 23 20.74 9.44 0.48
N GLU B 24 20.88 8.66 -0.58
CA GLU B 24 22.02 7.73 -0.74
C GLU B 24 23.34 8.49 -0.80
N LEU B 25 23.36 9.59 -1.57
CA LEU B 25 24.55 10.42 -1.63
C LEU B 25 24.95 10.96 -0.25
N LEU B 26 23.98 11.51 0.48
CA LEU B 26 24.27 12.02 1.80
C LEU B 26 24.80 10.92 2.72
N SER B 27 24.19 9.75 2.65
CA SER B 27 24.65 8.62 3.44
C SER B 27 26.10 8.25 3.10
N GLU B 28 26.42 8.16 1.82
CA GLU B 28 27.81 7.90 1.38
C GLU B 28 28.79 9.01 1.76
N CYS B 29 28.28 10.22 1.99
CA CYS B 29 29.11 11.31 2.48
C CYS B 29 29.20 11.36 4.00
N GLY B 30 28.71 10.32 4.68
CA GLY B 30 28.87 10.19 6.13
C GLY B 30 27.78 10.86 6.98
N VAL B 31 26.65 11.20 6.35
CA VAL B 31 25.52 11.76 7.09
C VAL B 31 24.60 10.63 7.49
N LYS B 32 24.61 10.27 8.77
CA LYS B 32 23.65 9.30 9.31
C LYS B 32 22.34 9.98 9.64
N MET B 33 21.26 9.34 9.23
CA MET B 33 19.93 9.86 9.49
C MET B 33 18.94 8.71 9.31
N HIS B 34 17.78 8.84 9.94
CA HIS B 34 16.65 7.93 9.75
C HIS B 34 15.46 8.78 9.25
N ILE B 35 15.21 8.74 7.95
CA ILE B 35 14.08 9.45 7.36
C ILE B 35 12.87 8.51 7.30
N HIS B 36 12.00 8.58 8.31
CA HIS B 36 10.67 7.93 8.23
C HIS B 36 9.89 8.51 7.02
N GLU B 37 9.06 7.68 6.41
CA GLU B 37 8.28 8.07 5.22
C GLU B 37 7.53 9.39 5.42
N GLN B 38 7.03 9.61 6.64
CA GLN B 38 6.23 10.78 6.95
C GLN B 38 7.09 11.97 7.36
N SER B 39 8.26 11.73 7.95
CA SER B 39 9.03 12.81 8.56
C SER B 39 9.47 13.85 7.52
N LEU B 40 9.12 15.12 7.76
CA LEU B 40 9.45 16.23 6.85
C LEU B 40 10.71 16.98 7.25
N ILE B 41 11.03 16.98 8.54
CA ILE B 41 12.33 17.44 9.02
C ILE B 41 13.01 16.27 9.66
N ALA B 42 14.21 15.96 9.21
CA ALA B 42 15.01 14.94 9.83
C ALA B 42 16.27 15.58 10.40
N PHE B 43 16.77 15.01 11.49
CA PHE B 43 17.99 15.48 12.11
C PHE B 43 19.05 14.39 12.00
N SER B 44 20.19 14.71 11.40
CA SER B 44 21.29 13.77 11.39
C SER B 44 21.69 13.42 12.83
N THR B 45 21.98 12.14 13.07
CA THR B 45 22.31 11.67 14.41
C THR B 45 23.80 11.78 14.72
N ASN B 46 24.64 11.97 13.70
CA ASN B 46 26.09 12.08 13.93
C ASN B 46 26.72 13.42 13.54
N LEU B 47 26.01 14.24 12.78
CA LEU B 47 26.51 15.54 12.35
C LEU B 47 25.47 16.63 12.63
N PRO B 48 25.94 17.88 12.83
CA PRO B 48 25.01 18.98 13.01
C PRO B 48 24.36 19.42 11.69
N ILE B 49 23.47 18.58 11.19
CA ILE B 49 22.82 18.76 9.88
C ILE B 49 21.34 18.43 10.03
N ASP B 50 20.48 19.30 9.48
CA ASP B 50 19.06 19.03 9.36
C ASP B 50 18.71 18.87 7.90
N ILE B 51 17.88 17.88 7.61
CA ILE B 51 17.47 17.56 6.26
C ILE B 51 15.98 17.90 6.17
N LEU B 52 15.64 18.78 5.23
CA LEU B 52 14.25 19.15 4.99
C LEU B 52 13.78 18.52 3.70
N ARG B 53 12.70 17.73 3.79
CA ARG B 53 12.14 17.07 2.63
C ARG B 53 11.02 17.96 2.12
N VAL B 54 11.15 18.45 0.90
N VAL B 54 11.17 18.44 0.88
CA VAL B 54 10.17 19.37 0.36
CA VAL B 54 10.29 19.42 0.31
C VAL B 54 9.93 19.08 -1.11
C VAL B 54 9.95 19.06 -1.12
N ARG B 55 8.79 19.54 -1.61
CA ARG B 55 8.44 19.37 -2.99
C ARG B 55 9.51 20.05 -3.87
N ASP B 56 9.92 19.36 -4.92
CA ASP B 56 11.03 19.83 -5.75
C ASP B 56 10.90 21.30 -6.19
N ASP B 57 9.68 21.67 -6.60
CA ASP B 57 9.41 23.01 -7.14
C ASP B 57 9.56 24.12 -6.12
N ASP B 58 9.51 23.77 -4.83
CA ASP B 58 9.72 24.72 -3.77
C ASP B 58 11.18 24.94 -3.38
N ILE B 59 12.08 24.02 -3.74
CA ILE B 59 13.46 24.09 -3.25
C ILE B 59 14.22 25.34 -3.75
N PRO B 60 14.19 25.63 -5.05
CA PRO B 60 14.92 26.81 -5.52
C PRO B 60 14.63 28.08 -4.73
N GLY B 61 13.34 28.38 -4.50
CA GLY B 61 12.93 29.56 -3.75
C GLY B 61 13.49 29.62 -2.35
N LEU B 62 13.59 28.49 -1.69
CA LEU B 62 14.16 28.45 -0.35
C LEU B 62 15.66 28.79 -0.37
N ILE B 63 16.34 28.33 -1.41
CA ILE B 63 17.75 28.66 -1.59
C ILE B 63 17.89 30.15 -1.98
N PHE B 64 17.09 30.62 -2.92
CA PHE B 64 17.14 32.02 -3.34
C PHE B 64 16.97 32.96 -2.13
N ASP B 65 16.06 32.61 -1.24
CA ASP B 65 15.74 33.46 -0.08
C ASP B 65 16.64 33.21 1.08
N GLY B 66 17.52 32.23 0.95
CA GLY B 66 18.54 31.99 1.96
C GLY B 66 18.04 31.35 3.24
N VAL B 67 16.87 30.73 3.21
CA VAL B 67 16.31 30.11 4.44
C VAL B 67 16.68 28.63 4.63
N VAL B 68 17.28 28.03 3.61
CA VAL B 68 18.05 26.79 3.78
C VAL B 68 19.45 27.04 3.19
N ASP B 69 20.41 26.23 3.59
CA ASP B 69 21.82 26.46 3.23
C ASP B 69 22.19 25.76 1.93
N LEU B 70 21.79 24.49 1.81
CA LEU B 70 22.10 23.67 0.65
C LEU B 70 20.83 23.05 0.09
N GLY B 71 20.87 22.69 -1.18
CA GLY B 71 19.77 22.01 -1.84
C GLY B 71 20.27 21.05 -2.89
N ILE B 72 19.57 19.93 -3.05
CA ILE B 72 19.78 19.05 -4.18
C ILE B 72 18.52 19.09 -5.03
N ILE B 73 18.70 19.48 -6.27
CA ILE B 73 17.54 19.75 -7.14
C ILE B 73 17.93 19.57 -8.60
N GLY B 74 16.97 19.20 -9.45
CA GLY B 74 17.23 19.15 -10.87
C GLY B 74 17.50 20.54 -11.45
N GLU B 75 18.46 20.63 -12.37
CA GLU B 75 18.72 21.88 -13.09
C GLU B 75 17.47 22.46 -13.72
N ASN B 76 16.62 21.61 -14.29
CA ASN B 76 15.38 22.08 -14.91
C ASN B 76 14.47 22.86 -13.95
N VAL B 77 14.31 22.33 -12.73
CA VAL B 77 13.47 22.95 -11.73
C VAL B 77 14.10 24.25 -11.24
N LEU B 78 15.41 24.21 -11.05
CA LEU B 78 16.16 25.38 -10.64
C LEU B 78 16.00 26.53 -11.64
N GLU B 79 16.20 26.22 -12.92
CA GLU B 79 16.18 27.27 -13.96
C GLU B 79 14.76 27.75 -14.24
N GLU B 80 13.80 26.84 -14.19
CA GLU B 80 12.40 27.24 -14.31
C GLU B 80 12.07 28.30 -13.28
N ASN B 81 12.45 28.05 -12.04
CA ASN B 81 12.15 28.98 -10.95
C ASN B 81 12.97 30.25 -10.99
N GLU B 82 14.22 30.15 -11.42
CA GLU B 82 15.06 31.30 -11.65
C GLU B 82 14.40 32.24 -12.67
N LEU B 83 13.98 31.69 -13.80
CA LEU B 83 13.28 32.47 -14.81
C LEU B 83 11.99 33.08 -14.25
N GLU B 84 11.22 32.32 -13.47
CA GLU B 84 10.00 32.87 -12.91
C GLU B 84 10.29 34.08 -12.02
N ARG B 85 11.27 33.95 -11.13
CA ARG B 85 11.61 35.02 -10.23
C ARG B 85 12.14 36.25 -10.99
N GLN B 86 12.98 36.01 -11.99
CA GLN B 86 13.47 37.10 -12.85
C GLN B 86 12.34 37.82 -13.57
N SER B 87 11.34 37.07 -14.03
CA SER B 87 10.17 37.68 -14.68
C SER B 87 9.37 38.60 -13.73
N LEU B 88 9.47 38.37 -12.43
CA LEU B 88 8.82 39.22 -11.44
C LEU B 88 9.71 40.35 -10.95
N GLY B 89 10.86 40.54 -11.59
CA GLY B 89 11.76 41.61 -11.20
C GLY B 89 12.75 41.28 -10.11
N GLU B 90 12.85 40.01 -9.71
CA GLU B 90 13.83 39.65 -8.67
C GLU B 90 15.18 39.26 -9.31
N ASN B 91 16.21 39.17 -8.46
CA ASN B 91 17.55 38.79 -8.90
C ASN B 91 17.96 37.55 -8.09
N PRO B 92 17.32 36.40 -8.33
CA PRO B 92 17.67 35.22 -7.56
C PRO B 92 19.13 34.84 -7.79
N SER B 93 19.83 34.45 -6.74
CA SER B 93 21.17 33.93 -6.92
C SER B 93 21.42 32.78 -5.95
N TYR B 94 22.50 32.05 -6.27
CA TYR B 94 22.90 30.88 -5.55
C TYR B 94 24.29 30.51 -6.02
N LYS B 95 24.92 29.60 -5.31
CA LYS B 95 26.20 29.04 -5.69
C LYS B 95 25.99 27.62 -6.19
N LEU B 96 26.52 27.30 -7.37
CA LEU B 96 26.50 25.93 -7.85
C LEU B 96 27.72 25.23 -7.31
N LEU B 97 27.50 24.22 -6.48
CA LEU B 97 28.59 23.49 -5.87
C LEU B 97 29.02 22.31 -6.71
N LYS B 98 28.08 21.58 -7.28
CA LYS B 98 28.42 20.39 -8.06
C LYS B 98 27.29 19.93 -8.93
N LYS B 99 27.60 19.63 -10.19
CA LYS B 99 26.67 18.93 -11.06
C LYS B 99 26.83 17.46 -10.76
N LEU B 100 25.74 16.80 -10.42
CA LEU B 100 25.82 15.46 -9.87
C LEU B 100 25.57 14.44 -10.98
N ASP B 101 25.70 13.17 -10.64
CA ASP B 101 25.67 12.09 -11.66
C ASP B 101 24.38 11.27 -11.65
N PHE B 102 23.27 11.91 -11.27
CA PHE B 102 21.97 11.29 -11.37
C PHE B 102 20.94 12.37 -11.70
N GLY B 103 19.69 11.94 -11.89
CA GLY B 103 18.60 12.83 -12.23
C GLY B 103 18.61 13.28 -13.68
N TYR B 104 19.28 12.52 -14.55
CA TYR B 104 19.39 12.90 -15.95
C TYR B 104 18.02 12.87 -16.64
N CYS B 105 17.69 13.93 -17.36
CA CYS B 105 16.49 13.96 -18.17
C CYS B 105 16.59 15.06 -19.20
N ARG B 106 15.72 14.98 -20.20
CA ARG B 106 15.65 15.95 -21.28
C ARG B 106 14.26 16.56 -21.19
N LEU B 107 14.16 17.87 -21.28
CA LEU B 107 12.88 18.52 -21.48
C LEU B 107 12.68 18.66 -22.99
N SER B 108 11.66 17.99 -23.52
CA SER B 108 11.44 17.89 -24.95
C SER B 108 10.02 18.21 -25.39
N LEU B 109 9.91 18.83 -26.56
CA LEU B 109 8.65 18.94 -27.29
C LEU B 109 8.28 17.62 -27.95
N ALA B 110 7.02 17.23 -27.82
CA ALA B 110 6.55 15.96 -28.33
C ALA B 110 5.13 16.13 -28.89
N LEU B 111 4.81 15.29 -29.86
CA LEU B 111 3.58 15.36 -30.64
C LEU B 111 3.01 13.97 -30.79
N PRO B 112 1.70 13.85 -31.02
CA PRO B 112 1.15 12.52 -31.32
C PRO B 112 1.84 11.89 -32.54
N GLN B 113 2.06 10.58 -32.53
CA GLN B 113 2.82 9.91 -33.59
C GLN B 113 1.96 9.83 -34.84
N LEU B 120 9.75 21.28 -36.20
CA LEU B 120 9.51 22.27 -35.16
C LEU B 120 8.55 23.40 -35.57
N LYS B 121 8.57 23.81 -36.83
CA LYS B 121 7.62 24.85 -37.33
C LYS B 121 6.17 24.42 -37.21
N ASP B 122 5.96 23.11 -37.19
CA ASP B 122 4.65 22.55 -37.02
C ASP B 122 4.07 22.82 -35.64
N PHE B 123 4.80 23.47 -34.72
CA PHE B 123 4.25 23.86 -33.42
C PHE B 123 3.60 25.24 -33.46
N GLU B 124 3.78 25.97 -34.56
CA GLU B 124 3.18 27.30 -34.71
C GLU B 124 1.68 27.25 -34.44
N GLY B 125 1.23 28.07 -33.50
CA GLY B 125 -0.18 28.16 -33.15
C GLY B 125 -0.77 27.01 -32.34
N LEU B 126 0.04 26.01 -31.97
CA LEU B 126 -0.49 24.88 -31.18
C LEU B 126 -0.67 25.23 -29.70
N ARG B 127 -1.65 24.57 -29.06
CA ARG B 127 -1.71 24.53 -27.60
C ARG B 127 -0.69 23.50 -27.13
N ILE B 128 0.23 23.91 -26.26
CA ILE B 128 1.28 23.03 -25.76
C ILE B 128 1.17 22.94 -24.24
N ALA B 129 0.92 21.73 -23.75
CA ALA B 129 0.83 21.48 -22.31
C ALA B 129 2.23 21.25 -21.71
N THR B 130 2.49 21.86 -20.56
CA THR B 130 3.77 21.69 -19.88
C THR B 130 3.66 22.01 -18.39
N SER B 131 4.58 21.45 -17.61
CA SER B 131 4.77 21.87 -16.21
C SER B 131 5.87 22.91 -16.11
N TYR B 132 6.54 23.24 -17.21
CA TYR B 132 7.70 24.14 -17.22
C TYR B 132 7.47 25.33 -18.17
N PRO B 133 6.48 26.16 -17.84
CA PRO B 133 6.06 27.18 -18.81
C PRO B 133 7.14 28.22 -19.09
N GLN B 134 7.98 28.55 -18.11
CA GLN B 134 9.06 29.51 -18.33
C GLN B 134 10.13 28.98 -19.28
N LEU B 135 10.56 27.72 -19.07
CA LEU B 135 11.53 27.11 -19.98
C LEU B 135 10.98 27.01 -21.38
N LEU B 136 9.72 26.62 -21.52
CA LEU B 136 9.09 26.53 -22.83
C LEU B 136 9.01 27.92 -23.49
N LYS B 137 8.50 28.90 -22.73
CA LYS B 137 8.36 30.25 -23.25
C LYS B 137 9.66 30.79 -23.80
N ARG B 138 10.73 30.65 -23.03
CA ARG B 138 12.02 31.16 -23.47
C ARG B 138 12.44 30.52 -24.78
N PHE B 139 12.31 29.22 -24.89
CA PHE B 139 12.72 28.52 -26.09
C PHE B 139 11.92 28.94 -27.31
N MET B 140 10.60 29.06 -27.15
CA MET B 140 9.73 29.42 -28.27
C MET B 140 9.96 30.87 -28.70
N LYS B 141 10.13 31.76 -27.73
CA LYS B 141 10.50 33.16 -28.03
C LYS B 141 11.79 33.21 -28.83
N GLU B 142 12.83 32.54 -28.32
CA GLU B 142 14.12 32.45 -29.02
C GLU B 142 14.03 31.93 -30.43
N ASN B 143 13.09 31.04 -30.70
CA ASN B 143 12.92 30.49 -32.06
C ASN B 143 11.76 31.15 -32.82
N GLY B 144 11.18 32.19 -32.26
CA GLY B 144 10.08 32.93 -32.91
C GLY B 144 8.85 32.13 -33.27
N ILE B 145 8.48 31.18 -32.41
CA ILE B 145 7.31 30.34 -32.65
C ILE B 145 6.18 30.79 -31.71
N ASN B 146 5.05 31.16 -32.28
CA ASN B 146 3.85 31.47 -31.50
C ASN B 146 3.14 30.18 -31.10
N TYR B 147 2.58 30.17 -29.89
CA TYR B 147 1.90 28.98 -29.38
C TYR B 147 0.98 29.41 -28.24
N LYS B 148 0.09 28.51 -27.81
CA LYS B 148 -0.75 28.75 -26.65
C LYS B 148 -0.30 27.83 -25.50
N ASN B 149 0.03 28.43 -24.37
CA ASN B 149 0.50 27.67 -23.22
C ASN B 149 -0.65 27.00 -22.49
N CYS B 150 -0.45 25.76 -22.07
CA CYS B 150 -1.35 25.12 -21.14
C CYS B 150 -0.53 24.55 -19.97
N THR B 151 -0.67 25.15 -18.79
CA THR B 151 0.09 24.69 -17.63
C THR B 151 -0.66 23.55 -16.93
N LEU B 152 0.01 22.41 -16.84
CA LEU B 152 -0.48 21.26 -16.12
C LEU B 152 0.61 20.81 -15.15
N THR B 153 0.20 20.44 -13.93
CA THR B 153 1.12 20.15 -12.84
C THR B 153 1.60 18.72 -12.88
N GLY B 154 0.85 17.86 -13.53
CA GLY B 154 1.21 16.45 -13.64
C GLY B 154 0.49 15.78 -14.77
N SER B 155 0.90 14.55 -15.07
CA SER B 155 0.32 13.75 -16.16
C SER B 155 0.21 14.52 -17.47
N VAL B 156 1.24 15.29 -17.77
CA VAL B 156 1.25 16.10 -18.96
C VAL B 156 1.10 15.22 -20.20
N GLU B 157 1.64 14.00 -20.16
CA GLU B 157 1.61 13.11 -21.31
C GLU B 157 0.22 12.72 -21.81
N VAL B 158 -0.79 12.88 -20.95
CA VAL B 158 -2.16 12.54 -21.32
C VAL B 158 -2.91 13.71 -21.98
N ALA B 159 -2.32 14.89 -21.99
CA ALA B 159 -3.03 16.06 -22.47
C ALA B 159 -3.53 15.97 -23.92
N PRO B 160 -2.72 15.46 -24.85
CA PRO B 160 -3.20 15.38 -26.24
C PRO B 160 -4.38 14.44 -26.38
N ARG B 161 -4.27 13.26 -25.80
CA ARG B 161 -5.38 12.31 -25.82
C ARG B 161 -6.61 12.87 -25.13
N ALA B 162 -6.41 13.61 -24.05
CA ALA B 162 -7.51 14.22 -23.31
C ALA B 162 -8.07 15.47 -24.00
N ASN B 163 -7.46 15.86 -25.12
CA ASN B 163 -7.84 17.06 -25.88
C ASN B 163 -7.68 18.32 -25.08
N LEU B 164 -6.67 18.35 -24.22
CA LEU B 164 -6.35 19.56 -23.48
C LEU B 164 -5.31 20.38 -24.22
N ALA B 165 -4.61 19.75 -25.16
CA ALA B 165 -3.56 20.42 -25.91
C ALA B 165 -3.24 19.61 -27.16
N ASP B 166 -2.54 20.24 -28.09
CA ASP B 166 -2.14 19.58 -29.34
C ASP B 166 -0.80 18.85 -29.17
N ALA B 167 -0.01 19.30 -28.20
CA ALA B 167 1.35 18.82 -28.02
C ALA B 167 1.78 19.03 -26.59
N ILE B 168 2.97 18.54 -26.25
CA ILE B 168 3.49 18.74 -24.90
C ILE B 168 4.95 19.11 -24.92
N CYS B 169 5.37 19.67 -23.80
CA CYS B 169 6.78 19.86 -23.49
C CYS B 169 6.99 19.25 -22.11
N ASP B 170 7.65 18.08 -22.04
CA ASP B 170 7.79 17.35 -20.77
C ASP B 170 9.12 16.61 -20.70
N LEU B 171 9.42 16.13 -19.49
CA LEU B 171 10.69 15.47 -19.22
C LEU B 171 10.68 14.06 -19.75
N VAL B 172 11.82 13.67 -20.33
CA VAL B 172 12.02 12.35 -20.86
C VAL B 172 13.30 11.80 -20.28
N SER B 173 13.26 10.55 -19.85
CA SER B 173 14.49 9.85 -19.43
C SER B 173 14.68 8.67 -20.35
N SER B 174 13.87 7.62 -20.19
CA SER B 174 13.98 6.43 -21.06
C SER B 174 13.17 6.53 -22.34
N GLY B 175 12.14 7.40 -22.35
CA GLY B 175 11.26 7.49 -23.51
C GLY B 175 10.04 6.59 -23.43
N ALA B 176 9.95 5.76 -22.38
CA ALA B 176 8.85 4.80 -22.28
C ALA B 176 7.49 5.50 -22.16
N THR B 177 7.44 6.58 -21.39
CA THR B 177 6.18 7.28 -21.14
C THR B 177 5.63 7.93 -22.42
N LEU B 178 6.50 8.55 -23.21
CA LEU B 178 6.08 9.08 -24.52
C LEU B 178 5.53 7.96 -25.39
N GLN B 179 6.27 6.85 -25.51
CA GLN B 179 5.81 5.73 -26.35
C GLN B 179 4.49 5.16 -25.85
N ALA B 180 4.32 5.04 -24.53
CA ALA B 180 3.08 4.52 -23.97
C ALA B 180 1.88 5.38 -24.31
N ASN B 181 2.13 6.65 -24.63
CA ASN B 181 1.06 7.57 -24.93
C ASN B 181 1.04 7.98 -26.41
N ASN B 182 1.70 7.17 -27.24
CA ASN B 182 1.73 7.39 -28.69
C ASN B 182 2.27 8.76 -29.08
N LEU B 183 3.27 9.24 -28.33
CA LEU B 183 3.90 10.51 -28.59
C LEU B 183 5.30 10.30 -29.15
N LYS B 184 5.72 11.21 -30.02
CA LYS B 184 7.04 11.21 -30.64
C LYS B 184 7.83 12.38 -30.10
N GLU B 185 9.04 12.13 -29.62
CA GLU B 185 9.90 13.18 -29.12
C GLU B 185 10.50 13.88 -30.32
N VAL B 186 10.28 15.17 -30.44
CA VAL B 186 10.60 15.88 -31.67
C VAL B 186 11.74 16.87 -31.53
N LYS B 187 11.85 17.54 -30.40
CA LYS B 187 12.89 18.53 -30.18
C LYS B 187 13.25 18.65 -28.72
N VAL B 188 14.52 18.46 -28.40
CA VAL B 188 15.02 18.64 -27.04
C VAL B 188 15.26 20.13 -26.80
N ILE B 189 14.68 20.69 -25.74
CA ILE B 189 14.89 22.10 -25.44
C ILE B 189 15.77 22.38 -24.24
N TYR B 190 15.99 21.38 -23.40
CA TYR B 190 16.78 21.58 -22.18
C TYR B 190 17.25 20.22 -21.68
N GLU B 191 18.49 20.13 -21.23
CA GLU B 191 19.01 18.91 -20.64
C GLU B 191 19.40 19.17 -19.20
N SER B 192 19.09 18.20 -18.34
CA SER B 192 19.16 18.43 -16.91
C SER B 192 19.74 17.24 -16.19
N ARG B 193 20.38 17.54 -15.07
CA ARG B 193 20.74 16.54 -14.08
C ARG B 193 20.60 17.18 -12.71
N ALA B 194 20.65 16.35 -11.67
CA ALA B 194 20.65 16.87 -10.31
C ALA B 194 21.89 17.71 -10.04
N CYS B 195 21.69 18.75 -9.27
N CYS B 195 21.66 18.70 -9.19
CA CYS B 195 22.82 19.55 -8.80
CA CYS B 195 22.68 19.66 -8.77
C CYS B 195 22.77 19.86 -7.31
C CYS B 195 22.74 19.82 -7.25
N LEU B 196 23.93 20.08 -6.71
CA LEU B 196 24.03 20.50 -5.33
C LEU B 196 24.30 22.02 -5.36
N ILE B 197 23.42 22.79 -4.72
CA ILE B 197 23.53 24.25 -4.69
C ILE B 197 23.54 24.78 -3.28
N GLN B 198 24.03 26.00 -3.15
CA GLN B 198 24.18 26.67 -1.86
C GLN B 198 23.62 28.08 -1.95
N LYS B 199 23.08 28.58 -0.84
CA LYS B 199 22.55 29.93 -0.82
C LYS B 199 23.71 30.94 -1.06
N GLU B 200 23.35 32.11 -1.54
CA GLU B 200 24.35 33.12 -1.92
C GLU B 200 25.07 33.68 -0.71
N ASN B 201 24.32 34.07 0.32
CA ASN B 201 24.93 34.72 1.46
C ASN B 201 25.86 33.78 2.18
N ALA B 202 27.01 34.31 2.58
CA ALA B 202 28.06 33.51 3.21
C ALA B 202 27.55 32.80 4.45
N LEU B 203 28.01 31.57 4.65
CA LEU B 203 27.68 30.81 5.85
C LEU B 203 28.64 31.20 6.96
N SER B 204 28.29 30.83 8.19
CA SER B 204 29.25 30.88 9.30
C SER B 204 30.46 30.03 8.95
N LYS B 205 31.59 30.33 9.62
CA LYS B 205 32.83 29.59 9.38
C LYS B 205 32.66 28.11 9.66
N GLU B 206 31.93 27.77 10.73
CA GLU B 206 31.70 26.36 11.11
C GLU B 206 30.82 25.62 10.10
N LYS B 207 29.75 26.26 9.63
CA LYS B 207 28.92 25.65 8.59
C LYS B 207 29.66 25.49 7.27
N GLN B 208 30.40 26.51 6.86
CA GLN B 208 31.14 26.42 5.61
C GLN B 208 32.19 25.30 5.68
N ALA B 209 32.82 25.15 6.83
CA ALA B 209 33.82 24.10 7.04
C ALA B 209 33.18 22.70 6.89
N LEU B 210 31.94 22.55 7.35
CA LEU B 210 31.22 21.29 7.16
C LEU B 210 30.88 21.05 5.70
N VAL B 211 30.41 22.08 5.03
CA VAL B 211 30.15 21.99 3.60
C VAL B 211 31.43 21.54 2.88
N ASP B 212 32.56 22.16 3.21
CA ASP B 212 33.83 21.81 2.57
C ASP B 212 34.14 20.32 2.77
N LYS B 213 33.94 19.80 3.98
CA LYS B 213 34.15 18.37 4.27
C LYS B 213 33.26 17.48 3.45
N ILE B 214 31.98 17.85 3.36
CA ILE B 214 31.02 17.10 2.58
C ILE B 214 31.45 17.07 1.12
N MET B 215 31.87 18.22 0.61
CA MET B 215 32.25 18.34 -0.80
C MET B 215 33.45 17.47 -1.17
N LEU B 216 34.40 17.31 -0.27
CA LEU B 216 35.56 16.41 -0.52
C LEU B 216 35.05 14.98 -0.73
N ARG B 217 34.07 14.58 0.07
CA ARG B 217 33.45 13.26 -0.05
C ARG B 217 32.59 13.11 -1.29
N VAL B 218 31.82 14.13 -1.63
CA VAL B 218 31.02 14.10 -2.84
C VAL B 218 31.94 13.87 -4.04
N ALA B 219 33.07 14.56 -4.07
CA ALA B 219 34.02 14.39 -5.17
C ALA B 219 34.55 12.96 -5.21
N GLY B 220 34.83 12.41 -4.04
CA GLY B 220 35.28 11.03 -3.92
C GLY B 220 34.27 10.04 -4.52
N VAL B 221 32.99 10.25 -4.21
CA VAL B 221 31.94 9.38 -4.70
C VAL B 221 31.85 9.47 -6.20
N MET B 222 31.82 10.70 -6.72
N MET B 222 31.81 10.70 -6.72
CA MET B 222 31.62 10.89 -8.15
CA MET B 222 31.60 10.92 -8.13
C MET B 222 32.78 10.37 -8.97
C MET B 222 32.78 10.39 -8.97
N GLN B 223 33.99 10.58 -8.47
CA GLN B 223 35.19 10.12 -9.18
C GLN B 223 35.29 8.59 -9.24
N ALA B 224 34.69 7.90 -8.28
CA ALA B 224 34.70 6.43 -8.25
C ALA B 224 33.58 5.81 -9.07
N ARG B 225 32.55 6.58 -9.46
CA ARG B 225 31.36 6.01 -10.08
C ARG B 225 31.82 5.35 -11.39
N GLU B 226 31.42 4.12 -11.61
CA GLU B 226 31.78 3.37 -12.82
C GLU B 226 33.25 2.90 -12.88
N SER B 227 34.03 3.07 -11.82
CA SER B 227 35.39 2.55 -11.76
C SER B 227 35.44 1.35 -10.82
N LYS B 228 36.29 0.38 -11.16
CA LYS B 228 36.48 -0.80 -10.35
C LYS B 228 37.95 -1.09 -10.20
N TYR B 229 38.27 -1.89 -9.20
CA TYR B 229 39.64 -2.29 -8.93
C TYR B 229 39.82 -3.66 -9.53
N ILE B 230 40.68 -3.75 -10.55
CA ILE B 230 40.90 -4.97 -11.28
C ILE B 230 42.14 -5.64 -10.77
N MET B 231 42.06 -6.94 -10.54
CA MET B 231 43.23 -7.73 -10.16
C MET B 231 43.34 -8.90 -11.10
N LEU B 232 44.56 -9.31 -11.43
CA LEU B 232 44.74 -10.44 -12.31
C LEU B 232 46.15 -11.01 -12.15
N HIS B 233 46.34 -12.22 -12.67
CA HIS B 233 47.67 -12.85 -12.74
C HIS B 233 48.13 -12.82 -14.17
N ALA B 234 49.42 -12.59 -14.36
CA ALA B 234 50.02 -12.65 -15.70
C ALA B 234 51.49 -13.03 -15.63
N PRO B 235 52.01 -13.60 -16.73
CA PRO B 235 53.46 -13.81 -16.80
C PRO B 235 54.20 -12.48 -16.73
N LYS B 236 55.31 -12.47 -15.97
CA LYS B 236 56.13 -11.27 -15.85
C LYS B 236 56.51 -10.68 -17.19
N GLU B 237 56.81 -11.54 -18.14
CA GLU B 237 57.22 -11.08 -19.48
C GLU B 237 56.11 -10.33 -20.20
N LYS B 238 54.85 -10.51 -19.78
CA LYS B 238 53.72 -9.83 -20.42
C LYS B 238 53.34 -8.49 -19.79
N LEU B 239 54.10 -8.04 -18.78
CA LEU B 239 53.76 -6.81 -18.05
C LEU B 239 53.49 -5.64 -19.01
N ASP B 240 54.40 -5.43 -19.95
CA ASP B 240 54.27 -4.24 -20.80
C ASP B 240 53.06 -4.30 -21.73
N LYS B 241 52.75 -5.47 -22.28
CA LYS B 241 51.56 -5.62 -23.11
C LYS B 241 50.29 -5.42 -22.29
N ILE B 242 50.24 -5.99 -21.10
CA ILE B 242 49.06 -5.85 -20.25
C ILE B 242 48.89 -4.42 -19.78
N GLN B 243 49.98 -3.78 -19.37
CA GLN B 243 49.93 -2.37 -19.00
C GLN B 243 49.43 -1.48 -20.15
N ALA B 244 49.79 -1.81 -21.39
CA ALA B 244 49.29 -1.06 -22.55
C ALA B 244 47.78 -1.19 -22.69
N LEU B 245 47.24 -2.36 -22.38
CA LEU B 245 45.80 -2.58 -22.46
C LEU B 245 45.02 -2.02 -21.28
N LEU B 246 45.61 -2.12 -20.10
CA LEU B 246 44.95 -1.75 -18.86
C LEU B 246 45.96 -0.99 -18.00
N PRO B 247 46.03 0.34 -18.17
CA PRO B 247 47.15 1.09 -17.60
C PRO B 247 47.03 1.44 -16.14
N GLY B 248 45.82 1.34 -15.57
CA GLY B 248 45.59 1.84 -14.22
C GLY B 248 45.41 3.34 -14.25
N VAL B 249 45.14 3.94 -13.10
CA VAL B 249 44.94 5.38 -13.02
C VAL B 249 46.31 6.07 -13.03
N GLU B 250 47.36 5.36 -12.57
CA GLU B 250 48.72 5.84 -12.76
C GLU B 250 49.58 4.77 -13.40
N ARG B 251 49.74 3.65 -12.71
CA ARG B 251 50.45 2.51 -13.28
C ARG B 251 50.14 1.24 -12.45
N PRO B 252 50.22 0.05 -13.08
CA PRO B 252 49.81 -1.13 -12.34
C PRO B 252 50.64 -1.39 -11.10
N THR B 253 49.97 -1.85 -10.04
CA THR B 253 50.64 -2.39 -8.89
C THR B 253 51.09 -3.79 -9.28
N ILE B 254 52.30 -4.15 -8.90
CA ILE B 254 52.88 -5.45 -9.27
C ILE B 254 53.33 -6.21 -8.03
N LEU B 255 52.77 -7.41 -7.85
CA LEU B 255 52.86 -8.17 -6.60
C LEU B 255 53.35 -9.58 -6.85
N PRO B 256 54.30 -10.06 -6.03
CA PRO B 256 54.77 -11.43 -6.13
C PRO B 256 53.70 -12.46 -5.77
N LEU B 257 53.82 -13.65 -6.34
CA LEU B 257 52.99 -14.80 -6.03
C LEU B 257 53.84 -15.84 -5.34
N ALA B 258 53.23 -16.58 -4.41
CA ALA B 258 53.95 -17.57 -3.63
C ALA B 258 54.69 -18.59 -4.48
N HIS B 259 55.99 -18.73 -4.21
CA HIS B 259 56.84 -19.76 -4.82
C HIS B 259 56.86 -19.69 -6.37
N ASP B 260 56.71 -18.50 -6.91
CA ASP B 260 56.52 -18.32 -8.35
C ASP B 260 57.41 -17.18 -8.79
N GLU B 261 58.37 -17.45 -9.67
CA GLU B 261 59.21 -16.41 -10.23
C GLU B 261 58.75 -15.98 -11.60
N LYS B 262 57.84 -16.74 -12.22
CA LYS B 262 57.44 -16.52 -13.62
C LYS B 262 56.21 -15.61 -13.77
N ASN B 263 55.33 -15.59 -12.77
CA ASN B 263 54.08 -14.84 -12.83
C ASN B 263 53.94 -13.90 -11.65
N VAL B 264 53.16 -12.83 -11.85
CA VAL B 264 52.88 -11.84 -10.84
C VAL B 264 51.40 -11.53 -10.83
N ALA B 265 50.94 -10.94 -9.74
CA ALA B 265 49.63 -10.32 -9.72
C ALA B 265 49.80 -8.86 -10.14
N LEU B 266 48.86 -8.37 -10.93
CA LEU B 266 48.83 -6.98 -11.33
C LEU B 266 47.50 -6.41 -10.89
N HIS B 267 47.51 -5.19 -10.33
CA HIS B 267 46.26 -4.51 -9.95
C HIS B 267 46.17 -3.15 -10.65
N MET B 268 45.00 -2.83 -11.19
CA MET B 268 44.76 -1.58 -11.90
C MET B 268 43.34 -1.09 -11.66
N VAL B 269 43.19 0.20 -11.40
CA VAL B 269 41.86 0.84 -11.44
C VAL B 269 41.46 1.00 -12.90
N SER B 270 40.21 0.69 -13.21
CA SER B 270 39.68 0.86 -14.56
C SER B 270 38.22 1.24 -14.50
N LYS B 271 37.79 2.10 -15.44
CA LYS B 271 36.35 2.22 -15.75
C LYS B 271 35.87 0.82 -16.12
N GLU B 272 34.69 0.43 -15.65
CA GLU B 272 34.28 -0.95 -15.81
C GLU B 272 34.02 -1.29 -17.28
N ASN B 273 33.35 -0.41 -18.01
CA ASN B 273 33.04 -0.73 -19.40
C ASN B 273 34.33 -0.86 -20.25
N LEU B 274 35.32 -0.01 -20.00
CA LEU B 274 36.64 -0.16 -20.64
C LEU B 274 37.27 -1.50 -20.31
N PHE B 275 37.15 -1.92 -19.05
CA PHE B 275 37.66 -3.23 -18.65
C PHE B 275 37.05 -4.33 -19.51
N TRP B 276 35.72 -4.38 -19.58
CA TRP B 276 35.04 -5.41 -20.36
C TRP B 276 35.42 -5.38 -21.84
N GLU B 277 35.64 -4.18 -22.38
CA GLU B 277 36.09 -4.03 -23.77
C GLU B 277 37.49 -4.60 -24.02
N THR B 278 38.31 -4.69 -22.99
CA THR B 278 39.66 -5.20 -23.17
C THR B 278 39.89 -6.58 -22.59
N MET B 279 38.88 -7.15 -21.97
CA MET B 279 39.07 -8.36 -21.21
C MET B 279 39.57 -9.53 -22.08
N GLU B 280 39.03 -9.68 -23.27
CA GLU B 280 39.48 -10.77 -24.14
C GLU B 280 40.93 -10.61 -24.61
N ALA B 281 41.35 -9.38 -24.90
CA ALA B 281 42.75 -9.11 -25.23
C ALA B 281 43.67 -9.41 -24.03
N LEU B 282 43.18 -9.13 -22.82
CA LEU B 282 43.94 -9.48 -21.60
C LEU B 282 44.17 -10.99 -21.51
N LYS B 283 43.11 -11.76 -21.74
CA LYS B 283 43.26 -13.20 -21.76
C LYS B 283 44.20 -13.66 -22.87
N GLU B 284 44.10 -13.06 -24.06
CA GLU B 284 45.03 -13.37 -25.17
C GLU B 284 46.50 -13.19 -24.76
N GLU B 285 46.75 -12.16 -23.95
CA GLU B 285 48.09 -11.89 -23.44
C GLU B 285 48.46 -12.66 -22.17
N GLY B 286 47.66 -13.65 -21.79
CA GLY B 286 48.03 -14.55 -20.70
C GLY B 286 47.46 -14.22 -19.32
N ALA B 287 46.54 -13.27 -19.23
CA ALA B 287 45.94 -12.93 -17.94
C ALA B 287 45.00 -14.04 -17.48
N SER B 288 44.99 -14.31 -16.17
CA SER B 288 44.09 -15.28 -15.57
C SER B 288 43.63 -14.82 -14.20
N SER B 289 42.61 -15.51 -13.66
CA SER B 289 42.06 -15.20 -12.33
C SER B 289 41.78 -13.71 -12.18
N ILE B 290 41.01 -13.18 -13.12
CA ILE B 290 40.75 -11.78 -13.19
C ILE B 290 39.58 -11.45 -12.25
N LEU B 291 39.79 -10.50 -11.36
CA LEU B 291 38.78 -10.10 -10.37
C LEU B 291 38.37 -8.66 -10.56
N VAL B 292 37.10 -8.39 -10.31
CA VAL B 292 36.54 -7.05 -10.37
C VAL B 292 36.00 -6.72 -8.98
N LEU B 293 36.63 -5.78 -8.30
CA LEU B 293 36.22 -5.35 -6.98
C LEU B 293 35.66 -3.90 -7.03
N PRO B 294 34.77 -3.56 -6.08
CA PRO B 294 34.19 -2.23 -6.05
C PRO B 294 35.16 -1.20 -5.51
N ILE B 295 34.96 0.05 -5.91
CA ILE B 295 35.65 1.19 -5.30
C ILE B 295 34.55 2.17 -4.87
N GLU B 296 34.54 2.57 -3.60
CA GLU B 296 33.48 3.45 -3.09
C GLU B 296 33.82 4.93 -3.24
N LYS B 297 35.09 5.29 -3.06
CA LYS B 297 35.54 6.64 -3.33
C LYS B 297 36.92 6.60 -3.95
N MET B 298 37.19 7.59 -4.81
CA MET B 298 38.51 7.79 -5.38
C MET B 298 38.87 9.28 -5.36
N LEU B 299 40.08 9.58 -4.92
CA LEU B 299 40.61 10.93 -4.94
C LEU B 299 41.91 11.03 -5.75
N LYS B 300 42.03 12.09 -6.53
N LYS B 300 41.99 12.05 -6.59
CA LYS B 300 43.27 12.41 -7.23
CA LYS B 300 43.15 12.29 -7.45
C LYS B 300 44.57 12.35 -6.40
C LYS B 300 44.43 12.48 -6.66
N THR C 6 16.34 -31.42 16.24
CA THR C 6 15.62 -30.32 15.56
C THR C 6 16.61 -29.22 15.14
N ARG C 7 16.06 -28.11 14.72
CA ARG C 7 16.83 -27.02 14.15
C ARG C 7 16.95 -25.86 15.14
N LEU C 8 18.05 -25.13 15.04
CA LEU C 8 18.25 -23.93 15.84
C LEU C 8 17.16 -22.90 15.54
N ARG C 9 16.57 -22.30 16.57
CA ARG C 9 15.43 -21.38 16.40
C ARG C 9 15.77 -19.96 16.86
N ILE C 10 15.62 -19.00 15.96
CA ILE C 10 16.00 -17.60 16.19
C ILE C 10 14.76 -16.74 16.03
N ALA C 11 14.42 -15.97 17.08
CA ALA C 11 13.30 -15.05 17.03
C ALA C 11 13.80 -13.66 16.67
N ILE C 12 13.16 -13.04 15.69
CA ILE C 12 13.44 -11.67 15.31
C ILE C 12 12.15 -10.87 15.26
N GLN C 13 12.28 -9.55 15.30
CA GLN C 13 11.14 -8.66 15.21
C GLN C 13 10.43 -8.77 13.90
N LYS C 14 9.10 -8.64 13.94
CA LYS C 14 8.24 -8.74 12.76
C LYS C 14 8.34 -7.46 11.91
N SER C 15 8.50 -6.30 12.55
CA SER C 15 8.60 -5.01 11.81
C SER C 15 9.57 -4.01 12.45
N GLY C 16 9.75 -2.86 11.80
CA GLY C 16 10.66 -1.83 12.27
C GLY C 16 12.01 -1.92 11.59
N ARG C 17 12.81 -0.86 11.71
CA ARG C 17 14.16 -0.84 11.16
C ARG C 17 14.98 -1.98 11.79
N LEU C 18 14.67 -2.27 13.06
CA LEU C 18 15.36 -3.34 13.79
C LEU C 18 15.17 -4.70 13.09
N SER C 19 13.96 -4.96 12.62
CA SER C 19 13.66 -6.15 11.84
C SER C 19 14.50 -6.30 10.55
N LYS C 20 14.62 -5.22 9.77
CA LYS C 20 15.42 -5.23 8.55
C LYS C 20 16.91 -5.46 8.84
N GLU C 21 17.44 -4.77 9.84
CA GLU C 21 18.83 -4.93 10.24
C GLU C 21 19.12 -6.33 10.79
N SER C 22 18.14 -6.96 11.44
CA SER C 22 18.30 -8.32 11.95
C SER C 22 18.43 -9.32 10.81
N ILE C 23 17.55 -9.18 9.83
CA ILE C 23 17.60 -10.03 8.63
C ILE C 23 18.93 -9.86 7.90
N GLU C 24 19.37 -8.63 7.77
CA GLU C 24 20.64 -8.34 7.10
C GLU C 24 21.80 -8.97 7.85
N LEU C 25 21.82 -8.84 9.17
CA LEU C 25 22.90 -9.43 9.96
C LEU C 25 22.95 -10.93 9.73
N LEU C 26 21.79 -11.58 9.78
CA LEU C 26 21.74 -13.04 9.59
C LEU C 26 22.24 -13.42 8.18
N SER C 27 21.83 -12.65 7.18
CA SER C 27 22.31 -12.86 5.82
C SER C 27 23.85 -12.72 5.74
N GLU C 28 24.41 -11.67 6.34
CA GLU C 28 25.88 -11.48 6.38
C GLU C 28 26.60 -12.55 7.18
N CYS C 29 25.88 -13.23 8.08
CA CYS C 29 26.43 -14.37 8.80
C CYS C 29 26.21 -15.71 8.10
N GLY C 30 25.77 -15.67 6.85
CA GLY C 30 25.68 -16.86 6.00
C GLY C 30 24.38 -17.63 6.08
N VAL C 31 23.34 -17.01 6.65
CA VAL C 31 22.04 -17.67 6.73
C VAL C 31 21.22 -17.25 5.55
N LYS C 32 21.03 -18.17 4.60
CA LYS C 32 20.17 -17.94 3.44
C LYS C 32 18.73 -18.27 3.79
N MET C 33 17.83 -17.37 3.42
CA MET C 33 16.42 -17.52 3.72
C MET C 33 15.64 -16.59 2.80
N HIS C 34 14.39 -16.93 2.56
CA HIS C 34 13.45 -16.08 1.83
C HIS C 34 12.25 -15.83 2.74
N ILE C 35 12.21 -14.64 3.34
CA ILE C 35 11.09 -14.24 4.18
C ILE C 35 10.06 -13.52 3.31
N HIS C 36 9.00 -14.23 2.92
CA HIS C 36 7.81 -13.59 2.34
C HIS C 36 7.25 -12.58 3.35
N GLU C 37 6.67 -11.49 2.85
CA GLU C 37 6.14 -10.41 3.70
C GLU C 37 5.22 -10.92 4.82
N GLN C 38 4.45 -11.96 4.51
CA GLN C 38 3.48 -12.54 5.43
C GLN C 38 4.04 -13.71 6.25
N SER C 39 5.10 -14.36 5.77
CA SER C 39 5.59 -15.60 6.40
C SER C 39 6.09 -15.35 7.82
N LEU C 40 5.53 -16.08 8.78
CA LEU C 40 5.85 -15.92 10.20
C LEU C 40 6.91 -16.91 10.69
N ILE C 41 6.99 -18.06 10.03
CA ILE C 41 8.08 -18.99 10.25
C ILE C 41 8.80 -19.16 8.94
N ALA C 42 10.10 -18.91 8.94
CA ALA C 42 10.90 -19.13 7.76
C ALA C 42 11.94 -20.20 8.07
N PHE C 43 12.31 -20.96 7.05
CA PHE C 43 13.28 -22.02 7.20
C PHE C 43 14.49 -21.67 6.33
N SER C 44 15.66 -21.55 6.95
CA SER C 44 16.87 -21.31 6.18
C SER C 44 17.05 -22.47 5.18
N THR C 45 17.47 -22.13 3.98
CA THR C 45 17.61 -23.13 2.91
C THR C 45 18.99 -23.79 2.92
N ASN C 46 19.97 -23.20 3.61
CA ASN C 46 21.31 -23.76 3.63
C ASN C 46 21.81 -24.20 5.00
N LEU C 47 21.14 -23.77 6.07
CA LEU C 47 21.53 -24.16 7.43
C LEU C 47 20.32 -24.67 8.20
N PRO C 48 20.56 -25.52 9.23
CA PRO C 48 19.47 -26.03 10.04
C PRO C 48 19.01 -24.97 11.05
N ILE C 49 18.33 -23.94 10.54
CA ILE C 49 17.92 -22.78 11.33
C ILE C 49 16.52 -22.39 10.91
N ASP C 50 15.67 -22.14 11.91
CA ASP C 50 14.36 -21.58 11.68
C ASP C 50 14.32 -20.18 12.25
N ILE C 51 13.68 -19.27 11.51
CA ILE C 51 13.56 -17.89 11.91
C ILE C 51 12.10 -17.62 12.19
N LEU C 52 11.81 -17.18 13.41
CA LEU C 52 10.45 -16.84 13.82
C LEU C 52 10.30 -15.34 13.90
N ARG C 53 9.36 -14.79 13.14
CA ARG C 53 9.13 -13.35 13.13
C ARG C 53 7.99 -13.07 14.10
N VAL C 54 8.28 -12.30 15.14
CA VAL C 54 7.29 -12.05 16.19
C VAL C 54 7.36 -10.61 16.65
N ARG C 55 6.29 -10.17 17.28
CA ARG C 55 6.23 -8.82 17.83
C ARG C 55 7.36 -8.68 18.85
N ASP C 56 8.07 -7.56 18.79
CA ASP C 56 9.22 -7.33 19.66
C ASP C 56 8.95 -7.64 21.14
N ASP C 57 7.80 -7.18 21.64
CA ASP C 57 7.46 -7.28 23.05
C ASP C 57 7.26 -8.72 23.50
N ASP C 58 7.03 -9.63 22.55
CA ASP C 58 6.87 -11.05 22.84
C ASP C 58 8.19 -11.83 22.86
N ILE C 59 9.26 -11.27 22.30
CA ILE C 59 10.51 -12.05 22.17
C ILE C 59 11.16 -12.41 23.53
N PRO C 60 11.29 -11.44 24.45
CA PRO C 60 11.93 -11.81 25.71
C PRO C 60 11.30 -13.04 26.39
N GLY C 61 9.99 -13.06 26.49
CA GLY C 61 9.27 -14.17 27.10
C GLY C 61 9.55 -15.52 26.48
N LEU C 62 9.69 -15.56 25.15
CA LEU C 62 9.99 -16.80 24.48
C LEU C 62 11.40 -17.28 24.85
N ILE C 63 12.32 -16.33 24.99
CA ILE C 63 13.67 -16.68 25.42
C ILE C 63 13.66 -17.09 26.91
N PHE C 64 12.96 -16.34 27.75
CA PHE C 64 12.88 -16.68 29.17
C PHE C 64 12.36 -18.11 29.38
N ASP C 65 11.36 -18.49 28.58
CA ASP C 65 10.73 -19.80 28.73
C ASP C 65 11.45 -20.89 27.96
N GLY C 66 12.47 -20.51 27.20
CA GLY C 66 13.31 -21.48 26.53
C GLY C 66 12.70 -22.11 25.30
N VAL C 67 11.65 -21.52 24.74
CA VAL C 67 10.98 -22.13 23.57
C VAL C 67 11.50 -21.64 22.23
N VAL C 68 12.36 -20.62 22.23
CA VAL C 68 13.28 -20.35 21.14
C VAL C 68 14.70 -20.30 21.70
N ASP C 69 15.69 -20.47 20.82
CA ASP C 69 17.07 -20.60 21.26
C ASP C 69 17.77 -19.25 21.31
N LEU C 70 17.58 -18.44 20.27
CA LEU C 70 18.21 -17.15 20.14
C LEU C 70 17.17 -16.09 19.87
N GLY C 71 17.51 -14.84 20.18
CA GLY C 71 16.66 -13.70 19.91
C GLY C 71 17.46 -12.47 19.63
N ILE C 72 16.98 -11.64 18.72
CA ILE C 72 17.52 -10.31 18.53
C ILE C 72 16.45 -9.33 18.95
N ILE C 73 16.78 -8.49 19.93
CA ILE C 73 15.80 -7.62 20.54
C ILE C 73 16.48 -6.38 21.16
N GLY C 74 15.76 -5.26 21.24
CA GLY C 74 16.30 -4.09 21.92
C GLY C 74 16.48 -4.35 23.42
N GLU C 75 17.56 -3.85 23.98
CA GLU C 75 17.80 -3.93 25.43
C GLU C 75 16.63 -3.41 26.24
N ASN C 76 16.06 -2.29 25.77
CA ASN C 76 14.92 -1.71 26.47
C ASN C 76 13.73 -2.67 26.62
N VAL C 77 13.40 -3.38 25.53
CA VAL C 77 12.28 -4.30 25.51
C VAL C 77 12.60 -5.49 26.39
N LEU C 78 13.82 -5.96 26.29
CA LEU C 78 14.29 -7.07 27.11
C LEU C 78 14.20 -6.77 28.62
N GLU C 79 14.73 -5.62 29.03
CA GLU C 79 14.77 -5.28 30.45
C GLU C 79 13.38 -4.91 30.99
N GLU C 80 12.57 -4.24 30.17
CA GLU C 80 11.22 -3.97 30.54
C GLU C 80 10.50 -5.27 30.89
N ASN C 81 10.64 -6.29 30.03
CA ASN C 81 9.97 -7.57 30.23
C ASN C 81 10.57 -8.38 31.36
N GLU C 82 11.89 -8.29 31.53
CA GLU C 82 12.55 -8.89 32.68
C GLU C 82 11.97 -8.35 34.00
N LEU C 83 11.92 -7.04 34.11
CA LEU C 83 11.30 -6.39 35.29
C LEU C 83 9.86 -6.82 35.47
N GLU C 84 9.10 -6.88 34.38
CA GLU C 84 7.70 -7.29 34.52
C GLU C 84 7.55 -8.71 35.06
N ARG C 85 8.35 -9.63 34.51
CA ARG C 85 8.29 -11.01 34.96
C ARG C 85 8.74 -11.14 36.42
N GLN C 86 9.81 -10.43 36.79
CA GLN C 86 10.26 -10.42 38.17
C GLN C 86 9.17 -9.92 39.11
N SER C 87 8.43 -8.89 38.69
CA SER C 87 7.36 -8.36 39.52
C SER C 87 6.23 -9.35 39.76
N LEU C 88 6.09 -10.34 38.87
CA LEU C 88 5.12 -11.41 39.02
C LEU C 88 5.69 -12.64 39.75
N GLY C 89 6.89 -12.54 40.30
CA GLY C 89 7.49 -13.64 41.02
C GLY C 89 8.27 -14.64 40.19
N GLU C 90 8.50 -14.34 38.91
CA GLU C 90 9.31 -15.24 38.10
C GLU C 90 10.78 -14.87 38.15
N ASN C 91 11.61 -15.78 37.63
CA ASN C 91 13.06 -15.61 37.64
C ASN C 91 13.55 -15.73 36.20
N PRO C 92 13.18 -14.76 35.35
CA PRO C 92 13.63 -14.86 33.98
C PRO C 92 15.14 -14.82 33.90
N SER C 93 15.71 -15.64 33.06
CA SER C 93 17.14 -15.53 32.78
C SER C 93 17.40 -15.81 31.31
N TYR C 94 18.59 -15.43 30.90
CA TYR C 94 19.03 -15.58 29.53
C TYR C 94 20.52 -15.30 29.51
N LYS C 95 21.15 -15.64 28.38
CA LYS C 95 22.57 -15.35 28.16
C LYS C 95 22.67 -14.21 27.17
N LEU C 96 23.45 -13.18 27.52
CA LEU C 96 23.72 -12.12 26.57
C LEU C 96 24.92 -12.54 25.74
N LEU C 97 24.71 -12.68 24.45
CA LEU C 97 25.78 -13.08 23.56
C LEU C 97 26.53 -11.87 23.00
N LYS C 98 25.81 -10.83 22.60
CA LYS C 98 26.47 -9.70 21.95
C LYS C 98 25.56 -8.47 21.97
N LYS C 99 26.13 -7.33 22.32
CA LYS C 99 25.44 -6.09 22.13
C LYS C 99 25.76 -5.65 20.71
N LEU C 100 24.71 -5.44 19.93
CA LEU C 100 24.82 -5.18 18.50
C LEU C 100 24.97 -3.72 18.08
N ASP C 101 25.12 -3.56 16.78
CA ASP C 101 25.51 -2.33 16.09
C ASP C 101 24.40 -1.41 15.70
N PHE C 102 23.17 -1.77 16.00
CA PHE C 102 22.01 -1.06 15.53
C PHE C 102 20.94 -1.04 16.61
N GLY C 103 19.85 -0.34 16.34
CA GLY C 103 18.77 -0.22 17.29
C GLY C 103 19.04 0.80 18.39
N TYR C 104 19.99 1.71 18.15
CA TYR C 104 20.32 2.68 19.19
C TYR C 104 19.18 3.65 19.48
N CYS C 105 18.87 3.83 20.76
CA CYS C 105 17.88 4.81 21.17
C CYS C 105 18.05 5.10 22.65
N ARG C 106 17.46 6.20 23.09
CA ARG C 106 17.48 6.63 24.47
C ARG C 106 16.03 6.61 24.93
N LEU C 107 15.79 6.05 26.11
CA LEU C 107 14.47 6.21 26.74
C LEU C 107 14.56 7.44 27.62
N SER C 108 13.78 8.46 27.29
CA SER C 108 13.88 9.76 27.92
C SER C 108 12.55 10.34 28.40
N LEU C 109 12.61 11.02 29.54
CA LEU C 109 11.53 11.91 29.99
C LEU C 109 11.50 13.20 29.17
N ALA C 110 10.30 13.59 28.75
CA ALA C 110 10.12 14.75 27.91
C ALA C 110 8.83 15.48 28.32
N LEU C 111 8.82 16.80 28.11
CA LEU C 111 7.77 17.71 28.55
C LEU C 111 7.45 18.66 27.43
N PRO C 112 6.22 19.23 27.41
CA PRO C 112 5.92 20.26 26.42
C PRO C 112 6.94 21.41 26.54
N GLN C 113 7.40 21.92 25.39
CA GLN C 113 8.38 23.00 25.39
C GLN C 113 7.76 24.23 26.07
N GLU C 114 8.47 24.77 27.06
CA GLU C 114 8.21 26.09 27.64
C GLU C 114 9.45 26.95 27.38
N ASN C 115 9.35 28.26 27.50
CA ASN C 115 10.50 29.08 27.17
C ASN C 115 11.21 29.38 28.50
N LYS C 116 11.67 28.29 29.09
CA LYS C 116 12.26 28.29 30.43
C LYS C 116 12.96 26.96 30.61
N PHE C 117 14.15 26.98 31.22
CA PHE C 117 14.88 25.72 31.51
C PHE C 117 13.96 24.80 32.31
N GLN C 118 14.08 23.50 32.07
CA GLN C 118 13.24 22.50 32.74
C GLN C 118 14.14 21.37 33.22
N ASN C 119 13.67 20.60 34.20
CA ASN C 119 14.52 19.58 34.82
C ASN C 119 13.72 18.46 35.47
N LEU C 120 14.44 17.48 35.99
CA LEU C 120 13.81 16.28 36.58
C LEU C 120 12.76 16.52 37.63
N LYS C 121 13.06 17.45 38.53
CA LYS C 121 12.16 17.71 39.64
C LYS C 121 10.83 18.28 39.13
N ASP C 122 10.80 18.79 37.89
CA ASP C 122 9.54 19.24 37.28
C ASP C 122 8.48 18.12 37.07
N PHE C 123 8.90 16.87 37.19
CA PHE C 123 7.96 15.71 37.12
C PHE C 123 7.18 15.27 38.35
N GLU C 124 7.52 15.81 39.51
CA GLU C 124 6.77 15.50 40.73
C GLU C 124 5.28 15.62 40.49
N GLY C 125 4.54 14.55 40.80
CA GLY C 125 3.08 14.58 40.73
C GLY C 125 2.46 14.58 39.34
N LEU C 126 3.28 14.54 38.29
CA LEU C 126 2.73 14.53 36.92
C LEU C 126 2.19 13.16 36.48
N ARG C 127 1.20 13.19 35.59
CA ARG C 127 0.83 11.98 34.82
C ARG C 127 1.84 11.83 33.70
N ILE C 128 2.49 10.68 33.63
CA ILE C 128 3.53 10.43 32.61
C ILE C 128 3.12 9.24 31.77
N ALA C 129 2.92 9.48 30.47
CA ALA C 129 2.58 8.41 29.53
C ALA C 129 3.84 7.68 29.04
N THR C 130 3.79 6.35 29.00
CA THR C 130 4.91 5.55 28.54
C THR C 130 4.46 4.17 28.07
N SER C 131 5.27 3.57 27.20
CA SER C 131 5.10 2.17 26.84
C SER C 131 6.01 1.29 27.65
N TYR C 132 6.84 1.90 28.51
CA TYR C 132 7.82 1.18 29.31
C TYR C 132 7.58 1.47 30.81
N PRO C 133 6.41 1.06 31.33
CA PRO C 133 6.10 1.43 32.72
C PRO C 133 7.07 0.88 33.78
N GLN C 134 7.62 -0.31 33.56
CA GLN C 134 8.57 -0.89 34.53
C GLN C 134 9.88 -0.10 34.56
N LEU C 135 10.43 0.23 33.40
CA LEU C 135 11.66 1.04 33.36
C LEU C 135 11.44 2.43 33.97
N LEU C 136 10.32 3.05 33.69
CA LEU C 136 9.99 4.33 34.27
C LEU C 136 9.87 4.21 35.79
N LYS C 137 9.08 3.24 36.24
CA LYS C 137 8.83 3.05 37.66
C LYS C 137 10.14 2.90 38.45
N ARG C 138 11.03 2.05 37.95
CA ARG C 138 12.30 1.83 38.62
C ARG C 138 13.10 3.12 38.73
N PHE C 139 13.19 3.87 37.65
CA PHE C 139 13.93 5.11 37.66
C PHE C 139 13.35 6.13 38.65
N MET C 140 12.03 6.29 38.65
CA MET C 140 11.40 7.30 39.49
C MET C 140 11.52 6.92 40.97
N LYS C 141 11.32 5.64 41.27
CA LYS C 141 11.54 5.11 42.62
C LYS C 141 12.97 5.40 43.09
N GLU C 142 13.95 5.02 42.27
CA GLU C 142 15.36 5.31 42.56
C GLU C 142 15.65 6.80 42.82
N ASN C 143 14.95 7.70 42.15
CA ASN C 143 15.16 9.13 42.34
C ASN C 143 14.13 9.79 43.26
N GLY C 144 13.29 8.97 43.90
CA GLY C 144 12.29 9.45 44.84
C GLY C 144 11.32 10.48 44.28
N ILE C 145 10.90 10.30 43.02
CA ILE C 145 9.92 11.19 42.40
C ILE C 145 8.57 10.48 42.30
N ASN C 146 7.55 11.09 42.90
CA ASN C 146 6.19 10.57 42.79
C ASN C 146 5.56 11.03 41.48
N TYR C 147 4.74 10.16 40.87
CA TYR C 147 4.12 10.45 39.60
C TYR C 147 2.95 9.51 39.40
N LYS C 148 2.12 9.79 38.38
CA LYS C 148 1.04 8.90 38.02
C LYS C 148 1.35 8.27 36.65
N ASN C 149 1.34 6.94 36.60
CA ASN C 149 1.64 6.23 35.36
C ASN C 149 0.46 6.21 34.40
N CYS C 150 0.74 6.40 33.11
CA CYS C 150 -0.25 6.18 32.07
C CYS C 150 0.38 5.28 30.99
N THR C 151 -0.07 4.03 30.91
CA THR C 151 0.47 3.12 29.93
C THR C 151 -0.24 3.27 28.59
N LEU C 152 0.55 3.56 27.56
CA LEU C 152 0.09 3.62 26.18
C LEU C 152 1.01 2.75 25.34
N THR C 153 0.42 2.00 24.41
CA THR C 153 1.15 1.03 23.62
C THR C 153 1.83 1.66 22.40
N GLY C 154 1.34 2.81 21.97
CA GLY C 154 1.91 3.51 20.82
C GLY C 154 1.51 4.96 20.79
N SER C 155 2.13 5.70 19.88
CA SER C 155 1.91 7.14 19.73
C SER C 155 1.97 7.90 21.05
N VAL C 156 2.95 7.55 21.87
CA VAL C 156 3.07 8.14 23.21
C VAL C 156 3.27 9.65 23.08
N GLU C 157 3.96 10.08 22.02
CA GLU C 157 4.28 11.49 21.82
C GLU C 157 3.08 12.41 21.76
N VAL C 158 1.92 11.85 21.44
CA VAL C 158 0.70 12.65 21.31
C VAL C 158 -0.06 12.82 22.63
N ALA C 159 0.36 12.10 23.66
CA ALA C 159 -0.40 12.09 24.91
C ALA C 159 -0.58 13.47 25.58
N PRO C 160 0.47 14.30 25.63
CA PRO C 160 0.27 15.63 26.23
C PRO C 160 -0.73 16.49 25.46
N ARG C 161 -0.58 16.54 24.15
CA ARG C 161 -1.53 17.31 23.31
C ARG C 161 -2.94 16.75 23.43
N ALA C 162 -3.05 15.43 23.55
CA ALA C 162 -4.33 14.76 23.71
C ALA C 162 -4.86 14.90 25.13
N ASN C 163 -4.06 15.48 26.00
CA ASN C 163 -4.40 15.64 27.39
C ASN C 163 -4.64 14.31 28.08
N LEU C 164 -3.91 13.28 27.69
CA LEU C 164 -3.90 12.01 28.39
C LEU C 164 -2.83 11.98 29.48
N ALA C 165 -1.90 12.92 29.43
CA ALA C 165 -0.82 12.99 30.42
C ALA C 165 -0.16 14.36 30.34
N ASP C 166 0.62 14.67 31.36
CA ASP C 166 1.36 15.94 31.42
C ASP C 166 2.71 15.82 30.70
N ALA C 167 3.22 14.60 30.63
CA ALA C 167 4.60 14.36 30.14
C ALA C 167 4.69 12.95 29.59
N ILE C 168 5.84 12.62 29.01
CA ILE C 168 6.06 11.27 28.52
C ILE C 168 7.42 10.75 28.88
N CYS C 169 7.53 9.43 28.79
CA CYS C 169 8.79 8.74 28.82
C CYS C 169 8.79 7.84 27.58
N ASP C 170 9.58 8.20 26.57
CA ASP C 170 9.56 7.46 25.30
C ASP C 170 10.94 7.42 24.63
N LEU C 171 11.06 6.59 23.61
CA LEU C 171 12.31 6.37 22.93
C LEU C 171 12.62 7.50 21.98
N VAL C 172 13.89 7.89 21.96
CA VAL C 172 14.39 8.95 21.09
C VAL C 172 15.60 8.45 20.35
N SER C 173 15.66 8.71 19.04
CA SER C 173 16.84 8.42 18.25
C SER C 173 17.38 9.73 17.72
N SER C 174 16.73 10.30 16.71
CA SER C 174 17.15 11.60 16.16
C SER C 174 16.59 12.81 16.90
N GLY C 175 15.48 12.64 17.62
CA GLY C 175 14.81 13.76 18.28
C GLY C 175 13.75 14.42 17.44
N ALA C 176 13.57 13.98 16.20
CA ALA C 176 12.61 14.64 15.30
C ALA C 176 11.18 14.52 15.81
N THR C 177 10.83 13.36 16.36
CA THR C 177 9.46 13.13 16.79
C THR C 177 9.09 14.00 17.98
N LEU C 178 9.99 14.13 18.94
CA LEU C 178 9.77 15.07 20.04
C LEU C 178 9.56 16.49 19.54
N GLN C 179 10.46 16.95 18.67
CA GLN C 179 10.37 18.30 18.11
C GLN C 179 9.06 18.52 17.31
N ALA C 180 8.64 17.51 16.55
CA ALA C 180 7.37 17.59 15.83
C ALA C 180 6.16 17.75 16.74
N ASN C 181 6.28 17.34 17.99
CA ASN C 181 5.19 17.38 18.92
C ASN C 181 5.40 18.42 20.00
N ASN C 182 6.32 19.35 19.75
CA ASN C 182 6.61 20.44 20.68
C ASN C 182 7.03 19.97 22.07
N LEU C 183 7.80 18.88 22.11
CA LEU C 183 8.31 18.31 23.34
C LEU C 183 9.80 18.54 23.46
N LYS C 184 10.28 18.70 24.69
CA LYS C 184 11.69 18.89 25.02
C LYS C 184 12.19 17.67 25.75
N GLU C 185 13.30 17.10 25.30
CA GLU C 185 13.90 15.96 25.97
C GLU C 185 14.63 16.48 27.20
N VAL C 186 14.27 15.99 28.37
CA VAL C 186 14.75 16.57 29.61
C VAL C 186 15.69 15.68 30.40
N LYS C 187 15.45 14.38 30.42
CA LYS C 187 16.29 13.47 31.18
C LYS C 187 16.31 12.09 30.54
N VAL C 188 17.51 11.60 30.22
CA VAL C 188 17.68 10.24 29.70
C VAL C 188 17.64 9.26 30.86
N ILE C 189 16.77 8.25 30.81
CA ILE C 189 16.72 7.24 31.86
C ILE C 189 17.29 5.87 31.49
N TYR C 190 17.47 5.59 30.20
CA TYR C 190 17.95 4.27 29.79
C TYR C 190 18.48 4.42 28.37
N GLU C 191 19.58 3.77 28.08
CA GLU C 191 20.12 3.75 26.73
C GLU C 191 20.12 2.33 26.23
N SER C 192 19.76 2.15 24.98
CA SER C 192 19.50 0.83 24.45
C SER C 192 20.10 0.67 23.05
N ARG C 193 20.46 -0.56 22.77
CA ARG C 193 20.75 -0.98 21.41
C ARG C 193 20.25 -2.42 21.26
N ALA C 194 20.17 -2.91 20.02
CA ALA C 194 19.82 -4.28 19.77
C ALA C 194 20.87 -5.20 20.40
N CYS C 195 20.35 -6.32 20.91
N CYS C 195 20.39 -6.30 20.94
CA CYS C 195 21.16 -7.38 21.51
CA CYS C 195 21.30 -7.34 21.39
C CYS C 195 20.87 -8.76 20.88
C CYS C 195 20.89 -8.76 20.98
N LEU C 196 21.88 -9.62 20.86
CA LEU C 196 21.66 -11.02 20.52
C LEU C 196 21.73 -11.80 21.84
N ILE C 197 20.65 -12.51 22.14
CA ILE C 197 20.54 -13.26 23.39
C ILE C 197 20.23 -14.71 23.13
N GLN C 198 20.45 -15.53 24.15
CA GLN C 198 20.25 -16.96 24.07
C GLN C 198 19.49 -17.43 25.31
N LYS C 199 18.70 -18.47 25.15
CA LYS C 199 18.03 -19.04 26.31
C LYS C 199 19.04 -19.58 27.35
N GLU C 200 18.60 -19.66 28.60
CA GLU C 200 19.49 -20.07 29.68
C GLU C 200 19.86 -21.55 29.60
N ASN C 201 18.88 -22.42 29.39
CA ASN C 201 19.16 -23.87 29.37
C ASN C 201 20.07 -24.26 28.22
N ALA C 202 21.02 -25.14 28.53
CA ALA C 202 22.07 -25.49 27.59
C ALA C 202 21.46 -26.06 26.32
N LEU C 203 22.06 -25.71 25.19
CA LEU C 203 21.65 -26.27 23.92
C LEU C 203 22.32 -27.61 23.73
N SER C 204 21.82 -28.40 22.79
CA SER C 204 22.54 -29.57 22.32
C SER C 204 23.91 -29.16 21.82
N LYS C 205 24.84 -30.11 21.78
CA LYS C 205 26.20 -29.84 21.29
C LYS C 205 26.17 -29.30 19.86
N GLU C 206 25.31 -29.85 19.01
CA GLU C 206 25.23 -29.45 17.59
C GLU C 206 24.70 -28.03 17.45
N LYS C 207 23.65 -27.70 18.22
CA LYS C 207 23.09 -26.35 18.17
C LYS C 207 24.06 -25.33 18.72
N GLN C 208 24.73 -25.66 19.81
CA GLN C 208 25.71 -24.73 20.39
C GLN C 208 26.88 -24.49 19.43
N ALA C 209 27.29 -25.54 18.72
CA ALA C 209 28.37 -25.43 17.74
C ALA C 209 27.97 -24.48 16.60
N LEU C 210 26.72 -24.51 16.20
CA LEU C 210 26.24 -23.58 15.17
C LEU C 210 26.19 -22.15 15.68
N VAL C 211 25.71 -21.97 16.92
CA VAL C 211 25.75 -20.67 17.54
C VAL C 211 27.18 -20.13 17.59
N ASP C 212 28.13 -20.96 17.99
CA ASP C 212 29.54 -20.57 18.03
C ASP C 212 30.03 -20.10 16.65
N LYS C 213 29.67 -20.84 15.60
CA LYS C 213 30.02 -20.43 14.23
C LYS C 213 29.44 -19.07 13.87
N ILE C 214 28.15 -18.89 14.15
CA ILE C 214 27.47 -17.65 13.84
C ILE C 214 28.13 -16.49 14.57
N MET C 215 28.47 -16.70 15.84
CA MET C 215 29.09 -15.68 16.65
C MET C 215 30.46 -15.21 16.14
N LEU C 216 31.25 -16.12 15.58
CA LEU C 216 32.53 -15.72 14.96
C LEU C 216 32.27 -14.73 13.83
N ARG C 217 31.23 -14.99 13.04
CA ARG C 217 30.86 -14.12 11.94
C ARG C 217 30.29 -12.80 12.40
N VAL C 218 29.45 -12.86 13.42
CA VAL C 218 28.90 -11.63 13.98
C VAL C 218 30.04 -10.72 14.40
N ALA C 219 31.06 -11.28 15.05
CA ALA C 219 32.20 -10.47 15.49
C ALA C 219 32.91 -9.87 14.28
N GLY C 220 33.06 -10.67 13.23
CA GLY C 220 33.66 -10.20 11.96
C GLY C 220 32.93 -9.00 11.39
N VAL C 221 31.61 -9.08 11.34
CA VAL C 221 30.80 -8.00 10.81
C VAL C 221 30.95 -6.74 11.65
N MET C 222 30.84 -6.90 12.96
CA MET C 222 30.88 -5.77 13.87
C MET C 222 32.22 -5.10 13.86
N GLN C 223 33.25 -5.90 13.80
CA GLN C 223 34.61 -5.41 13.79
C GLN C 223 34.94 -4.56 12.55
N ALA C 224 34.32 -4.89 11.43
CA ALA C 224 34.49 -4.20 10.17
C ALA C 224 33.63 -2.94 10.01
N ARG C 225 32.62 -2.75 10.85
CA ARG C 225 31.67 -1.66 10.64
C ARG C 225 32.45 -0.32 10.74
N GLU C 226 32.26 0.54 9.77
CA GLU C 226 32.92 1.84 9.76
C GLU C 226 34.42 1.79 9.41
N SER C 227 34.96 0.63 9.05
CA SER C 227 36.35 0.53 8.58
C SER C 227 36.35 0.32 7.07
N LYS C 228 37.35 0.88 6.42
CA LYS C 228 37.54 0.71 4.99
C LYS C 228 38.99 0.35 4.69
N TYR C 229 39.22 -0.19 3.49
CA TYR C 229 40.55 -0.53 3.03
C TYR C 229 41.03 0.58 2.13
N ILE C 230 42.06 1.29 2.58
CA ILE C 230 42.54 2.47 1.88
C ILE C 230 43.75 2.08 1.06
N MET C 231 43.79 2.51 -0.19
CA MET C 231 44.97 2.30 -1.04
C MET C 231 45.41 3.66 -1.60
N LEU C 232 46.70 3.87 -1.74
CA LEU C 232 47.21 5.10 -2.29
C LEU C 232 48.62 4.91 -2.83
N HIS C 233 49.05 5.88 -3.64
CA HIS C 233 50.44 5.94 -4.13
C HIS C 233 51.16 7.04 -3.41
N ALA C 234 52.43 6.80 -3.09
CA ALA C 234 53.25 7.81 -2.48
C ALA C 234 54.72 7.59 -2.81
N PRO C 235 55.51 8.67 -2.72
CA PRO C 235 56.95 8.50 -2.88
C PRO C 235 57.49 7.64 -1.76
N LYS C 236 58.43 6.75 -2.08
CA LYS C 236 59.06 5.88 -1.08
C LYS C 236 59.60 6.65 0.09
N GLU C 237 60.18 7.81 -0.19
CA GLU C 237 60.76 8.64 0.86
C GLU C 237 59.73 9.14 1.87
N LYS C 238 58.45 9.16 1.48
CA LYS C 238 57.39 9.63 2.36
C LYS C 238 56.72 8.55 3.21
N LEU C 239 57.22 7.31 3.11
CA LEU C 239 56.61 6.19 3.84
C LEU C 239 56.37 6.52 5.32
N ASP C 240 57.40 7.02 5.98
CA ASP C 240 57.30 7.19 7.43
C ASP C 240 56.29 8.27 7.82
N LYS C 241 56.24 9.36 7.07
CA LYS C 241 55.28 10.41 7.33
C LYS C 241 53.86 9.90 7.10
N ILE C 242 53.65 9.18 6.00
CA ILE C 242 52.33 8.68 5.69
C ILE C 242 51.89 7.64 6.72
N GLN C 243 52.80 6.76 7.11
CA GLN C 243 52.49 5.77 8.13
C GLN C 243 52.12 6.42 9.46
N ALA C 244 52.74 7.56 9.78
CA ALA C 244 52.37 8.30 11.00
C ALA C 244 50.94 8.83 10.93
N LEU C 245 50.50 9.25 9.76
CA LEU C 245 49.14 9.75 9.58
C LEU C 245 48.08 8.64 9.48
N LEU C 246 48.44 7.55 8.81
CA LEU C 246 47.52 6.45 8.51
C LEU C 246 48.25 5.12 8.77
N PRO C 247 48.19 4.64 10.01
CA PRO C 247 49.08 3.56 10.41
C PRO C 247 48.64 2.16 9.99
N GLY C 248 47.38 1.99 9.60
CA GLY C 248 46.83 0.65 9.35
C GLY C 248 46.43 0.01 10.67
N VAL C 249 45.86 -1.19 10.61
CA VAL C 249 45.50 -1.90 11.85
C VAL C 249 46.74 -2.51 12.44
N GLU C 250 47.76 -2.81 11.62
CA GLU C 250 49.08 -3.19 12.16
C GLU C 250 50.16 -2.31 11.55
N ARG C 251 50.33 -2.39 10.25
CA ARG C 251 51.27 -1.52 9.56
C ARG C 251 50.99 -1.55 8.06
N PRO C 252 51.32 -0.48 7.34
CA PRO C 252 50.94 -0.46 5.95
C PRO C 252 51.56 -1.60 5.13
N THR C 253 50.77 -2.11 4.19
CA THR C 253 51.27 -2.99 3.17
C THR C 253 51.95 -2.09 2.15
N ILE C 254 53.10 -2.52 1.67
CA ILE C 254 53.87 -1.73 0.73
C ILE C 254 54.13 -2.54 -0.53
N LEU C 255 53.69 -2.00 -1.65
CA LEU C 255 53.59 -2.71 -2.92
C LEU C 255 54.33 -1.95 -4.03
N PRO C 256 55.17 -2.65 -4.81
CA PRO C 256 55.81 -2.02 -5.97
C PRO C 256 54.84 -1.60 -7.07
N LEU C 257 55.24 -0.59 -7.83
CA LEU C 257 54.51 -0.13 -9.01
C LEU C 257 55.34 -0.43 -10.25
N ALA C 258 54.67 -0.74 -11.35
CA ALA C 258 55.33 -1.12 -12.58
C ALA C 258 56.37 -0.08 -13.05
N HIS C 259 57.60 -0.53 -13.26
CA HIS C 259 58.68 0.31 -13.81
C HIS C 259 58.93 1.58 -13.02
N ASP C 260 58.74 1.52 -11.71
CA ASP C 260 58.83 2.70 -10.86
C ASP C 260 59.64 2.33 -9.64
N GLU C 261 60.79 2.98 -9.47
CA GLU C 261 61.61 2.75 -8.28
C GLU C 261 61.46 3.86 -7.26
N LYS C 262 60.75 4.94 -7.63
CA LYS C 262 60.58 6.11 -6.75
C LYS C 262 59.31 6.08 -5.88
N ASN C 263 58.25 5.45 -6.38
CA ASN C 263 56.95 5.46 -5.70
C ASN C 263 56.46 4.04 -5.46
N VAL C 264 55.60 3.90 -4.46
CA VAL C 264 55.00 2.62 -4.09
C VAL C 264 53.51 2.84 -3.86
N ALA C 265 52.75 1.74 -3.90
CA ALA C 265 51.41 1.74 -3.36
C ALA C 265 51.49 1.38 -1.88
N LEU C 266 50.67 2.03 -1.07
CA LEU C 266 50.55 1.72 0.33
C LEU C 266 49.10 1.36 0.60
N HIS C 267 48.85 0.29 1.34
CA HIS C 267 47.47 -0.08 1.73
C HIS C 267 47.36 -0.10 3.25
N MET C 268 46.28 0.47 3.78
CA MET C 268 46.02 0.53 5.21
C MET C 268 44.52 0.40 5.48
N VAL C 269 44.16 -0.41 6.47
CA VAL C 269 42.81 -0.39 7.01
C VAL C 269 42.68 0.88 7.88
N SER C 270 41.55 1.57 7.76
CA SER C 270 41.27 2.73 8.57
C SER C 270 39.78 2.86 8.85
N LYS C 271 39.44 3.32 10.04
CA LYS C 271 38.09 3.84 10.29
C LYS C 271 37.86 4.93 9.27
N GLU C 272 36.67 4.97 8.66
CA GLU C 272 36.47 5.87 7.55
C GLU C 272 36.56 7.34 7.97
N ASN C 273 35.98 7.69 9.11
CA ASN C 273 36.02 9.10 9.53
C ASN C 273 37.42 9.58 9.82
N LEU C 274 38.21 8.75 10.48
CA LEU C 274 39.63 9.06 10.68
C LEU C 274 40.34 9.26 9.35
N PHE C 275 40.03 8.42 8.37
CA PHE C 275 40.60 8.60 7.03
C PHE C 275 40.32 10.01 6.48
N TRP C 276 39.04 10.40 6.46
CA TRP C 276 38.66 11.70 5.92
C TRP C 276 39.31 12.85 6.69
N GLU C 277 39.48 12.68 7.99
CA GLU C 277 40.15 13.69 8.82
C GLU C 277 41.62 13.87 8.48
N THR C 278 42.27 12.85 7.93
CA THR C 278 43.68 12.99 7.57
C THR C 278 43.95 13.08 6.08
N MET C 279 42.91 13.05 5.27
CA MET C 279 43.09 12.94 3.82
C MET C 279 43.89 14.11 3.22
N GLU C 280 43.61 15.32 3.66
CA GLU C 280 44.35 16.48 3.14
C GLU C 280 45.84 16.45 3.54
N ALA C 281 46.15 16.04 4.77
CA ALA C 281 47.53 15.88 5.19
C ALA C 281 48.24 14.79 4.39
N LEU C 282 47.51 13.73 4.01
CA LEU C 282 48.05 12.70 3.12
C LEU C 282 48.44 13.29 1.78
N LYS C 283 47.55 14.07 1.20
CA LYS C 283 47.87 14.76 -0.05
C LYS C 283 49.07 15.70 0.10
N GLU C 284 49.13 16.45 1.20
CA GLU C 284 50.28 17.34 1.47
C GLU C 284 51.60 16.58 1.51
N GLU C 285 51.57 15.34 2.00
CA GLU C 285 52.76 14.47 1.99
C GLU C 285 52.97 13.69 0.69
N GLY C 286 52.25 14.03 -0.36
CA GLY C 286 52.50 13.44 -1.68
C GLY C 286 51.65 12.22 -2.08
N ALA C 287 50.63 11.89 -1.29
CA ALA C 287 49.74 10.78 -1.65
C ALA C 287 48.91 11.14 -2.87
N SER C 288 48.68 10.16 -3.75
CA SER C 288 47.80 10.32 -4.91
C SER C 288 47.01 9.04 -5.19
N SER C 289 46.01 9.13 -6.07
CA SER C 289 45.17 7.99 -6.45
C SER C 289 44.69 7.22 -5.24
N ILE C 290 44.03 7.94 -4.34
CA ILE C 290 43.62 7.38 -3.08
C ILE C 290 42.27 6.72 -3.26
N LEU C 291 42.19 5.45 -2.89
CA LEU C 291 40.96 4.64 -3.04
C LEU C 291 40.42 4.19 -1.70
N VAL C 292 39.10 4.15 -1.60
CA VAL C 292 38.41 3.68 -0.41
C VAL C 292 37.57 2.47 -0.82
N LEU C 293 37.93 1.29 -0.31
CA LEU C 293 37.22 0.05 -0.61
C LEU C 293 36.52 -0.48 0.62
N PRO C 294 35.41 -1.22 0.44
CA PRO C 294 34.68 -1.76 1.57
C PRO C 294 35.41 -2.93 2.20
N ILE C 295 35.14 -3.16 3.48
CA ILE C 295 35.54 -4.37 4.17
C ILE C 295 34.28 -4.96 4.77
N GLU C 296 33.99 -6.22 4.48
CA GLU C 296 32.75 -6.84 4.96
C GLU C 296 32.92 -7.50 6.33
N LYS C 297 34.08 -8.10 6.57
CA LYS C 297 34.39 -8.64 7.89
C LYS C 297 35.86 -8.42 8.20
N MET C 298 36.13 -8.23 9.49
CA MET C 298 37.50 -8.12 9.97
C MET C 298 37.66 -8.92 11.26
N LEU C 299 38.73 -9.72 11.32
CA LEU C 299 39.06 -10.47 12.52
C LEU C 299 40.47 -10.10 13.04
N LYS C 300 40.58 -9.88 14.35
N LYS C 300 40.59 -9.94 14.35
CA LYS C 300 41.83 -9.50 14.98
CA LYS C 300 41.90 -9.73 14.98
C LYS C 300 42.98 -10.46 14.72
C LYS C 300 42.94 -10.81 14.64
N THR D 6 -21.25 -31.18 3.31
CA THR D 6 -21.59 -30.53 4.63
C THR D 6 -22.32 -29.17 4.37
N ARG D 7 -21.57 -28.13 4.05
CA ARG D 7 -22.11 -26.81 3.81
C ARG D 7 -22.11 -26.47 2.31
N LEU D 8 -23.06 -25.65 1.89
CA LEU D 8 -23.12 -25.17 0.52
C LEU D 8 -21.85 -24.38 0.17
N ARG D 9 -21.28 -24.65 -1.00
CA ARG D 9 -19.99 -24.06 -1.37
C ARG D 9 -20.14 -23.17 -2.60
N ILE D 10 -19.73 -21.90 -2.47
CA ILE D 10 -19.83 -20.93 -3.54
C ILE D 10 -18.45 -20.42 -3.89
N ALA D 11 -18.08 -20.52 -5.18
CA ALA D 11 -16.80 -20.01 -5.66
C ALA D 11 -17.03 -18.62 -6.25
N ILE D 12 -16.21 -17.67 -5.84
CA ILE D 12 -16.21 -16.33 -6.40
C ILE D 12 -14.79 -15.92 -6.79
N GLN D 13 -14.71 -14.90 -7.64
CA GLN D 13 -13.42 -14.39 -8.10
C GLN D 13 -12.62 -13.80 -6.95
N LYS D 14 -11.32 -13.98 -7.02
CA LYS D 14 -10.39 -13.51 -6.02
C LYS D 14 -10.18 -11.99 -6.13
N SER D 15 -10.17 -11.46 -7.35
CA SER D 15 -9.97 -10.01 -7.57
C SER D 15 -10.78 -9.45 -8.75
N GLY D 16 -10.71 -8.15 -8.95
CA GLY D 16 -11.47 -7.46 -9.99
C GLY D 16 -12.75 -6.85 -9.44
N ARG D 17 -13.35 -5.96 -10.22
CA ARG D 17 -14.64 -5.35 -9.86
C ARG D 17 -15.70 -6.45 -9.68
N LEU D 18 -15.57 -7.51 -10.50
CA LEU D 18 -16.49 -8.63 -10.43
C LEU D 18 -16.47 -9.28 -9.04
N SER D 19 -15.30 -9.45 -8.45
CA SER D 19 -15.21 -9.95 -7.07
C SER D 19 -15.92 -9.09 -6.03
N LYS D 20 -15.76 -7.78 -6.10
CA LYS D 20 -16.39 -6.86 -5.16
C LYS D 20 -17.92 -6.92 -5.28
N GLU D 21 -18.40 -6.90 -6.52
CA GLU D 21 -19.85 -7.00 -6.77
C GLU D 21 -20.42 -8.36 -6.34
N SER D 22 -19.63 -9.42 -6.42
CA SER D 22 -20.08 -10.75 -6.00
C SER D 22 -20.26 -10.79 -4.48
N ILE D 23 -19.29 -10.26 -3.76
CA ILE D 23 -19.36 -10.19 -2.30
C ILE D 23 -20.57 -9.33 -1.86
N GLU D 24 -20.76 -8.21 -2.54
CA GLU D 24 -21.90 -7.32 -2.23
C GLU D 24 -23.23 -8.02 -2.48
N LEU D 25 -23.35 -8.73 -3.60
CA LEU D 25 -24.56 -9.48 -3.88
C LEU D 25 -24.85 -10.49 -2.77
N LEU D 26 -23.85 -11.26 -2.37
CA LEU D 26 -24.05 -12.25 -1.32
C LEU D 26 -24.48 -11.59 -0.02
N SER D 27 -23.85 -10.47 0.30
CA SER D 27 -24.19 -9.73 1.50
C SER D 27 -25.64 -9.26 1.46
N GLU D 28 -26.08 -8.70 0.33
CA GLU D 28 -27.49 -8.30 0.16
C GLU D 28 -28.46 -9.49 0.16
N CYS D 29 -27.97 -10.69 -0.13
CA CYS D 29 -28.78 -11.89 -0.03
C CYS D 29 -28.75 -12.52 1.35
N GLY D 30 -28.20 -11.81 2.33
CA GLY D 30 -28.27 -12.22 3.73
C GLY D 30 -27.15 -13.14 4.17
N VAL D 31 -26.08 -13.23 3.37
CA VAL D 31 -24.93 -14.05 3.73
C VAL D 31 -23.94 -13.16 4.47
N LYS D 32 -23.89 -13.31 5.79
CA LYS D 32 -22.92 -12.62 6.60
C LYS D 32 -21.60 -13.36 6.60
N MET D 33 -20.52 -12.63 6.38
CA MET D 33 -19.21 -13.20 6.31
C MET D 33 -18.22 -12.14 6.68
N HIS D 34 -17.22 -12.58 7.46
CA HIS D 34 -16.25 -11.75 8.16
C HIS D 34 -14.92 -12.14 7.52
N ILE D 35 -14.56 -11.44 6.43
CA ILE D 35 -13.62 -11.94 5.43
C ILE D 35 -12.28 -11.16 5.31
N HIS D 36 -11.18 -11.72 5.83
CA HIS D 36 -9.86 -11.08 5.70
C HIS D 36 -9.40 -10.96 4.23
N GLU D 37 -8.65 -9.89 3.92
CA GLU D 37 -8.15 -9.63 2.55
C GLU D 37 -7.45 -10.84 1.92
N GLN D 38 -6.73 -11.60 2.74
CA GLN D 38 -5.95 -12.75 2.29
C GLN D 38 -6.70 -14.10 2.43
N SER D 39 -7.79 -14.13 3.20
CA SER D 39 -8.53 -15.39 3.41
C SER D 39 -9.07 -15.95 2.11
N LEU D 40 -8.72 -17.20 1.82
CA LEU D 40 -9.12 -17.87 0.59
C LEU D 40 -10.38 -18.73 0.76
N ILE D 41 -10.61 -19.21 1.98
CA ILE D 41 -11.86 -19.85 2.33
C ILE D 41 -12.47 -19.05 3.45
N ALA D 42 -13.70 -18.60 3.24
CA ALA D 42 -14.44 -17.91 4.26
C ALA D 42 -15.69 -18.71 4.61
N PHE D 43 -16.09 -18.62 5.87
CA PHE D 43 -17.24 -19.36 6.37
C PHE D 43 -18.28 -18.35 6.80
N SER D 44 -19.47 -18.41 6.19
CA SER D 44 -20.54 -17.54 6.62
C SER D 44 -20.85 -17.78 8.10
N THR D 45 -21.09 -16.70 8.84
CA THR D 45 -21.32 -16.78 10.28
C THR D 45 -22.78 -17.03 10.62
N ASN D 46 -23.68 -16.80 9.68
CA ASN D 46 -25.10 -17.01 9.93
C ASN D 46 -25.77 -18.10 9.10
N LEU D 47 -25.11 -18.56 8.04
CA LEU D 47 -25.69 -19.60 7.18
C LEU D 47 -24.66 -20.70 6.92
N PRO D 48 -25.12 -21.92 6.64
CA PRO D 48 -24.21 -23.01 6.33
C PRO D 48 -23.68 -22.88 4.88
N ILE D 49 -22.82 -21.88 4.69
CA ILE D 49 -22.25 -21.55 3.38
C ILE D 49 -20.76 -21.28 3.53
N ASP D 50 -19.98 -21.84 2.62
CA ASP D 50 -18.56 -21.54 2.52
C ASP D 50 -18.33 -20.79 1.22
N ILE D 51 -17.50 -19.76 1.27
CA ILE D 51 -17.15 -18.97 0.11
C ILE D 51 -15.69 -19.22 -0.22
N LEU D 52 -15.43 -19.65 -1.46
CA LEU D 52 -14.07 -19.92 -1.91
C LEU D 52 -13.68 -18.85 -2.89
N ARG D 53 -12.60 -18.13 -2.59
CA ARG D 53 -12.10 -17.09 -3.46
C ARG D 53 -11.04 -17.72 -4.34
N VAL D 54 -11.28 -17.73 -5.65
CA VAL D 54 -10.35 -18.36 -6.56
C VAL D 54 -10.20 -17.53 -7.83
N ARG D 55 -9.11 -17.77 -8.54
CA ARG D 55 -8.87 -17.07 -9.79
C ARG D 55 -10.00 -17.38 -10.76
N ASP D 56 -10.49 -16.34 -11.43
CA ASP D 56 -11.66 -16.48 -12.31
C ASP D 56 -11.57 -17.66 -13.27
N ASP D 57 -10.40 -17.82 -13.89
CA ASP D 57 -10.19 -18.85 -14.92
C ASP D 57 -10.30 -20.27 -14.37
N ASP D 58 -10.17 -20.43 -13.05
CA ASP D 58 -10.27 -21.73 -12.43
C ASP D 58 -11.69 -22.11 -12.03
N ILE D 59 -12.60 -21.15 -11.96
CA ILE D 59 -13.94 -21.42 -11.45
C ILE D 59 -14.75 -22.39 -12.33
N PRO D 60 -14.76 -22.20 -13.67
CA PRO D 60 -15.58 -23.12 -14.47
C PRO D 60 -15.24 -24.60 -14.25
N GLY D 61 -13.95 -24.94 -14.26
CA GLY D 61 -13.50 -26.30 -14.05
C GLY D 61 -13.94 -26.89 -12.73
N LEU D 62 -13.98 -26.08 -11.67
CA LEU D 62 -14.47 -26.57 -10.37
C LEU D 62 -15.96 -26.90 -10.44
N ILE D 63 -16.71 -26.09 -11.17
CA ILE D 63 -18.14 -26.36 -11.36
C ILE D 63 -18.31 -27.60 -12.27
N PHE D 64 -17.57 -27.67 -13.37
CA PHE D 64 -17.68 -28.80 -14.31
C PHE D 64 -17.43 -30.12 -13.55
N ASP D 65 -16.45 -30.12 -12.63
CA ASP D 65 -16.08 -31.31 -11.90
C ASP D 65 -16.91 -31.55 -10.66
N GLY D 66 -17.79 -30.61 -10.35
CA GLY D 66 -18.73 -30.79 -9.25
C GLY D 66 -18.13 -30.66 -7.86
N VAL D 67 -16.95 -30.06 -7.74
CA VAL D 67 -16.30 -29.92 -6.41
C VAL D 67 -16.65 -28.63 -5.67
N VAL D 68 -17.32 -27.69 -6.35
CA VAL D 68 -18.04 -26.63 -5.67
C VAL D 68 -19.47 -26.66 -6.19
N ASP D 69 -20.38 -26.06 -5.44
CA ASP D 69 -21.80 -26.14 -5.76
C ASP D 69 -22.25 -25.01 -6.67
N LEU D 70 -21.85 -23.80 -6.31
CA LEU D 70 -22.25 -22.61 -7.05
C LEU D 70 -21.00 -21.82 -7.44
N GLY D 71 -21.15 -21.01 -8.48
CA GLY D 71 -20.08 -20.11 -8.91
C GLY D 71 -20.64 -18.81 -9.48
N ILE D 72 -19.94 -17.71 -9.25
CA ILE D 72 -20.23 -16.44 -9.94
C ILE D 72 -19.04 -16.12 -10.82
N ILE D 73 -19.30 -16.03 -12.13
CA ILE D 73 -18.24 -15.96 -13.11
C ILE D 73 -18.73 -15.27 -14.37
N GLY D 74 -17.85 -14.58 -15.08
CA GLY D 74 -18.22 -14.00 -16.38
C GLY D 74 -18.55 -15.07 -17.40
N GLU D 75 -19.57 -14.83 -18.21
CA GLU D 75 -19.90 -15.73 -19.34
C GLU D 75 -18.71 -16.02 -20.22
N ASN D 76 -17.89 -15.00 -20.49
CA ASN D 76 -16.73 -15.17 -21.33
C ASN D 76 -15.75 -16.23 -20.79
N VAL D 77 -15.49 -16.20 -19.50
CA VAL D 77 -14.58 -17.11 -18.87
C VAL D 77 -15.18 -18.52 -18.88
N LEU D 78 -16.47 -18.58 -18.61
CA LEU D 78 -17.19 -19.85 -18.58
C LEU D 78 -17.13 -20.53 -19.96
N GLU D 79 -17.44 -19.78 -21.01
CA GLU D 79 -17.47 -20.34 -22.35
C GLU D 79 -16.07 -20.64 -22.88
N GLU D 80 -15.10 -19.78 -22.57
CA GLU D 80 -13.71 -20.08 -22.91
C GLU D 80 -13.30 -21.44 -22.38
N ASN D 81 -13.60 -21.72 -21.12
CA ASN D 81 -13.23 -22.98 -20.50
C ASN D 81 -14.06 -24.17 -20.98
N GLU D 82 -15.34 -23.93 -21.24
CA GLU D 82 -16.20 -24.94 -21.85
C GLU D 82 -15.62 -25.40 -23.21
N LEU D 83 -15.27 -24.45 -24.06
CA LEU D 83 -14.63 -24.76 -25.33
C LEU D 83 -13.30 -25.50 -25.14
N GLU D 84 -12.49 -25.08 -24.18
CA GLU D 84 -11.24 -25.78 -23.96
C GLU D 84 -11.48 -27.24 -23.61
N ARG D 85 -12.41 -27.50 -22.69
CA ARG D 85 -12.69 -28.87 -22.24
C ARG D 85 -13.26 -29.70 -23.41
N GLN D 86 -14.17 -29.11 -24.18
CA GLN D 86 -14.73 -29.79 -25.35
C GLN D 86 -13.63 -30.14 -26.36
N SER D 87 -12.67 -29.25 -26.54
CA SER D 87 -11.55 -29.50 -27.47
C SER D 87 -10.70 -30.70 -27.04
N LEU D 88 -10.70 -31.01 -25.75
CA LEU D 88 -9.99 -32.17 -25.22
C LEU D 88 -10.86 -33.44 -25.20
N GLY D 89 -12.05 -33.40 -25.78
CA GLY D 89 -12.96 -34.53 -25.77
C GLY D 89 -13.88 -34.68 -24.56
N GLU D 90 -13.93 -33.69 -23.69
CA GLU D 90 -14.82 -33.78 -22.53
C GLU D 90 -16.21 -33.23 -22.82
N ASN D 91 -17.14 -33.47 -21.92
CA ASN D 91 -18.51 -32.97 -22.05
C ASN D 91 -18.88 -32.16 -20.80
N PRO D 92 -18.27 -30.96 -20.64
CA PRO D 92 -18.55 -30.19 -19.42
C PRO D 92 -20.01 -29.80 -19.38
N SER D 93 -20.61 -29.83 -18.20
CA SER D 93 -21.97 -29.30 -18.04
C SER D 93 -22.14 -28.59 -16.70
N TYR D 94 -23.20 -27.80 -16.64
CA TYR D 94 -23.54 -27.00 -15.48
C TYR D 94 -24.97 -26.49 -15.67
N LYS D 95 -25.53 -25.93 -14.63
CA LYS D 95 -26.83 -25.26 -14.69
C LYS D 95 -26.64 -23.75 -14.61
N LEU D 96 -27.23 -23.02 -15.55
CA LEU D 96 -27.27 -21.57 -15.45
C LEU D 96 -28.44 -21.16 -14.59
N LEU D 97 -28.16 -20.53 -13.46
CA LEU D 97 -29.22 -20.10 -12.56
C LEU D 97 -29.69 -18.69 -12.89
N LYS D 98 -28.77 -17.78 -13.17
CA LYS D 98 -29.16 -16.40 -13.39
C LYS D 98 -28.08 -15.64 -14.10
N LYS D 99 -28.49 -14.89 -15.11
CA LYS D 99 -27.62 -13.88 -15.70
C LYS D 99 -27.76 -12.64 -14.84
N LEU D 100 -26.64 -12.13 -14.34
CA LEU D 100 -26.65 -11.09 -13.34
C LEU D 100 -26.53 -9.71 -13.98
N ASP D 101 -26.59 -8.66 -13.18
CA ASP D 101 -26.61 -7.28 -13.70
C ASP D 101 -25.31 -6.52 -13.51
N PHE D 102 -24.19 -7.23 -13.52
CA PHE D 102 -22.88 -6.61 -13.47
C PHE D 102 -21.90 -7.48 -14.27
N GLY D 103 -20.67 -7.00 -14.39
CA GLY D 103 -19.65 -7.69 -15.15
C GLY D 103 -19.84 -7.56 -16.65
N TYR D 104 -20.58 -6.55 -17.10
CA TYR D 104 -20.82 -6.37 -18.54
C TYR D 104 -19.54 -6.05 -19.30
N CYS D 105 -19.30 -6.73 -20.40
CA CYS D 105 -18.18 -6.41 -21.28
C CYS D 105 -18.39 -7.03 -22.64
N ARG D 106 -17.60 -6.57 -23.61
CA ARG D 106 -17.59 -7.10 -24.97
C ARG D 106 -16.19 -7.65 -25.21
N LEU D 107 -16.09 -8.84 -25.79
CA LEU D 107 -14.81 -9.33 -26.29
C LEU D 107 -14.73 -8.89 -27.75
N SER D 108 -13.76 -8.04 -28.06
CA SER D 108 -13.64 -7.41 -29.35
C SER D 108 -12.26 -7.51 -29.97
N LEU D 109 -12.24 -7.65 -31.29
CA LEU D 109 -11.03 -7.43 -32.09
C LEU D 109 -10.74 -5.93 -32.20
N ALA D 110 -9.47 -5.58 -32.02
CA ALA D 110 -9.05 -4.20 -32.08
C ALA D 110 -7.68 -4.11 -32.76
N LEU D 111 -7.43 -2.95 -33.37
CA LEU D 111 -6.25 -2.69 -34.21
C LEU D 111 -5.72 -1.32 -33.85
N PRO D 112 -4.44 -1.07 -34.11
CA PRO D 112 -3.93 0.30 -33.93
C PRO D 112 -4.75 1.28 -34.76
N GLN D 113 -5.05 2.46 -34.21
CA GLN D 113 -5.84 3.48 -34.93
C GLN D 113 -5.35 3.78 -36.33
N GLU D 114 -4.04 3.74 -36.56
CA GLU D 114 -3.49 4.04 -37.89
C GLU D 114 -3.80 2.95 -38.93
N ASN D 115 -3.91 1.71 -38.52
CA ASN D 115 -4.21 0.61 -39.44
C ASN D 115 -5.52 0.80 -40.16
N LYS D 116 -5.55 0.43 -41.43
CA LYS D 116 -6.76 0.57 -42.24
C LYS D 116 -7.62 -0.66 -42.06
N PHE D 117 -8.88 -0.47 -41.68
CA PHE D 117 -9.83 -1.57 -41.60
C PHE D 117 -11.02 -1.32 -42.51
N GLN D 118 -11.22 -2.19 -43.49
CA GLN D 118 -12.41 -2.18 -44.31
C GLN D 118 -13.32 -3.34 -43.89
N ASN D 119 -12.74 -4.53 -43.73
CA ASN D 119 -13.51 -5.70 -43.31
C ASN D 119 -12.65 -6.78 -42.65
N LEU D 120 -13.32 -7.82 -42.18
CA LEU D 120 -12.69 -8.89 -41.41
C LEU D 120 -11.42 -9.48 -42.06
N LYS D 121 -11.34 -9.42 -43.39
CA LYS D 121 -10.20 -9.96 -44.13
C LYS D 121 -8.91 -9.21 -43.84
N ASP D 122 -8.99 -7.98 -43.32
CA ASP D 122 -7.79 -7.28 -42.82
C ASP D 122 -7.04 -7.94 -41.66
N PHE D 123 -7.67 -8.91 -41.00
CA PHE D 123 -7.02 -9.68 -39.94
C PHE D 123 -6.33 -10.91 -40.51
N GLU D 124 -6.54 -11.19 -41.80
CA GLU D 124 -5.90 -12.36 -42.46
C GLU D 124 -4.39 -12.33 -42.26
N GLY D 125 -3.87 -13.42 -41.72
CA GLY D 125 -2.45 -13.56 -41.49
C GLY D 125 -1.85 -12.75 -40.35
N LEU D 126 -2.65 -11.99 -39.61
CA LEU D 126 -2.11 -11.20 -38.49
C LEU D 126 -1.81 -12.06 -37.27
N ARG D 127 -0.81 -11.65 -36.50
CA ARG D 127 -0.64 -12.13 -35.12
C ARG D 127 -1.65 -11.39 -34.24
N ILE D 128 -2.49 -12.13 -33.53
CA ILE D 128 -3.51 -11.53 -32.66
C ILE D 128 -3.31 -11.99 -31.21
N ALA D 129 -3.06 -11.03 -30.32
CA ALA D 129 -2.84 -11.31 -28.91
C ALA D 129 -4.17 -11.36 -28.17
N THR D 130 -4.34 -12.37 -27.32
CA THR D 130 -5.58 -12.53 -26.56
C THR D 130 -5.36 -13.37 -25.30
N SER D 131 -6.23 -13.16 -24.30
CA SER D 131 -6.30 -14.06 -23.15
C SER D 131 -7.39 -15.11 -23.35
N TYR D 132 -8.14 -15.04 -24.46
CA TYR D 132 -9.26 -15.94 -24.73
C TYR D 132 -9.07 -16.67 -26.06
N PRO D 133 -8.05 -17.54 -26.13
CA PRO D 133 -7.70 -18.11 -27.43
C PRO D 133 -8.76 -19.02 -28.01
N GLN D 134 -9.53 -19.71 -27.16
CA GLN D 134 -10.62 -20.55 -27.67
C GLN D 134 -11.76 -19.71 -28.30
N LEU D 135 -12.20 -18.65 -27.62
CA LEU D 135 -13.24 -17.80 -28.16
C LEU D 135 -12.79 -17.15 -29.47
N LEU D 136 -11.54 -16.72 -29.53
CA LEU D 136 -11.00 -16.14 -30.75
C LEU D 136 -10.94 -17.20 -31.85
N LYS D 137 -10.39 -18.36 -31.53
CA LYS D 137 -10.23 -19.45 -32.52
C LYS D 137 -11.58 -19.82 -33.16
N ARG D 138 -12.60 -19.99 -32.33
CA ARG D 138 -13.93 -20.32 -32.85
C ARG D 138 -14.43 -19.27 -33.82
N PHE D 139 -14.32 -18.00 -33.45
CA PHE D 139 -14.82 -16.93 -34.29
C PHE D 139 -14.08 -16.87 -35.63
N MET D 140 -12.76 -17.00 -35.60
CA MET D 140 -11.97 -16.89 -36.82
C MET D 140 -12.18 -18.11 -37.73
N LYS D 141 -12.28 -19.29 -37.13
CA LYS D 141 -12.67 -20.51 -37.87
C LYS D 141 -14.02 -20.33 -38.57
N GLU D 142 -15.02 -19.91 -37.82
CA GLU D 142 -16.35 -19.64 -38.36
C GLU D 142 -16.35 -18.66 -39.52
N ASN D 143 -15.44 -17.69 -39.50
CA ASN D 143 -15.38 -16.70 -40.58
C ASN D 143 -14.28 -16.99 -41.59
N GLY D 144 -13.64 -18.16 -41.47
CA GLY D 144 -12.58 -18.58 -42.39
C GLY D 144 -11.38 -17.65 -42.50
N ILE D 145 -10.98 -17.04 -41.38
CA ILE D 145 -9.85 -16.12 -41.38
C ILE D 145 -8.66 -16.82 -40.73
N ASN D 146 -7.56 -16.91 -41.47
CA ASN D 146 -6.31 -17.44 -40.91
C ASN D 146 -5.61 -16.36 -40.12
N TYR D 147 -4.98 -16.75 -39.02
CA TYR D 147 -4.28 -15.79 -38.14
C TYR D 147 -3.28 -16.56 -37.30
N LYS D 148 -2.36 -15.84 -36.65
CA LYS D 148 -1.42 -16.46 -35.70
C LYS D 148 -1.82 -16.03 -34.28
N ASN D 149 -2.06 -17.00 -33.42
CA ASN D 149 -2.47 -16.74 -32.06
C ASN D 149 -1.28 -16.35 -31.20
N CYS D 150 -1.47 -15.35 -30.34
CA CYS D 150 -0.51 -15.05 -29.30
C CYS D 150 -1.25 -14.98 -27.96
N THR D 151 -1.01 -15.95 -27.09
CA THR D 151 -1.71 -15.99 -25.80
C THR D 151 -0.93 -15.17 -24.79
N LEU D 152 -1.61 -14.16 -24.24
CA LEU D 152 -1.06 -13.35 -23.18
C LEU D 152 -2.09 -13.35 -22.05
N THR D 153 -1.61 -13.47 -20.81
CA THR D 153 -2.49 -13.61 -19.65
C THR D 153 -2.97 -12.27 -19.14
N GLY D 154 -2.26 -11.19 -19.46
CA GLY D 154 -2.63 -9.87 -18.99
C GLY D 154 -1.98 -8.81 -19.85
N SER D 155 -2.41 -7.58 -19.64
CA SER D 155 -1.91 -6.42 -20.40
C SER D 155 -1.91 -6.63 -21.91
N VAL D 156 -2.98 -7.24 -22.40
CA VAL D 156 -3.07 -7.58 -23.82
C VAL D 156 -3.01 -6.32 -24.66
N GLU D 157 -3.57 -5.23 -24.14
CA GLU D 157 -3.62 -3.97 -24.87
C GLU D 157 -2.27 -3.39 -25.28
N VAL D 158 -1.19 -3.81 -24.61
N VAL D 158 -1.19 -3.81 -24.61
CA VAL D 158 0.14 -3.30 -24.92
CA VAL D 158 0.14 -3.33 -24.93
C VAL D 158 0.86 -4.12 -26.01
C VAL D 158 0.84 -4.12 -26.02
N ALA D 159 0.26 -5.24 -26.43
CA ALA D 159 0.94 -6.13 -27.35
C ALA D 159 1.33 -5.51 -28.70
N PRO D 160 0.44 -4.74 -29.32
CA PRO D 160 0.84 -4.08 -30.59
C PRO D 160 2.02 -3.12 -30.44
N ARG D 161 1.94 -2.24 -29.46
CA ARG D 161 3.03 -1.32 -29.20
C ARG D 161 4.31 -2.08 -28.88
N ALA D 162 4.16 -3.17 -28.16
CA ALA D 162 5.28 -3.99 -27.70
C ALA D 162 5.84 -4.83 -28.83
N ASN D 163 5.16 -4.81 -29.95
CA ASN D 163 5.50 -5.63 -31.09
C ASN D 163 5.42 -7.11 -30.82
N LEU D 164 4.50 -7.51 -29.95
CA LEU D 164 4.20 -8.91 -29.75
C LEU D 164 3.08 -9.41 -30.66
N ALA D 165 2.36 -8.48 -31.30
CA ALA D 165 1.26 -8.85 -32.18
C ALA D 165 0.84 -7.66 -33.01
N ASP D 166 0.08 -7.92 -34.07
CA ASP D 166 -0.42 -6.86 -34.94
C ASP D 166 -1.75 -6.31 -34.44
N ALA D 167 -2.47 -7.12 -33.67
CA ALA D 167 -3.83 -6.80 -33.23
C ALA D 167 -4.14 -7.54 -31.95
N ILE D 168 -5.29 -7.24 -31.36
CA ILE D 168 -5.70 -7.92 -30.15
C ILE D 168 -7.17 -8.31 -30.19
N CYS D 169 -7.50 -9.27 -29.33
CA CYS D 169 -8.86 -9.61 -29.04
C CYS D 169 -8.98 -9.55 -27.52
N ASP D 170 -9.66 -8.53 -27.00
CA ASP D 170 -9.72 -8.32 -25.54
C ASP D 170 -11.04 -7.71 -25.10
N LEU D 171 -11.27 -7.71 -23.79
CA LEU D 171 -12.50 -7.25 -23.20
C LEU D 171 -12.55 -5.73 -23.16
N VAL D 172 -13.72 -5.20 -23.47
CA VAL D 172 -13.98 -3.77 -23.47
C VAL D 172 -15.22 -3.53 -22.65
N SER D 173 -15.15 -2.53 -21.78
CA SER D 173 -16.32 -2.07 -21.04
C SER D 173 -16.60 -0.64 -21.41
N SER D 174 -15.78 0.28 -20.91
CA SER D 174 -15.94 1.71 -21.25
C SER D 174 -15.22 2.13 -22.54
N GLY D 175 -14.22 1.37 -22.96
CA GLY D 175 -13.42 1.73 -24.13
C GLY D 175 -12.20 2.57 -23.80
N ALA D 176 -12.03 2.93 -22.52
CA ALA D 176 -10.91 3.82 -22.12
C ALA D 176 -9.56 3.17 -22.36
N THR D 177 -9.46 1.89 -22.07
CA THR D 177 -8.17 1.17 -22.21
C THR D 177 -7.72 1.07 -23.66
N LEU D 178 -8.64 0.76 -24.57
CA LEU D 178 -8.32 0.78 -26.00
C LEU D 178 -7.82 2.18 -26.40
N GLN D 179 -8.56 3.21 -26.03
CA GLN D 179 -8.18 4.56 -26.41
C GLN D 179 -6.82 4.97 -25.85
N ALA D 180 -6.56 4.60 -24.60
CA ALA D 180 -5.29 4.92 -23.96
C ALA D 180 -4.12 4.28 -24.69
N ASN D 181 -4.39 3.24 -25.47
CA ASN D 181 -3.34 2.53 -26.17
C ASN D 181 -3.43 2.70 -27.67
N ASN D 182 -4.14 3.74 -28.10
CA ASN D 182 -4.29 4.07 -29.51
C ASN D 182 -4.85 2.92 -30.36
N LEU D 183 -5.79 2.17 -29.78
CA LEU D 183 -6.45 1.06 -30.46
C LEU D 183 -7.87 1.43 -30.81
N LYS D 184 -8.37 0.89 -31.93
CA LYS D 184 -9.75 1.09 -32.37
C LYS D 184 -10.47 -0.26 -32.29
N GLU D 185 -11.65 -0.26 -31.68
CA GLU D 185 -12.47 -1.45 -31.56
C GLU D 185 -13.15 -1.67 -32.90
N VAL D 186 -12.91 -2.81 -33.53
CA VAL D 186 -13.32 -3.05 -34.89
C VAL D 186 -14.45 -4.05 -35.06
N LYS D 187 -14.46 -5.09 -34.24
CA LYS D 187 -15.48 -6.13 -34.36
C LYS D 187 -15.72 -6.79 -33.02
N VAL D 188 -16.97 -6.79 -32.58
CA VAL D 188 -17.37 -7.49 -31.35
C VAL D 188 -17.58 -8.96 -31.66
N ILE D 189 -16.91 -9.85 -30.93
CA ILE D 189 -17.07 -11.28 -31.16
C ILE D 189 -17.87 -12.00 -30.09
N TYR D 190 -18.04 -11.39 -28.92
CA TYR D 190 -18.72 -12.04 -27.81
C TYR D 190 -19.15 -10.99 -26.80
N GLU D 191 -20.35 -11.12 -26.26
CA GLU D 191 -20.83 -10.22 -25.21
C GLU D 191 -21.08 -11.02 -23.92
N SER D 192 -20.72 -10.43 -22.79
CA SER D 192 -20.67 -11.15 -21.54
C SER D 192 -21.18 -10.32 -20.37
N ARG D 193 -21.73 -11.02 -19.40
CA ARG D 193 -21.99 -10.46 -18.07
C ARG D 193 -21.75 -11.56 -17.06
N ALA D 194 -21.70 -11.18 -15.79
CA ALA D 194 -21.55 -12.16 -14.71
C ALA D 194 -22.77 -13.04 -14.69
N CYS D 195 -22.58 -14.32 -14.43
N CYS D 195 -22.51 -14.30 -14.36
CA CYS D 195 -23.70 -15.21 -14.20
CA CYS D 195 -23.53 -15.34 -14.24
C CYS D 195 -23.47 -16.09 -12.98
C CYS D 195 -23.43 -16.05 -12.89
N LEU D 196 -24.56 -16.53 -12.37
CA LEU D 196 -24.55 -17.46 -11.27
C LEU D 196 -24.84 -18.83 -11.86
N ILE D 197 -23.93 -19.78 -11.60
CA ILE D 197 -24.07 -21.15 -12.13
C ILE D 197 -24.00 -22.16 -11.01
N GLN D 198 -24.48 -23.36 -11.31
CA GLN D 198 -24.53 -24.46 -10.36
C GLN D 198 -23.98 -25.73 -11.02
N LYS D 199 -23.38 -26.59 -10.25
CA LYS D 199 -22.92 -27.86 -10.77
C LYS D 199 -24.09 -28.69 -11.29
N GLU D 200 -23.79 -29.61 -12.21
CA GLU D 200 -24.82 -30.43 -12.84
C GLU D 200 -25.44 -31.43 -11.87
N ASN D 201 -24.61 -32.15 -11.12
CA ASN D 201 -25.14 -33.19 -10.23
C ASN D 201 -26.01 -32.61 -9.14
N ALA D 202 -27.13 -33.28 -8.89
CA ALA D 202 -28.13 -32.78 -7.97
C ALA D 202 -27.53 -32.57 -6.59
N LEU D 203 -27.97 -31.52 -5.92
CA LEU D 203 -27.55 -31.25 -4.55
C LEU D 203 -28.43 -32.06 -3.60
N SER D 204 -28.00 -32.18 -2.36
CA SER D 204 -28.88 -32.64 -1.29
C SER D 204 -30.11 -31.74 -1.22
N LYS D 205 -31.19 -32.27 -0.66
CA LYS D 205 -32.43 -31.48 -0.49
C LYS D 205 -32.20 -30.21 0.31
N GLU D 206 -31.40 -30.30 1.37
CA GLU D 206 -31.15 -29.15 2.23
C GLU D 206 -30.33 -28.07 1.51
N LYS D 207 -29.30 -28.48 0.76
CA LYS D 207 -28.51 -27.52 0.00
C LYS D 207 -29.34 -26.89 -1.11
N GLN D 208 -30.13 -27.68 -1.81
CA GLN D 208 -30.95 -27.13 -2.88
C GLN D 208 -31.96 -26.13 -2.30
N ALA D 209 -32.51 -26.44 -1.13
CA ALA D 209 -33.45 -25.52 -0.48
C ALA D 209 -32.80 -24.17 -0.15
N LEU D 210 -31.53 -24.20 0.25
CA LEU D 210 -30.82 -22.97 0.52
C LEU D 210 -30.55 -22.18 -0.76
N VAL D 211 -30.18 -22.88 -1.82
CA VAL D 211 -30.00 -22.25 -3.12
C VAL D 211 -31.30 -21.55 -3.50
N ASP D 212 -32.41 -22.26 -3.35
CA ASP D 212 -33.73 -21.69 -3.70
C ASP D 212 -33.98 -20.39 -2.92
N LYS D 213 -33.68 -20.39 -1.63
CA LYS D 213 -33.85 -19.20 -0.79
C LYS D 213 -32.98 -18.05 -1.25
N ILE D 214 -31.72 -18.34 -1.55
CA ILE D 214 -30.80 -17.33 -2.05
C ILE D 214 -31.33 -16.75 -3.36
N MET D 215 -31.81 -17.62 -4.25
CA MET D 215 -32.28 -17.19 -5.57
C MET D 215 -33.48 -16.24 -5.48
N LEU D 216 -34.37 -16.44 -4.51
CA LEU D 216 -35.49 -15.52 -4.31
C LEU D 216 -34.95 -14.13 -4.01
N ARG D 217 -33.91 -14.06 -3.18
CA ARG D 217 -33.30 -12.79 -2.80
C ARG D 217 -32.51 -12.15 -3.90
N VAL D 218 -31.79 -12.97 -4.67
CA VAL D 218 -31.12 -12.48 -5.86
C VAL D 218 -32.14 -11.78 -6.78
N ALA D 219 -33.28 -12.41 -7.00
CA ALA D 219 -34.31 -11.83 -7.88
C ALA D 219 -34.80 -10.50 -7.30
N GLY D 220 -34.97 -10.47 -5.98
CA GLY D 220 -35.36 -9.24 -5.28
C GLY D 220 -34.39 -8.09 -5.50
N VAL D 221 -33.08 -8.39 -5.40
CA VAL D 221 -32.06 -7.38 -5.60
C VAL D 221 -32.09 -6.89 -7.06
N MET D 222 -32.15 -7.82 -8.00
CA MET D 222 -32.06 -7.45 -9.41
C MET D 222 -33.27 -6.65 -9.85
N GLN D 223 -34.43 -7.00 -9.34
CA GLN D 223 -35.67 -6.30 -9.65
C GLN D 223 -35.64 -4.84 -9.16
N ALA D 224 -35.04 -4.62 -8.00
CA ALA D 224 -34.97 -3.28 -7.40
C ALA D 224 -33.85 -2.39 -7.94
N ARG D 225 -32.98 -2.93 -8.77
CA ARG D 225 -31.67 -2.35 -8.95
C ARG D 225 -31.64 -0.89 -9.42
N GLU D 226 -32.45 -0.53 -10.39
CA GLU D 226 -32.46 0.85 -10.87
C GLU D 226 -33.73 1.62 -10.46
N SER D 227 -34.44 1.11 -9.46
CA SER D 227 -35.77 1.61 -9.09
C SER D 227 -35.74 2.36 -7.77
N LYS D 228 -36.62 3.35 -7.65
CA LYS D 228 -36.78 4.11 -6.44
C LYS D 228 -38.25 4.26 -6.10
N TYR D 229 -38.51 4.59 -4.85
CA TYR D 229 -39.85 4.83 -4.38
C TYR D 229 -40.10 6.32 -4.37
N ILE D 230 -41.01 6.76 -5.23
CA ILE D 230 -41.29 8.18 -5.42
C ILE D 230 -42.53 8.59 -4.64
N MET D 231 -42.44 9.70 -3.92
CA MET D 231 -43.58 10.23 -3.19
C MET D 231 -43.76 11.67 -3.60
N LEU D 232 -45.00 12.11 -3.68
CA LEU D 232 -45.26 13.48 -4.02
C LEU D 232 -46.66 13.89 -3.56
N HIS D 233 -46.90 15.19 -3.55
CA HIS D 233 -48.24 15.74 -3.29
C HIS D 233 -48.81 16.25 -4.58
N ALA D 234 -50.11 16.07 -4.76
CA ALA D 234 -50.79 16.63 -5.93
C ALA D 234 -52.25 16.91 -5.61
N PRO D 235 -52.86 17.83 -6.35
CA PRO D 235 -54.31 17.98 -6.23
C PRO D 235 -55.02 16.68 -6.64
N LYS D 236 -56.06 16.33 -5.90
CA LYS D 236 -56.88 15.14 -6.21
C LYS D 236 -57.34 15.11 -7.66
N GLU D 237 -57.73 16.27 -8.18
CA GLU D 237 -58.21 16.37 -9.55
C GLU D 237 -57.13 15.99 -10.58
N LYS D 238 -55.87 16.05 -10.21
CA LYS D 238 -54.78 15.72 -11.12
C LYS D 238 -54.33 14.24 -11.09
N LEU D 239 -55.02 13.41 -10.32
CA LEU D 239 -54.63 12.02 -10.16
C LEU D 239 -54.41 11.33 -11.49
N ASP D 240 -55.37 11.48 -12.42
CA ASP D 240 -55.29 10.73 -13.65
C ASP D 240 -54.12 11.18 -14.52
N LYS D 241 -53.86 12.47 -14.60
CA LYS D 241 -52.77 12.97 -15.38
C LYS D 241 -51.43 12.53 -14.79
N ILE D 242 -51.30 12.61 -13.47
CA ILE D 242 -50.06 12.18 -12.82
C ILE D 242 -49.85 10.68 -12.95
N GLN D 243 -50.91 9.89 -12.76
CA GLN D 243 -50.83 8.45 -12.99
C GLN D 243 -50.38 8.11 -14.42
N ALA D 244 -50.83 8.87 -15.41
CA ALA D 244 -50.42 8.63 -16.82
C ALA D 244 -48.91 8.86 -16.98
N LEU D 245 -48.37 9.84 -16.26
CA LEU D 245 -46.93 10.11 -16.34
C LEU D 245 -46.06 9.16 -15.52
N LEU D 246 -46.57 8.79 -14.34
CA LEU D 246 -45.82 7.99 -13.38
C LEU D 246 -46.77 6.92 -12.83
N PRO D 247 -46.83 5.76 -13.50
CA PRO D 247 -47.90 4.81 -13.21
C PRO D 247 -47.70 3.92 -11.99
N GLY D 248 -46.47 3.83 -11.49
CA GLY D 248 -46.15 2.86 -10.45
C GLY D 248 -45.95 1.47 -11.06
N VAL D 249 -45.59 0.50 -10.22
CA VAL D 249 -45.41 -0.88 -10.73
C VAL D 249 -46.77 -1.54 -10.89
N GLU D 250 -47.79 -1.07 -10.17
CA GLU D 250 -49.15 -1.49 -10.44
C GLU D 250 -50.04 -0.28 -10.57
N ARG D 251 -50.17 0.50 -9.49
CA ARG D 251 -50.92 1.75 -9.55
C ARG D 251 -50.58 2.59 -8.33
N PRO D 252 -50.71 3.91 -8.46
CA PRO D 252 -50.25 4.71 -7.34
C PRO D 252 -51.00 4.44 -6.06
N THR D 253 -50.26 4.46 -4.95
CA THR D 253 -50.86 4.51 -3.64
C THR D 253 -51.34 5.94 -3.45
N ILE D 254 -52.52 6.09 -2.87
CA ILE D 254 -53.13 7.40 -2.68
C ILE D 254 -53.48 7.61 -1.20
N LEU D 255 -52.85 8.64 -0.61
CA LEU D 255 -52.81 8.82 0.85
C LEU D 255 -53.35 10.19 1.25
N PRO D 256 -54.26 10.24 2.23
CA PRO D 256 -54.78 11.53 2.71
C PRO D 256 -53.71 12.37 3.39
N LEU D 257 -53.91 13.69 3.34
CA LEU D 257 -53.08 14.66 4.02
C LEU D 257 -53.87 15.31 5.13
N ALA D 258 -53.20 15.65 6.23
CA ALA D 258 -53.88 16.18 7.41
C ALA D 258 -54.71 17.44 7.10
N HIS D 259 -55.98 17.39 7.47
CA HIS D 259 -56.91 18.53 7.32
C HIS D 259 -57.01 19.06 5.88
N ASP D 260 -56.88 18.18 4.91
CA ASP D 260 -56.81 18.59 3.50
C ASP D 260 -57.70 17.64 2.72
N GLU D 261 -58.74 18.19 2.10
CA GLU D 261 -59.60 17.39 1.22
C GLU D 261 -59.33 17.65 -0.27
N LYS D 262 -58.43 18.60 -0.58
CA LYS D 262 -58.12 18.99 -1.96
C LYS D 262 -56.93 18.26 -2.56
N ASN D 263 -55.95 17.92 -1.72
CA ASN D 263 -54.71 17.34 -2.17
C ASN D 263 -54.48 16.00 -1.47
N VAL D 264 -53.66 15.17 -2.12
CA VAL D 264 -53.29 13.88 -1.59
C VAL D 264 -51.80 13.67 -1.79
N ALA D 265 -51.25 12.73 -1.06
CA ALA D 265 -49.95 12.19 -1.41
C ALA D 265 -50.14 11.02 -2.35
N LEU D 266 -49.25 10.89 -3.32
CA LEU D 266 -49.24 9.76 -4.24
C LEU D 266 -47.88 9.12 -4.14
N HIS D 267 -47.84 7.79 -4.09
CA HIS D 267 -46.56 7.06 -4.07
C HIS D 267 -46.52 6.07 -5.24
N MET D 268 -45.37 6.04 -5.92
CA MET D 268 -45.16 5.16 -7.07
C MET D 268 -43.73 4.67 -7.10
N VAL D 269 -43.54 3.38 -7.38
CA VAL D 269 -42.24 2.87 -7.75
C VAL D 269 -41.94 3.29 -9.19
N SER D 270 -40.71 3.71 -9.45
CA SER D 270 -40.25 4.08 -10.78
C SER D 270 -38.77 3.75 -10.95
N LYS D 271 -38.39 3.35 -12.16
CA LYS D 271 -36.99 3.39 -12.56
C LYS D 271 -36.54 4.82 -12.40
N GLU D 272 -35.33 5.03 -11.87
CA GLU D 272 -34.97 6.40 -11.51
C GLU D 272 -34.80 7.29 -12.73
N ASN D 273 -34.17 6.78 -13.78
CA ASN D 273 -33.95 7.63 -14.96
C ASN D 273 -35.29 8.03 -15.60
N LEU D 274 -36.24 7.11 -15.64
CA LEU D 274 -37.61 7.44 -16.13
C LEU D 274 -38.28 8.50 -15.26
N PHE D 275 -38.08 8.41 -13.93
CA PHE D 275 -38.57 9.46 -13.06
C PHE D 275 -38.02 10.84 -13.44
N TRP D 276 -36.71 10.95 -13.56
CA TRP D 276 -36.11 12.25 -13.93
C TRP D 276 -36.58 12.76 -15.30
N GLU D 277 -36.79 11.86 -16.24
CA GLU D 277 -37.32 12.20 -17.58
C GLU D 277 -38.76 12.78 -17.52
N THR D 278 -39.53 12.46 -16.48
N THR D 278 -39.54 12.44 -16.49
CA THR D 278 -40.88 12.99 -16.36
CA THR D 278 -40.90 12.97 -16.38
C THR D 278 -41.09 14.03 -15.29
C THR D 278 -41.09 14.02 -15.29
N MET D 279 -40.03 14.36 -14.57
CA MET D 279 -40.18 15.17 -13.37
C MET D 279 -40.74 16.56 -13.66
N GLU D 280 -40.30 17.18 -14.75
CA GLU D 280 -40.82 18.50 -15.11
C GLU D 280 -42.30 18.48 -15.50
N ALA D 281 -42.72 17.44 -16.22
CA ALA D 281 -44.14 17.29 -16.55
C ALA D 281 -44.97 17.07 -15.27
N LEU D 282 -44.40 16.38 -14.27
CA LEU D 282 -45.09 16.19 -13.00
C LEU D 282 -45.32 17.54 -12.33
N LYS D 283 -44.29 18.37 -12.30
CA LYS D 283 -44.44 19.72 -11.76
C LYS D 283 -45.46 20.54 -12.52
N GLU D 284 -45.45 20.43 -13.85
CA GLU D 284 -46.46 21.12 -14.68
C GLU D 284 -47.88 20.73 -14.31
N GLU D 285 -48.08 19.46 -13.95
CA GLU D 285 -49.39 18.98 -13.49
C GLU D 285 -49.67 19.19 -12.00
N GLY D 286 -48.86 19.99 -11.33
CA GLY D 286 -49.17 20.38 -9.94
C GLY D 286 -48.50 19.56 -8.85
N ALA D 287 -47.56 18.69 -9.20
CA ALA D 287 -46.86 17.90 -8.17
C ALA D 287 -45.93 18.77 -7.38
N SER D 288 -45.83 18.52 -6.07
CA SER D 288 -44.90 19.22 -5.20
C SER D 288 -44.33 18.27 -4.14
N SER D 289 -43.29 18.73 -3.45
CA SER D 289 -42.63 17.96 -2.39
C SER D 289 -42.34 16.55 -2.84
N ILE D 290 -41.61 16.45 -3.93
CA ILE D 290 -41.33 15.18 -4.55
C ILE D 290 -40.09 14.57 -3.91
N LEU D 291 -40.23 13.33 -3.43
CA LEU D 291 -39.16 12.62 -2.72
C LEU D 291 -38.78 11.36 -3.48
N VAL D 292 -37.48 11.07 -3.44
CA VAL D 292 -36.92 9.87 -4.04
C VAL D 292 -36.27 9.07 -2.91
N LEU D 293 -36.83 7.90 -2.63
CA LEU D 293 -36.34 6.98 -1.60
C LEU D 293 -35.80 5.71 -2.21
N PRO D 294 -34.85 5.06 -1.52
CA PRO D 294 -34.26 3.83 -2.04
C PRO D 294 -35.19 2.64 -1.88
N ILE D 295 -34.99 1.63 -2.72
CA ILE D 295 -35.64 0.33 -2.58
C ILE D 295 -34.52 -0.72 -2.64
N GLU D 296 -34.44 -1.59 -1.64
CA GLU D 296 -33.38 -2.59 -1.59
C GLU D 296 -33.74 -3.89 -2.29
N LYS D 297 -35.00 -4.30 -2.20
CA LYS D 297 -35.49 -5.44 -2.95
C LYS D 297 -36.91 -5.16 -3.42
N MET D 298 -37.24 -5.73 -4.56
CA MET D 298 -38.60 -5.72 -5.06
C MET D 298 -38.98 -7.10 -5.60
N LEU D 299 -40.17 -7.57 -5.26
CA LEU D 299 -40.71 -8.79 -5.83
C LEU D 299 -42.07 -8.49 -6.38
N LYS D 300 -42.21 -8.70 -7.70
N LYS D 300 -42.19 -8.39 -7.71
CA LYS D 300 -43.36 -8.20 -8.47
CA LYS D 300 -43.47 -7.96 -8.34
C LYS D 300 -44.46 -9.25 -8.36
C LYS D 300 -44.58 -9.03 -8.23
N ASN E 5 -15.04 17.92 -29.44
CA ASN E 5 -15.47 16.77 -28.58
C ASN E 5 -16.94 16.40 -28.77
N THR E 6 -17.17 15.12 -29.04
CA THR E 6 -18.53 14.59 -29.15
C THR E 6 -19.28 14.66 -27.80
N ARG E 7 -18.60 14.35 -26.71
CA ARG E 7 -19.22 14.10 -25.43
C ARG E 7 -18.96 15.23 -24.43
N LEU E 8 -19.90 15.43 -23.52
CA LEU E 8 -19.75 16.42 -22.45
C LEU E 8 -18.53 16.07 -21.58
N ARG E 9 -17.69 17.05 -21.26
CA ARG E 9 -16.44 16.82 -20.55
C ARG E 9 -16.41 17.53 -19.21
N ILE E 10 -16.18 16.75 -18.15
CA ILE E 10 -16.20 17.28 -16.80
C ILE E 10 -14.88 16.99 -16.11
N ALA E 11 -14.25 18.04 -15.60
CA ALA E 11 -12.98 17.93 -14.87
C ALA E 11 -13.26 17.88 -13.38
N ILE E 12 -12.67 16.90 -12.71
CA ILE E 12 -12.73 16.78 -11.27
C ILE E 12 -11.33 16.58 -10.71
N GLN E 13 -11.20 16.83 -9.41
CA GLN E 13 -9.94 16.66 -8.72
C GLN E 13 -9.47 15.24 -8.75
N LYS E 14 -8.16 15.07 -8.84
CA LYS E 14 -7.51 13.75 -8.90
C LYS E 14 -7.46 13.12 -7.48
N SER E 15 -7.30 13.92 -6.43
CA SER E 15 -7.27 13.41 -5.04
C SER E 15 -7.90 14.34 -4.01
N GLY E 16 -7.95 13.90 -2.76
CA GLY E 16 -8.57 14.67 -1.69
C GLY E 16 -10.00 14.23 -1.43
N ARG E 17 -10.54 14.62 -0.29
CA ARG E 17 -11.94 14.33 0.06
C ARG E 17 -12.87 14.94 -0.99
N LEU E 18 -12.46 16.09 -1.53
CA LEU E 18 -13.22 16.75 -2.59
C LEU E 18 -13.39 15.86 -3.82
N SER E 19 -12.34 15.15 -4.22
CA SER E 19 -12.40 14.19 -5.29
C SER E 19 -13.44 13.06 -5.07
N LYS E 20 -13.45 12.48 -3.87
CA LYS E 20 -14.40 11.39 -3.55
C LYS E 20 -15.84 11.90 -3.57
N GLU E 21 -16.08 13.07 -2.99
CA GLU E 21 -17.41 13.66 -2.99
C GLU E 21 -17.88 14.04 -4.39
N SER E 22 -16.94 14.43 -5.27
CA SER E 22 -17.29 14.79 -6.65
C SER E 22 -17.77 13.57 -7.41
N ILE E 23 -17.04 12.46 -7.27
CA ILE E 23 -17.42 11.19 -7.86
C ILE E 23 -18.77 10.71 -7.34
N GLU E 24 -18.97 10.81 -6.03
CA GLU E 24 -20.27 10.42 -5.42
C GLU E 24 -21.42 11.29 -5.96
N LEU E 25 -21.21 12.60 -6.04
CA LEU E 25 -22.24 13.48 -6.59
C LEU E 25 -22.63 13.07 -8.02
N LEU E 26 -21.64 12.82 -8.87
CA LEU E 26 -21.90 12.43 -10.23
C LEU E 26 -22.67 11.11 -10.27
N SER E 27 -22.27 10.16 -9.42
CA SER E 27 -22.95 8.89 -9.34
C SER E 27 -24.43 9.08 -8.93
N GLU E 28 -24.68 9.90 -7.93
CA GLU E 28 -26.05 10.22 -7.49
C GLU E 28 -26.85 10.99 -8.54
N CYS E 29 -26.15 11.67 -9.46
CA CYS E 29 -26.81 12.32 -10.58
C CYS E 29 -26.97 11.39 -11.80
N GLY E 30 -26.71 10.09 -11.64
CA GLY E 30 -27.00 9.10 -12.66
C GLY E 30 -25.88 8.86 -13.65
N VAL E 31 -24.68 9.33 -13.34
CA VAL E 31 -23.53 9.09 -14.21
C VAL E 31 -22.83 7.81 -13.75
N LYS E 32 -22.99 6.73 -14.53
CA LYS E 32 -22.28 5.49 -14.26
C LYS E 32 -20.90 5.54 -14.88
N MET E 33 -19.92 5.14 -14.10
CA MET E 33 -18.54 5.14 -14.53
C MET E 33 -17.75 4.22 -13.61
N HIS E 34 -16.64 3.71 -14.10
CA HIS E 34 -15.67 2.93 -13.34
C HIS E 34 -14.35 3.69 -13.42
N ILE E 35 -14.03 4.44 -12.36
CA ILE E 35 -12.86 5.32 -12.30
C ILE E 35 -11.86 4.77 -11.29
N SER E 39 -6.61 5.62 -13.74
CA SER E 39 -7.21 6.13 -14.98
C SER E 39 -7.43 7.64 -14.85
N LEU E 40 -6.90 8.38 -15.81
CA LEU E 40 -6.98 9.85 -15.84
C LEU E 40 -8.15 10.36 -16.69
N ILE E 41 -8.55 9.57 -17.68
CA ILE E 41 -9.77 9.84 -18.43
C ILE E 41 -10.69 8.66 -18.26
N ALA E 42 -11.90 8.93 -17.81
CA ALA E 42 -12.91 7.89 -17.69
C ALA E 42 -14.07 8.25 -18.59
N PHE E 43 -14.72 7.22 -19.13
CA PHE E 43 -15.86 7.39 -20.01
C PHE E 43 -17.09 6.80 -19.34
N SER E 44 -18.12 7.62 -19.12
CA SER E 44 -19.36 7.11 -18.56
C SER E 44 -19.92 6.02 -19.48
N THR E 45 -20.44 4.96 -18.89
CA THR E 45 -20.94 3.82 -19.65
C THR E 45 -22.40 3.99 -20.06
N ASN E 46 -23.13 4.91 -19.42
CA ASN E 46 -24.53 5.10 -19.73
C ASN E 46 -24.90 6.48 -20.28
N LEU E 47 -24.00 7.44 -20.19
CA LEU E 47 -24.26 8.78 -20.70
C LEU E 47 -23.08 9.24 -21.55
N PRO E 48 -23.33 10.16 -22.49
CA PRO E 48 -22.23 10.70 -23.29
C PRO E 48 -21.43 11.75 -22.51
N ILE E 49 -20.66 11.27 -21.54
CA ILE E 49 -19.90 12.12 -20.63
C ILE E 49 -18.52 11.53 -20.42
N ASP E 50 -17.50 12.38 -20.46
CA ASP E 50 -16.13 11.99 -20.13
C ASP E 50 -15.74 12.72 -18.87
N ILE E 51 -15.07 12.01 -17.97
CA ILE E 51 -14.61 12.57 -16.71
C ILE E 51 -13.09 12.64 -16.74
N LEU E 52 -12.55 13.83 -16.54
CA LEU E 52 -11.10 14.03 -16.54
C LEU E 52 -10.67 14.28 -15.12
N ARG E 53 -9.76 13.46 -14.62
CA ARG E 53 -9.24 13.62 -13.28
C ARG E 53 -7.94 14.41 -13.36
N VAL E 54 -7.92 15.59 -12.75
CA VAL E 54 -6.76 16.47 -12.87
C VAL E 54 -6.47 17.14 -11.54
N ARG E 55 -5.24 17.63 -11.39
CA ARG E 55 -4.84 18.31 -10.18
C ARG E 55 -5.74 19.51 -10.01
N ASP E 56 -6.23 19.74 -8.78
CA ASP E 56 -7.16 20.83 -8.53
C ASP E 56 -6.73 22.18 -9.12
N ASP E 57 -5.46 22.52 -8.93
CA ASP E 57 -4.93 23.82 -9.33
C ASP E 57 -4.97 24.03 -10.84
N ASP E 58 -5.06 22.95 -11.60
CA ASP E 58 -5.12 23.02 -13.06
C ASP E 58 -6.55 23.17 -13.60
N ILE E 59 -7.58 22.89 -12.80
CA ILE E 59 -8.95 22.88 -13.30
C ILE E 59 -9.44 24.27 -13.76
N PRO E 60 -9.24 25.33 -12.96
CA PRO E 60 -9.74 26.64 -13.41
C PRO E 60 -9.26 27.06 -14.80
N GLY E 61 -7.96 26.92 -15.06
CA GLY E 61 -7.41 27.23 -16.37
C GLY E 61 -8.02 26.48 -17.52
N LEU E 62 -8.37 25.21 -17.31
CA LEU E 62 -9.01 24.44 -18.37
C LEU E 62 -10.39 24.98 -18.69
N ILE E 63 -11.09 25.41 -17.64
CA ILE E 63 -12.40 26.02 -17.82
C ILE E 63 -12.24 27.39 -18.48
N PHE E 64 -11.31 28.21 -17.99
CA PHE E 64 -11.08 29.55 -18.55
C PHE E 64 -10.82 29.47 -20.06
N ASP E 65 -10.04 28.47 -20.48
CA ASP E 65 -9.67 28.29 -21.88
C ASP E 65 -10.70 27.53 -22.69
N GLY E 66 -11.73 27.01 -22.03
CA GLY E 66 -12.82 26.35 -22.73
C GLY E 66 -12.51 24.96 -23.27
N VAL E 67 -11.47 24.31 -22.77
CA VAL E 67 -11.11 22.97 -23.26
C VAL E 67 -11.76 21.81 -22.48
N VAL E 68 -12.39 22.12 -21.34
CA VAL E 68 -13.39 21.21 -20.74
C VAL E 68 -14.68 22.01 -20.55
N ASP E 69 -15.79 21.32 -20.41
CA ASP E 69 -17.11 21.96 -20.36
C ASP E 69 -17.51 22.32 -18.94
N LEU E 70 -17.33 21.38 -18.03
CA LEU E 70 -17.70 21.56 -16.61
C LEU E 70 -16.53 21.25 -15.70
N GLY E 71 -16.56 21.80 -14.50
CA GLY E 71 -15.55 21.51 -13.49
C GLY E 71 -16.12 21.59 -12.11
N ILE E 72 -15.62 20.73 -11.22
CA ILE E 72 -15.94 20.82 -9.80
C ILE E 72 -14.66 21.16 -9.08
N ILE E 73 -14.68 22.28 -8.38
CA ILE E 73 -13.46 22.85 -7.80
C ILE E 73 -13.78 23.73 -6.60
N GLY E 74 -12.86 23.83 -5.65
CA GLY E 74 -13.05 24.74 -4.54
C GLY E 74 -13.07 26.18 -5.00
N GLU E 75 -13.94 27.00 -4.40
CA GLU E 75 -13.97 28.45 -4.63
C GLU E 75 -12.60 29.08 -4.44
N ASN E 76 -11.88 28.65 -3.42
CA ASN E 76 -10.54 29.16 -3.17
C ASN E 76 -9.56 28.97 -4.34
N VAL E 77 -9.54 27.77 -4.91
CA VAL E 77 -8.65 27.44 -6.01
C VAL E 77 -9.07 28.23 -7.26
N LEU E 78 -10.37 28.32 -7.47
CA LEU E 78 -10.91 29.05 -8.61
C LEU E 78 -10.50 30.53 -8.54
N GLU E 79 -10.68 31.16 -7.39
CA GLU E 79 -10.39 32.57 -7.22
C GLU E 79 -8.88 32.83 -7.22
N GLU E 80 -8.10 31.93 -6.62
CA GLU E 80 -6.64 32.04 -6.67
C GLU E 80 -6.18 32.12 -8.13
N ASN E 81 -6.69 31.22 -8.96
CA ASN E 81 -6.29 31.18 -10.37
C ASN E 81 -6.86 32.33 -11.22
N GLU E 82 -8.08 32.76 -10.89
CA GLU E 82 -8.67 33.93 -11.50
C GLU E 82 -7.79 35.15 -11.24
N LEU E 83 -7.40 35.37 -9.98
CA LEU E 83 -6.49 36.44 -9.64
C LEU E 83 -5.15 36.33 -10.36
N GLU E 84 -4.58 35.14 -10.43
CA GLU E 84 -3.32 34.97 -11.13
C GLU E 84 -3.44 35.38 -12.60
N ARG E 85 -4.48 34.92 -13.29
CA ARG E 85 -4.69 35.27 -14.69
C ARG E 85 -4.92 36.78 -14.87
N GLN E 86 -5.72 37.37 -13.99
CA GLN E 86 -5.95 38.82 -14.02
C GLN E 86 -4.66 39.61 -13.81
N SER E 87 -3.78 39.13 -12.93
CA SER E 87 -2.49 39.77 -12.71
C SER E 87 -1.60 39.75 -13.97
N LEU E 88 -1.81 38.80 -14.85
CA LEU E 88 -1.08 38.73 -16.12
C LEU E 88 -1.78 39.49 -17.25
N GLY E 89 -2.83 40.24 -16.94
CA GLY E 89 -3.56 40.99 -17.95
C GLY E 89 -4.66 40.24 -18.68
N GLU E 90 -5.02 39.04 -18.24
CA GLU E 90 -6.10 38.30 -18.90
C GLU E 90 -7.46 38.60 -18.28
N ASN E 91 -8.52 38.18 -18.95
CA ASN E 91 -9.89 38.35 -18.46
C ASN E 91 -10.59 36.98 -18.38
N PRO E 92 -10.19 36.14 -17.40
CA PRO E 92 -10.76 34.80 -17.33
C PRO E 92 -12.24 34.92 -17.07
N SER E 93 -13.05 34.08 -17.72
CA SER E 93 -14.45 33.99 -17.38
C SER E 93 -14.98 32.55 -17.41
N TYR E 94 -16.14 32.39 -16.79
CA TYR E 94 -16.79 31.09 -16.62
C TYR E 94 -18.21 31.36 -16.14
N LYS E 95 -19.04 30.34 -16.14
CA LYS E 95 -20.36 30.40 -15.55
C LYS E 95 -20.37 29.62 -14.23
N LEU E 96 -20.85 30.24 -13.17
CA LEU E 96 -21.06 29.52 -11.92
C LEU E 96 -22.42 28.86 -11.99
N LEU E 97 -22.45 27.53 -11.93
CA LEU E 97 -23.69 26.79 -11.96
C LEU E 97 -24.26 26.56 -10.57
N LYS E 98 -23.43 26.19 -9.61
CA LYS E 98 -23.93 25.84 -8.30
C LYS E 98 -22.84 25.86 -7.27
N LYS E 99 -23.14 26.48 -6.15
CA LYS E 99 -22.35 26.38 -4.94
C LYS E 99 -22.76 25.07 -4.30
N LEU E 100 -21.82 24.15 -4.06
CA LEU E 100 -22.17 22.81 -3.59
C LEU E 100 -22.06 22.70 -2.07
N ASP E 101 -22.43 21.55 -1.51
CA ASP E 101 -22.52 21.39 -0.04
C ASP E 101 -21.40 20.53 0.56
N PHE E 102 -20.22 20.57 -0.04
CA PHE E 102 -19.05 19.93 0.51
C PHE E 102 -17.81 20.74 0.15
N GLY E 103 -16.66 20.31 0.64
CA GLY E 103 -15.40 21.02 0.44
C GLY E 103 -15.24 22.28 1.29
N TYR E 104 -16.00 22.38 2.38
CA TYR E 104 -15.94 23.56 3.22
C TYR E 104 -14.58 23.73 3.90
N CYS E 105 -14.03 24.94 3.83
CA CYS E 105 -12.79 25.26 4.54
C CYS E 105 -12.62 26.76 4.63
N ARG E 106 -11.73 27.18 5.52
CA ARG E 106 -11.39 28.57 5.72
C ARG E 106 -9.92 28.71 5.35
N LEU E 107 -9.59 29.72 4.57
CA LEU E 107 -8.18 30.10 4.38
C LEU E 107 -7.84 31.13 5.43
N SER E 108 -6.93 30.78 6.33
CA SER E 108 -6.65 31.56 7.53
C SER E 108 -5.18 31.82 7.78
N LEU E 109 -4.89 33.02 8.28
CA LEU E 109 -3.60 33.35 8.88
C LEU E 109 -3.46 32.68 10.25
N ALA E 110 -2.30 32.08 10.48
CA ALA E 110 -2.05 31.38 11.72
C ALA E 110 -0.60 31.63 12.15
N LEU E 111 -0.37 31.58 13.47
CA LEU E 111 0.91 31.88 14.09
C LEU E 111 1.21 30.82 15.13
N PRO E 112 2.50 30.63 15.47
CA PRO E 112 2.82 29.72 16.59
C PRO E 112 2.09 30.14 17.87
N GLN E 113 1.57 29.18 18.62
CA GLN E 113 0.80 29.48 19.83
C GLN E 113 1.50 30.39 20.82
N GLU E 114 2.81 30.33 20.91
CA GLU E 114 3.55 31.23 21.81
C GLU E 114 3.51 32.69 21.34
N ASN E 115 3.48 32.93 20.03
CA ASN E 115 3.48 34.31 19.51
C ASN E 115 2.27 35.13 19.98
N LYS E 116 2.51 36.38 20.36
CA LYS E 116 1.47 37.28 20.85
C LYS E 116 0.76 37.90 19.66
N PHE E 117 -0.56 37.78 19.62
CA PHE E 117 -1.35 38.43 18.59
C PHE E 117 -2.39 39.36 19.21
N GLN E 118 -2.29 40.66 18.93
CA GLN E 118 -3.33 41.63 19.27
C GLN E 118 -4.09 42.08 18.00
N ASN E 119 -3.33 42.49 16.96
CA ASN E 119 -3.81 43.13 15.74
C ASN E 119 -3.23 42.50 14.50
N LEU E 120 -3.90 42.63 13.34
CA LEU E 120 -3.30 42.27 12.04
C LEU E 120 -1.89 42.86 11.85
N LYS E 121 -1.58 43.96 12.55
CA LYS E 121 -0.26 44.59 12.45
C LYS E 121 0.87 43.70 12.97
N ASP E 122 0.55 42.71 13.80
CA ASP E 122 1.53 41.69 14.23
C ASP E 122 2.13 40.82 13.08
N PHE E 123 1.51 40.88 11.90
CA PHE E 123 2.04 40.18 10.71
C PHE E 123 2.95 41.09 9.90
N GLU E 124 3.02 42.37 10.28
CA GLU E 124 3.90 43.33 9.64
C GLU E 124 5.32 42.81 9.53
N GLY E 125 5.83 42.76 8.32
CA GLY E 125 7.20 42.31 8.08
C GLY E 125 7.49 40.83 8.28
N LEU E 126 6.49 40.01 8.60
CA LEU E 126 6.71 38.56 8.72
C LEU E 126 6.85 37.84 7.36
N ARG E 127 7.64 36.77 7.35
CA ARG E 127 7.62 35.79 6.26
C ARG E 127 6.39 34.90 6.48
N ILE E 128 5.53 34.81 5.48
CA ILE E 128 4.28 34.03 5.60
C ILE E 128 4.25 32.97 4.50
N ALA E 129 4.23 31.72 4.91
CA ALA E 129 4.18 30.60 3.98
C ALA E 129 2.73 30.30 3.57
N THR E 130 2.51 30.08 2.28
CA THR E 130 1.20 29.77 1.77
C THR E 130 1.26 29.03 0.44
N SER E 131 0.19 28.28 0.12
CA SER E 131 -0.02 27.75 -1.22
C SER E 131 -0.94 28.65 -2.04
N TYR E 132 -1.46 29.73 -1.45
CA TYR E 132 -2.42 30.62 -2.12
C TYR E 132 -1.88 32.06 -2.11
N PRO E 133 -0.76 32.29 -2.83
CA PRO E 133 -0.11 33.59 -2.71
C PRO E 133 -0.96 34.75 -3.23
N GLN E 134 -1.79 34.53 -4.25
CA GLN E 134 -2.64 35.61 -4.77
C GLN E 134 -3.71 36.00 -3.78
N LEU E 135 -4.38 35.03 -3.15
CA LEU E 135 -5.39 35.34 -2.14
C LEU E 135 -4.76 36.06 -0.95
N LEU E 136 -3.59 35.60 -0.52
CA LEU E 136 -2.90 36.26 0.59
C LEU E 136 -2.48 37.69 0.21
N LYS E 137 -1.86 37.83 -0.96
CA LYS E 137 -1.43 39.14 -1.45
C LYS E 137 -2.58 40.16 -1.45
N ARG E 138 -3.71 39.77 -2.02
CA ARG E 138 -4.85 40.67 -2.09
C ARG E 138 -5.29 41.12 -0.71
N PHE E 139 -5.41 40.17 0.21
CA PHE E 139 -5.85 40.50 1.55
C PHE E 139 -4.88 41.46 2.25
N MET E 140 -3.60 41.19 2.15
CA MET E 140 -2.60 42.00 2.85
C MET E 140 -2.51 43.40 2.23
N LYS E 141 -2.57 43.48 0.90
CA LYS E 141 -2.66 44.77 0.20
C LYS E 141 -3.86 45.57 0.68
N GLU E 142 -5.03 44.95 0.68
CA GLU E 142 -6.25 45.58 1.17
C GLU E 142 -6.15 46.10 2.59
N ASN E 143 -5.38 45.42 3.43
CA ASN E 143 -5.24 45.85 4.81
C ASN E 143 -3.94 46.61 5.07
N GLY E 144 -3.20 46.92 4.00
CA GLY E 144 -1.95 47.69 4.10
C GLY E 144 -0.88 47.07 4.98
N ILE E 145 -0.77 45.75 4.96
CA ILE E 145 0.24 45.04 5.75
C ILE E 145 1.36 44.56 4.83
N ASN E 146 2.60 44.99 5.10
CA ASN E 146 3.77 44.49 4.39
C ASN E 146 4.18 43.14 4.96
N TYR E 147 4.63 42.25 4.08
CA TYR E 147 5.04 40.90 4.50
C TYR E 147 5.95 40.32 3.42
N LYS E 148 6.62 39.23 3.74
CA LYS E 148 7.41 38.49 2.75
C LYS E 148 6.72 37.15 2.43
N ASN E 149 6.44 36.94 1.16
CA ASN E 149 5.76 35.73 0.73
C ASN E 149 6.69 34.55 0.65
N CYS E 150 6.23 33.38 1.11
CA CYS E 150 6.93 32.13 0.89
C CYS E 150 5.95 31.12 0.31
N THR E 151 6.10 30.79 -0.97
CA THR E 151 5.19 29.86 -1.64
C THR E 151 5.65 28.43 -1.40
N LEU E 152 4.77 27.65 -0.79
CA LEU E 152 5.01 26.24 -0.57
C LEU E 152 3.79 25.50 -1.11
N THR E 153 4.05 24.39 -1.80
CA THR E 153 3.01 23.64 -2.49
C THR E 153 2.26 22.68 -1.55
N GLY E 154 2.90 22.32 -0.45
CA GLY E 154 2.30 21.39 0.50
C GLY E 154 2.98 21.45 1.83
N SER E 155 2.39 20.78 2.82
CA SER E 155 2.88 20.80 4.19
C SER E 155 3.20 22.19 4.72
N VAL E 156 2.34 23.15 4.42
CA VAL E 156 2.56 24.52 4.81
C VAL E 156 2.64 24.64 6.32
N GLU E 157 1.88 23.80 7.03
CA GLU E 157 1.83 23.88 8.49
C GLU E 157 3.15 23.64 9.19
N VAL E 158 4.10 23.02 8.52
CA VAL E 158 5.41 22.76 9.11
C VAL E 158 6.40 23.92 8.95
N ALA E 159 6.04 24.92 8.16
CA ALA E 159 6.99 25.97 7.80
C ALA E 159 7.56 26.75 9.00
N PRO E 160 6.72 27.14 9.98
CA PRO E 160 7.28 27.82 11.15
C PRO E 160 8.29 26.98 11.93
N ARG E 161 7.93 25.74 12.23
CA ARG E 161 8.86 24.86 12.93
C ARG E 161 10.13 24.65 12.11
N ALA E 162 9.97 24.50 10.80
CA ALA E 162 11.08 24.25 9.90
C ALA E 162 11.92 25.51 9.71
N ASN E 163 11.39 26.61 10.20
CA ASN E 163 12.03 27.89 10.08
C ASN E 163 12.08 28.40 8.65
N LEU E 164 11.14 27.93 7.85
CA LEU E 164 10.84 28.49 6.54
C LEU E 164 10.11 29.85 6.55
N ALA E 165 9.37 30.12 7.62
CA ALA E 165 8.53 31.30 7.70
C ALA E 165 8.15 31.55 9.15
N ASP E 166 7.66 32.75 9.44
CA ASP E 166 7.23 33.14 10.79
C ASP E 166 5.76 32.72 11.04
N ALA E 167 5.01 32.60 9.94
CA ALA E 167 3.57 32.38 10.02
C ALA E 167 3.11 31.67 8.76
N ILE E 168 1.83 31.28 8.74
CA ILE E 168 1.27 30.68 7.55
C ILE E 168 -0.10 31.25 7.21
N CYS E 169 -0.49 31.03 5.97
CA CYS E 169 -1.85 31.25 5.50
C CYS E 169 -2.26 29.95 4.83
N ASP E 170 -3.11 29.17 5.49
CA ASP E 170 -3.48 27.85 4.97
C ASP E 170 -4.92 27.49 5.28
N LEU E 171 -5.40 26.42 4.63
CA LEU E 171 -6.78 25.97 4.76
C LEU E 171 -6.99 25.23 6.09
N VAL E 172 -8.13 25.53 6.71
CA VAL E 172 -8.53 24.92 7.96
C VAL E 172 -9.96 24.39 7.78
N SER E 173 -10.18 23.16 8.25
CA SER E 173 -11.52 22.61 8.29
C SER E 173 -11.85 22.34 9.73
N SER E 174 -11.26 21.28 10.31
CA SER E 174 -11.51 20.95 11.72
C SER E 174 -10.60 21.70 12.70
N GLY E 175 -9.45 22.17 12.24
CA GLY E 175 -8.49 22.80 13.12
C GLY E 175 -7.46 21.84 13.72
N ALA E 176 -7.60 20.54 13.45
CA ALA E 176 -6.70 19.54 14.04
C ALA E 176 -5.24 19.72 13.58
N THR E 177 -5.04 20.03 12.31
CA THR E 177 -3.70 20.19 11.77
C THR E 177 -2.97 21.39 12.38
N LEU E 178 -3.67 22.49 12.60
CA LEU E 178 -3.07 23.62 13.27
C LEU E 178 -2.66 23.23 14.68
N GLN E 179 -3.53 22.53 15.39
CA GLN E 179 -3.22 22.13 16.77
C GLN E 179 -2.03 21.18 16.81
N ALA E 180 -1.98 20.27 15.86
CA ALA E 180 -0.93 19.29 15.79
C ALA E 180 0.42 20.00 15.65
N ASN E 181 0.40 21.21 15.13
CA ASN E 181 1.63 21.91 14.84
C ASN E 181 1.82 23.13 15.72
N ASN E 182 1.10 23.18 16.83
CA ASN E 182 1.20 24.26 17.80
C ASN E 182 0.93 25.65 17.20
N LEU E 183 -0.03 25.71 16.27
CA LEU E 183 -0.40 26.95 15.62
C LEU E 183 -1.78 27.40 16.08
N LYS E 184 -1.98 28.71 16.09
CA LYS E 184 -3.25 29.35 16.46
C LYS E 184 -3.83 30.04 15.24
N GLU E 185 -5.10 29.78 14.96
CA GLU E 185 -5.77 30.43 13.86
C GLU E 185 -6.15 31.83 14.31
N VAL E 186 -5.67 32.85 13.61
CA VAL E 186 -5.88 34.25 14.07
C VAL E 186 -6.81 35.07 13.22
N LYS E 187 -6.82 34.85 11.91
CA LYS E 187 -7.66 35.67 11.03
C LYS E 187 -8.07 34.89 9.80
N VAL E 188 -9.37 34.79 9.58
CA VAL E 188 -9.91 34.14 8.39
C VAL E 188 -9.87 35.15 7.25
N ILE E 189 -9.27 34.78 6.13
CA ILE E 189 -9.22 35.68 4.97
C ILE E 189 -10.11 35.27 3.79
N TYR E 190 -10.56 34.02 3.76
CA TYR E 190 -11.40 33.54 2.66
C TYR E 190 -12.14 32.26 3.11
N GLU E 191 -13.42 32.16 2.80
CA GLU E 191 -14.20 30.98 3.10
C GLU E 191 -14.61 30.35 1.78
N SER E 192 -14.52 29.04 1.76
CA SER E 192 -14.71 28.29 0.54
C SER E 192 -15.51 27.00 0.73
N ARG E 193 -16.13 26.60 -0.37
CA ARG E 193 -16.70 25.29 -0.55
C ARG E 193 -16.61 24.93 -2.03
N ALA E 194 -16.88 23.69 -2.36
CA ALA E 194 -16.84 23.23 -3.73
C ALA E 194 -17.90 23.94 -4.56
N CYS E 195 -17.60 24.18 -5.83
CA CYS E 195 -18.61 24.71 -6.77
C CYS E 195 -18.52 23.98 -8.09
N LEU E 196 -19.64 24.01 -8.80
CA LEU E 196 -19.75 23.45 -10.14
C LEU E 196 -19.75 24.62 -11.10
N ILE E 197 -18.80 24.62 -12.03
CA ILE E 197 -18.65 25.71 -13.00
C ILE E 197 -18.68 25.17 -14.41
N GLN E 198 -18.94 26.08 -15.34
CA GLN E 198 -19.04 25.78 -16.76
C GLN E 198 -18.22 26.79 -17.56
N LYS E 199 -17.68 26.35 -18.69
CA LYS E 199 -16.96 27.27 -19.57
C LYS E 199 -17.88 28.36 -20.12
N GLU E 200 -17.30 29.47 -20.50
CA GLU E 200 -18.08 30.64 -20.93
C GLU E 200 -18.75 30.39 -22.27
N ASN E 201 -18.03 29.86 -23.25
CA ASN E 201 -18.56 29.71 -24.59
C ASN E 201 -19.68 28.70 -24.61
N ALA E 202 -20.74 29.04 -25.35
CA ALA E 202 -21.96 28.27 -25.35
C ALA E 202 -21.69 26.85 -25.78
N LEU E 203 -22.39 25.91 -25.15
CA LEU E 203 -22.30 24.52 -25.54
C LEU E 203 -23.28 24.27 -26.67
N SER E 204 -23.09 23.16 -27.36
CA SER E 204 -24.10 22.66 -28.29
C SER E 204 -25.41 22.47 -27.56
N LYS E 205 -26.52 22.47 -28.31
CA LYS E 205 -27.85 22.30 -27.72
C LYS E 205 -27.96 20.97 -26.97
N GLU E 206 -27.38 19.91 -27.52
CA GLU E 206 -27.41 18.59 -26.89
C GLU E 206 -26.61 18.55 -25.59
N LYS E 207 -25.43 19.15 -25.58
CA LYS E 207 -24.63 19.18 -24.37
C LYS E 207 -25.29 20.02 -23.29
N GLN E 208 -25.84 21.17 -23.67
CA GLN E 208 -26.49 22.04 -22.72
C GLN E 208 -27.69 21.36 -22.11
N ALA E 209 -28.43 20.62 -22.94
CA ALA E 209 -29.58 19.86 -22.46
C ALA E 209 -29.17 18.81 -21.42
N LEU E 210 -28.02 18.19 -21.62
CA LEU E 210 -27.53 17.24 -20.63
C LEU E 210 -27.14 17.94 -19.32
N VAL E 211 -26.45 19.07 -19.45
CA VAL E 211 -26.09 19.86 -18.28
C VAL E 211 -27.35 20.21 -17.50
N ASP E 212 -28.39 20.65 -18.22
CA ASP E 212 -29.66 21.00 -17.57
C ASP E 212 -30.22 19.82 -16.78
N LYS E 213 -30.20 18.63 -17.38
CA LYS E 213 -30.67 17.44 -16.69
C LYS E 213 -29.90 17.15 -15.43
N ILE E 214 -28.57 17.22 -15.53
CA ILE E 214 -27.71 16.96 -14.40
C ILE E 214 -28.01 17.96 -13.29
N MET E 215 -28.18 19.23 -13.66
CA MET E 215 -28.46 20.28 -12.67
C MET E 215 -29.77 20.08 -11.89
N LEU E 216 -30.80 19.54 -12.53
CA LEU E 216 -32.05 19.19 -11.83
C LEU E 216 -31.77 18.17 -10.72
N ARG E 217 -30.93 17.20 -11.03
CA ARG E 217 -30.57 16.15 -10.08
C ARG E 217 -29.67 16.65 -8.97
N VAL E 218 -28.71 17.52 -9.32
CA VAL E 218 -27.89 18.13 -8.33
C VAL E 218 -28.75 18.85 -7.30
N ALA E 219 -29.73 19.61 -7.76
CA ALA E 219 -30.61 20.33 -6.83
C ALA E 219 -31.36 19.33 -5.93
N GLY E 220 -31.81 18.22 -6.53
CA GLY E 220 -32.50 17.16 -5.76
C GLY E 220 -31.65 16.60 -4.63
N VAL E 221 -30.38 16.35 -4.94
CA VAL E 221 -29.44 15.84 -3.95
C VAL E 221 -29.24 16.85 -2.82
N MET E 222 -29.01 18.11 -3.20
CA MET E 222 -28.69 19.13 -2.20
C MET E 222 -29.89 19.41 -1.31
N GLN E 223 -31.08 19.44 -1.89
CA GLN E 223 -32.29 19.71 -1.09
C GLN E 223 -32.63 18.59 -0.08
N ALA E 224 -32.19 17.37 -0.37
CA ALA E 224 -32.46 16.24 0.52
C ALA E 224 -31.41 16.08 1.63
N ARG E 225 -30.27 16.79 1.50
CA ARG E 225 -29.17 16.58 2.43
C ARG E 225 -29.71 16.91 3.86
N GLU E 226 -29.50 16.01 4.81
CA GLU E 226 -29.95 16.21 6.21
C GLU E 226 -31.45 16.08 6.48
N SER E 227 -32.24 15.68 5.48
CA SER E 227 -33.68 15.46 5.68
C SER E 227 -33.96 13.98 5.68
N LYS E 228 -34.94 13.57 6.48
CA LYS E 228 -35.35 12.19 6.58
C LYS E 228 -36.88 12.09 6.53
N TYR E 229 -37.37 10.90 6.22
CA TYR E 229 -38.78 10.63 6.16
C TYR E 229 -39.17 9.97 7.47
N ILE E 230 -39.97 10.66 8.27
CA ILE E 230 -40.35 10.18 9.59
C ILE E 230 -41.73 9.54 9.52
N MET E 231 -41.88 8.38 10.15
CA MET E 231 -43.17 7.73 10.27
C MET E 231 -43.43 7.41 11.74
N LEU E 232 -44.67 7.48 12.18
CA LEU E 232 -44.99 7.17 13.55
C LEU E 232 -46.44 6.88 13.68
N HIS E 233 -46.80 6.28 14.82
CA HIS E 233 -48.19 6.07 15.20
C HIS E 233 -48.59 7.03 16.30
N ALA E 234 -49.82 7.53 16.25
CA ALA E 234 -50.34 8.37 17.31
C ALA E 234 -51.84 8.28 17.41
N PRO E 235 -52.38 8.58 18.59
CA PRO E 235 -53.83 8.70 18.70
C PRO E 235 -54.36 9.78 17.79
N LYS E 236 -55.49 9.51 17.16
CA LYS E 236 -56.15 10.48 16.27
C LYS E 236 -56.35 11.83 16.94
N GLU E 237 -56.73 11.80 18.22
CA GLU E 237 -57.00 13.02 18.97
C GLU E 237 -55.74 13.89 19.15
N LYS E 238 -54.56 13.30 18.99
CA LYS E 238 -53.31 14.04 19.11
C LYS E 238 -52.78 14.65 17.80
N LEU E 239 -53.52 14.50 16.70
CA LEU E 239 -53.02 14.92 15.38
C LEU E 239 -52.50 16.35 15.43
N ASP E 240 -53.30 17.24 15.99
CA ASP E 240 -52.97 18.67 15.92
C ASP E 240 -51.73 19.01 16.73
N LYS E 241 -51.58 18.39 17.88
CA LYS E 241 -50.39 18.59 18.70
C LYS E 241 -49.14 18.05 17.99
N ILE E 242 -49.25 16.85 17.42
CA ILE E 242 -48.10 16.25 16.74
C ILE E 242 -47.74 17.04 15.49
N GLN E 243 -48.74 17.48 14.73
CA GLN E 243 -48.50 18.33 13.56
C GLN E 243 -47.80 19.64 13.95
N ALA E 244 -48.13 20.19 15.12
CA ALA E 244 -47.46 21.42 15.59
C ALA E 244 -45.99 21.15 15.84
N LEU E 245 -45.65 19.98 16.36
CA LEU E 245 -44.25 19.65 16.67
C LEU E 245 -43.46 19.25 15.44
N LEU E 246 -44.12 18.54 14.53
CA LEU E 246 -43.47 17.95 13.37
C LEU E 246 -44.40 18.18 12.17
N PRO E 247 -44.24 19.32 11.50
CA PRO E 247 -45.26 19.73 10.52
C PRO E 247 -45.16 19.07 9.16
N GLY E 248 -44.04 18.44 8.83
CA GLY E 248 -43.78 17.96 7.47
C GLY E 248 -43.33 19.12 6.57
N VAL E 249 -42.98 18.82 5.31
CA VAL E 249 -42.58 19.90 4.39
C VAL E 249 -43.84 20.63 3.90
N GLU E 250 -45.01 19.98 3.92
CA GLU E 250 -46.27 20.68 3.71
C GLU E 250 -47.24 20.37 4.83
N ARG E 251 -47.62 19.09 4.98
CA ARG E 251 -48.49 18.68 6.07
C ARG E 251 -48.44 17.17 6.20
N PRO E 252 -48.69 16.64 7.41
CA PRO E 252 -48.49 15.20 7.55
C PRO E 252 -49.41 14.37 6.68
N THR E 253 -48.89 13.25 6.20
CA THR E 253 -49.70 12.22 5.58
C THR E 253 -50.35 11.44 6.74
N ILE E 254 -51.62 11.10 6.59
CA ILE E 254 -52.37 10.42 7.64
C ILE E 254 -52.98 9.15 7.11
N LEU E 255 -52.66 8.03 7.76
CA LEU E 255 -52.98 6.70 7.26
C LEU E 255 -53.68 5.87 8.33
N PRO E 256 -54.74 5.13 7.95
CA PRO E 256 -55.38 4.17 8.85
C PRO E 256 -54.49 2.99 9.24
N LEU E 257 -54.76 2.43 10.42
CA LEU E 257 -54.11 1.22 10.91
C LEU E 257 -55.12 0.10 11.02
N ALA E 258 -54.68 -1.12 10.77
CA ALA E 258 -55.58 -2.27 10.70
C ALA E 258 -56.36 -2.46 12.00
N HIS E 259 -57.69 -2.53 11.91
CA HIS E 259 -58.56 -2.78 13.06
C HIS E 259 -58.37 -1.81 14.21
N ASP E 260 -58.11 -0.56 13.87
CA ASP E 260 -57.83 0.46 14.86
C ASP E 260 -58.56 1.73 14.43
N GLU E 261 -59.51 2.16 15.24
CA GLU E 261 -60.22 3.41 14.97
C GLU E 261 -59.68 4.55 15.83
N LYS E 262 -58.82 4.25 16.79
CA LYS E 262 -58.30 5.25 17.73
C LYS E 262 -56.97 5.89 17.28
N ASN E 263 -56.14 5.15 16.56
CA ASN E 263 -54.78 5.57 16.21
C ASN E 263 -54.59 5.55 14.71
N VAL E 264 -53.65 6.37 14.25
CA VAL E 264 -53.29 6.47 12.85
C VAL E 264 -51.77 6.48 12.73
N ALA E 265 -51.29 6.18 11.53
CA ALA E 265 -49.93 6.47 11.20
C ALA E 265 -49.85 7.89 10.62
N LEU E 266 -48.78 8.59 10.96
CA LEU E 266 -48.52 9.92 10.43
C LEU E 266 -47.11 9.90 9.81
N HIS E 267 -46.96 10.50 8.62
CA HIS E 267 -45.66 10.58 7.98
C HIS E 267 -45.31 12.04 7.69
N MET E 268 -44.08 12.44 7.96
CA MET E 268 -43.60 13.79 7.77
C MET E 268 -42.13 13.80 7.36
N VAL E 269 -41.78 14.62 6.38
CA VAL E 269 -40.39 14.94 6.12
C VAL E 269 -39.90 15.88 7.20
N SER E 270 -38.68 15.66 7.70
CA SER E 270 -38.08 16.54 8.67
C SER E 270 -36.56 16.56 8.51
N LYS E 271 -35.97 17.73 8.74
CA LYS E 271 -34.53 17.81 8.98
C LYS E 271 -34.24 16.90 10.15
N GLU E 272 -33.16 16.12 10.08
CA GLU E 272 -32.96 15.11 11.09
C GLU E 272 -32.70 15.70 12.47
N ASN E 273 -31.90 16.76 12.55
CA ASN E 273 -31.59 17.33 13.87
C ASN E 273 -32.83 17.93 14.54
N LEU E 274 -33.68 18.59 13.77
CA LEU E 274 -34.99 19.02 14.31
C LEU E 274 -35.82 17.87 14.80
N PHE E 275 -35.82 16.76 14.06
CA PHE E 275 -36.54 15.58 14.52
C PHE E 275 -36.06 15.15 15.92
N TRP E 276 -34.75 14.97 16.09
CA TRP E 276 -34.21 14.54 17.37
C TRP E 276 -34.50 15.52 18.49
N GLU E 277 -34.51 16.80 18.18
CA GLU E 277 -34.85 17.80 19.17
C GLU E 277 -36.30 17.78 19.59
N THR E 278 -37.20 17.22 18.79
CA THR E 278 -38.61 17.15 19.21
C THR E 278 -39.08 15.74 19.59
N MET E 279 -38.18 14.77 19.50
CA MET E 279 -38.59 13.36 19.62
C MET E 279 -39.23 13.05 20.98
N GLU E 280 -38.66 13.57 22.05
CA GLU E 280 -39.21 13.32 23.38
C GLU E 280 -40.60 13.97 23.55
N ALA E 281 -40.80 15.16 23.01
CA ALA E 281 -42.13 15.78 23.03
C ALA E 281 -43.13 14.95 22.24
N LEU E 282 -42.68 14.34 21.14
CA LEU E 282 -43.55 13.48 20.34
C LEU E 282 -43.99 12.29 21.19
N LYS E 283 -43.06 11.67 21.89
CA LYS E 283 -43.39 10.56 22.77
C LYS E 283 -44.34 11.01 23.88
N GLU E 284 -44.12 12.20 24.44
CA GLU E 284 -45.03 12.74 25.47
C GLU E 284 -46.45 12.87 24.95
N GLU E 285 -46.59 13.23 23.68
CA GLU E 285 -47.90 13.36 23.06
C GLU E 285 -48.47 12.05 22.54
N GLY E 286 -47.85 10.92 22.89
CA GLY E 286 -48.38 9.61 22.54
C GLY E 286 -47.85 8.93 21.28
N ALA E 287 -46.82 9.48 20.66
CA ALA E 287 -46.24 8.88 19.45
C ALA E 287 -45.52 7.59 19.81
N SER E 288 -45.63 6.57 18.95
CA SER E 288 -44.91 5.30 19.12
C SER E 288 -44.47 4.73 17.75
N SER E 289 -43.59 3.72 17.79
CA SER E 289 -43.07 3.08 16.60
C SER E 289 -42.58 4.12 15.60
N ILE E 290 -41.68 4.98 16.07
CA ILE E 290 -41.17 6.07 15.27
C ILE E 290 -40.03 5.56 14.41
N LEU E 291 -40.14 5.76 13.09
CA LEU E 291 -39.14 5.34 12.14
C LEU E 291 -38.49 6.54 11.45
N VAL E 292 -37.20 6.41 11.18
CA VAL E 292 -36.43 7.37 10.42
C VAL E 292 -35.90 6.69 9.17
N LEU E 293 -36.40 7.12 8.01
CA LEU E 293 -35.99 6.58 6.73
C LEU E 293 -35.21 7.61 5.91
N PRO E 294 -34.30 7.15 5.08
CA PRO E 294 -33.53 8.07 4.24
C PRO E 294 -34.35 8.69 3.10
N ILE E 295 -33.93 9.88 2.66
CA ILE E 295 -34.42 10.50 1.44
C ILE E 295 -33.19 10.83 0.59
N GLU E 296 -33.16 10.37 -0.67
CA GLU E 296 -32.00 10.55 -1.54
C GLU E 296 -32.08 11.85 -2.37
N LYS E 297 -33.29 12.21 -2.79
CA LYS E 297 -33.51 13.49 -3.46
C LYS E 297 -34.84 14.05 -3.04
N MET E 298 -34.91 15.38 -3.01
CA MET E 298 -36.14 16.09 -2.75
C MET E 298 -36.27 17.27 -3.71
N LEU E 299 -37.44 17.39 -4.32
CA LEU E 299 -37.76 18.49 -5.21
C LEU E 299 -38.95 19.29 -4.69
N LYS E 300 -38.86 20.61 -4.77
N LYS E 300 -38.81 20.62 -4.67
CA LYS E 300 -39.99 21.48 -4.49
CA LYS E 300 -39.82 21.53 -4.12
C LYS E 300 -41.33 21.06 -5.06
C LYS E 300 -41.10 21.57 -4.96
N THR F 6 16.64 -2.44 -35.16
CA THR F 6 15.92 -2.27 -33.88
C THR F 6 16.84 -2.70 -32.70
N ARG F 7 16.24 -2.76 -31.54
CA ARG F 7 16.97 -2.97 -30.30
C ARG F 7 16.77 -4.39 -29.81
N LEU F 8 17.77 -4.90 -29.11
CA LEU F 8 17.69 -6.24 -28.51
C LEU F 8 16.54 -6.30 -27.52
N ARG F 9 15.71 -7.33 -27.58
CA ARG F 9 14.52 -7.42 -26.76
C ARG F 9 14.61 -8.59 -25.78
N ILE F 10 14.50 -8.27 -24.49
CA ILE F 10 14.63 -9.26 -23.42
C ILE F 10 13.33 -9.30 -22.64
N ALA F 11 12.73 -10.48 -22.53
CA ALA F 11 11.55 -10.68 -21.73
C ALA F 11 11.93 -11.19 -20.36
N ILE F 12 11.41 -10.53 -19.33
CA ILE F 12 11.58 -10.96 -17.95
C ILE F 12 10.22 -11.05 -17.25
N GLN F 13 10.19 -11.79 -16.15
CA GLN F 13 8.96 -11.91 -15.36
C GLN F 13 8.52 -10.58 -14.80
N LYS F 14 7.20 -10.41 -14.73
CA LYS F 14 6.58 -9.21 -14.20
C LYS F 14 6.67 -9.17 -12.65
N SER F 15 6.59 -10.31 -11.98
CA SER F 15 6.65 -10.35 -10.50
C SER F 15 7.35 -11.59 -9.95
N GLY F 16 7.51 -11.63 -8.63
CA GLY F 16 8.18 -12.74 -7.98
C GLY F 16 9.63 -12.40 -7.68
N ARG F 17 10.25 -13.21 -6.83
CA ARG F 17 11.68 -13.04 -6.51
C ARG F 17 12.50 -13.18 -7.80
N LEU F 18 12.02 -14.05 -8.69
CA LEU F 18 12.72 -14.27 -9.97
C LEU F 18 12.81 -12.98 -10.78
N SER F 19 11.73 -12.19 -10.79
CA SER F 19 11.73 -10.89 -11.43
C SER F 19 12.79 -9.92 -10.86
N LYS F 20 12.90 -9.82 -9.55
CA LYS F 20 13.91 -8.95 -8.94
C LYS F 20 15.33 -9.40 -9.26
N GLU F 21 15.60 -10.70 -9.16
CA GLU F 21 16.93 -11.23 -9.46
C GLU F 21 17.29 -11.05 -10.93
N SER F 22 16.28 -11.08 -11.81
CA SER F 22 16.52 -10.87 -13.25
C SER F 22 16.97 -9.43 -13.51
N ILE F 23 16.26 -8.49 -12.91
CA ILE F 23 16.62 -7.10 -13.00
C ILE F 23 18.03 -6.86 -12.44
N GLU F 24 18.34 -7.47 -11.30
CA GLU F 24 19.65 -7.33 -10.67
C GLU F 24 20.77 -7.87 -11.57
N LEU F 25 20.54 -9.04 -12.15
CA LEU F 25 21.51 -9.62 -13.05
C LEU F 25 21.78 -8.68 -14.23
N LEU F 26 20.73 -8.16 -14.83
CA LEU F 26 20.89 -7.26 -15.97
C LEU F 26 21.66 -6.00 -15.55
N SER F 27 21.35 -5.46 -14.38
CA SER F 27 22.06 -4.31 -13.86
C SER F 27 23.56 -4.62 -13.66
N GLU F 28 23.89 -5.78 -13.06
CA GLU F 28 25.29 -6.20 -12.90
C GLU F 28 25.99 -6.48 -14.22
N CYS F 29 25.22 -6.75 -15.27
CA CYS F 29 25.78 -6.90 -16.61
C CYS F 29 25.85 -5.59 -17.39
N GLY F 30 25.64 -4.47 -16.72
CA GLY F 30 25.85 -3.15 -17.32
C GLY F 30 24.63 -2.57 -18.04
N VAL F 31 23.46 -3.15 -17.83
CA VAL F 31 22.23 -2.61 -18.40
C VAL F 31 21.59 -1.64 -17.40
N LYS F 32 21.66 -0.35 -17.70
CA LYS F 32 20.94 0.66 -16.92
C LYS F 32 19.50 0.82 -17.40
N MET F 33 18.58 0.87 -16.45
CA MET F 33 17.16 1.01 -16.76
C MET F 33 16.45 1.47 -15.50
N HIS F 34 15.29 2.09 -15.70
CA HIS F 34 14.37 2.54 -14.65
C HIS F 34 12.99 1.99 -14.98
N SER F 39 5.68 0.23 -15.41
CA SER F 39 5.98 0.16 -16.84
C SER F 39 6.13 -1.29 -17.30
N LEU F 40 5.47 -1.62 -18.42
CA LEU F 40 5.52 -2.96 -19.00
C LEU F 40 6.58 -3.10 -20.10
N ILE F 41 6.91 -1.99 -20.76
CA ILE F 41 8.06 -1.93 -21.63
C ILE F 41 9.00 -0.91 -21.04
N ALA F 42 10.23 -1.32 -20.78
CA ALA F 42 11.26 -0.42 -20.35
C ALA F 42 12.36 -0.35 -21.40
N PHE F 43 12.97 0.82 -21.51
CA PHE F 43 14.04 1.02 -22.47
C PHE F 43 15.30 1.29 -21.69
N SER F 44 16.33 0.49 -21.90
CA SER F 44 17.63 0.79 -21.29
C SER F 44 18.09 2.17 -21.71
N THR F 45 18.67 2.92 -20.79
CA THR F 45 19.11 4.29 -21.07
C THR F 45 20.54 4.36 -21.58
N ASN F 46 21.30 3.27 -21.44
CA ASN F 46 22.70 3.24 -21.93
C ASN F 46 23.02 2.22 -23.02
N LEU F 47 22.13 1.25 -23.25
CA LEU F 47 22.34 0.24 -24.28
C LEU F 47 21.10 0.10 -25.15
N PRO F 48 21.26 -0.40 -26.38
CA PRO F 48 20.11 -0.59 -27.26
C PRO F 48 19.33 -1.88 -26.92
N ILE F 49 18.65 -1.83 -25.77
CA ILE F 49 17.97 -2.99 -25.20
C ILE F 49 16.61 -2.53 -24.70
N ASP F 50 15.60 -3.32 -25.02
CA ASP F 50 14.26 -3.13 -24.48
C ASP F 50 13.94 -4.33 -23.58
N ILE F 51 13.35 -4.04 -22.43
CA ILE F 51 13.01 -5.04 -21.46
C ILE F 51 11.49 -5.10 -21.42
N LEU F 52 10.95 -6.29 -21.69
CA LEU F 52 9.52 -6.49 -21.63
C LEU F 52 9.19 -7.29 -20.36
N ARG F 53 8.36 -6.72 -19.51
CA ARG F 53 7.92 -7.37 -18.29
C ARG F 53 6.62 -8.09 -18.58
N VAL F 54 6.63 -9.41 -18.48
CA VAL F 54 5.46 -10.18 -18.83
C VAL F 54 5.27 -11.33 -17.85
N ARG F 55 4.05 -11.84 -17.80
CA ARG F 55 3.73 -12.95 -16.92
C ARG F 55 4.60 -14.14 -17.32
N ASP F 56 5.18 -14.80 -16.32
CA ASP F 56 6.13 -15.89 -16.56
C ASP F 56 5.63 -16.91 -17.59
N ASP F 57 4.38 -17.31 -17.46
CA ASP F 57 3.80 -18.34 -18.30
C ASP F 57 3.71 -17.94 -19.78
N ASP F 58 3.76 -16.64 -20.06
CA ASP F 58 3.71 -16.15 -21.43
C ASP F 58 5.08 -16.07 -22.10
N ILE F 59 6.16 -16.09 -21.32
CA ILE F 59 7.50 -15.88 -21.89
C ILE F 59 7.93 -16.97 -22.89
N PRO F 60 7.77 -18.26 -22.56
CA PRO F 60 8.25 -19.28 -23.50
C PRO F 60 7.67 -19.13 -24.90
N GLY F 61 6.36 -18.91 -24.99
CA GLY F 61 5.69 -18.72 -26.28
C GLY F 61 6.23 -17.58 -27.10
N LEU F 62 6.60 -16.49 -26.44
CA LEU F 62 7.21 -15.35 -27.15
C LEU F 62 8.58 -15.71 -27.73
N ILE F 63 9.34 -16.49 -26.99
CA ILE F 63 10.63 -16.98 -27.48
C ILE F 63 10.40 -18.00 -28.61
N PHE F 64 9.48 -18.95 -28.43
CA PHE F 64 9.21 -19.97 -29.44
C PHE F 64 8.86 -19.33 -30.78
N ASP F 65 8.06 -18.27 -30.73
CA ASP F 65 7.60 -17.58 -31.93
C ASP F 65 8.58 -16.55 -32.43
N GLY F 66 9.65 -16.30 -31.69
CA GLY F 66 10.70 -15.43 -32.14
C GLY F 66 10.40 -13.94 -32.06
N VAL F 67 9.39 -13.55 -31.28
CA VAL F 67 9.00 -12.13 -31.20
C VAL F 67 9.71 -11.35 -30.10
N VAL F 68 10.42 -12.05 -29.23
CA VAL F 68 11.47 -11.45 -28.40
C VAL F 68 12.74 -12.23 -28.64
N ASP F 69 13.88 -11.63 -28.31
CA ASP F 69 15.18 -12.22 -28.60
C ASP F 69 15.70 -13.09 -27.47
N LEU F 70 15.60 -12.58 -26.23
CA LEU F 70 16.08 -13.29 -25.05
C LEU F 70 14.96 -13.35 -24.02
N GLY F 71 15.07 -14.33 -23.11
CA GLY F 71 14.15 -14.48 -22.01
C GLY F 71 14.84 -15.03 -20.79
N ILE F 72 14.43 -14.58 -19.62
CA ILE F 72 14.84 -15.18 -18.36
C ILE F 72 13.61 -15.79 -17.74
N ILE F 73 13.64 -17.10 -17.54
CA ILE F 73 12.46 -17.84 -17.15
C ILE F 73 12.85 -19.11 -16.39
N GLY F 74 12.02 -19.55 -15.45
CA GLY F 74 12.25 -20.83 -14.81
C GLY F 74 12.18 -21.98 -15.82
N GLU F 75 13.09 -22.94 -15.66
CA GLU F 75 13.02 -24.20 -16.43
C GLU F 75 11.66 -24.86 -16.38
N ASN F 76 11.03 -24.86 -15.22
CA ASN F 76 9.70 -25.46 -15.07
C ASN F 76 8.65 -24.85 -16.01
N VAL F 77 8.64 -23.53 -16.10
CA VAL F 77 7.67 -22.83 -16.92
C VAL F 77 7.99 -23.07 -18.40
N LEU F 78 9.27 -23.07 -18.73
CA LEU F 78 9.73 -23.32 -20.07
C LEU F 78 9.30 -24.71 -20.55
N GLU F 79 9.54 -25.73 -19.73
CA GLU F 79 9.24 -27.09 -20.11
C GLU F 79 7.74 -27.37 -20.09
N GLU F 80 7.02 -26.78 -19.15
CA GLU F 80 5.57 -26.89 -19.14
C GLU F 80 5.00 -26.42 -20.49
N ASN F 81 5.45 -25.26 -20.96
CA ASN F 81 4.97 -24.69 -22.21
C ASN F 81 5.47 -25.40 -23.46
N GLU F 82 6.70 -25.89 -23.42
CA GLU F 82 7.22 -26.74 -24.45
C GLU F 82 6.32 -27.98 -24.62
N LEU F 83 6.02 -28.66 -23.53
CA LEU F 83 5.12 -29.81 -23.56
C LEU F 83 3.73 -29.45 -24.06
N GLU F 84 3.20 -28.33 -23.63
CA GLU F 84 1.89 -27.92 -24.12
C GLU F 84 1.89 -27.72 -25.65
N ARG F 85 2.89 -27.03 -26.17
CA ARG F 85 2.98 -26.77 -27.61
C ARG F 85 3.16 -28.09 -28.37
N GLN F 86 4.01 -28.97 -27.86
CA GLN F 86 4.22 -30.28 -28.47
C GLN F 86 2.92 -31.09 -28.50
N SER F 87 2.13 -31.00 -27.45
CA SER F 87 0.84 -31.71 -27.40
C SER F 87 -0.13 -31.22 -28.46
N LEU F 88 0.04 -29.99 -28.92
CA LEU F 88 -0.78 -29.43 -30.01
C LEU F 88 -0.19 -29.68 -31.39
N GLY F 89 0.87 -30.48 -31.48
CA GLY F 89 1.51 -30.77 -32.76
C GLY F 89 2.57 -29.77 -33.21
N GLU F 90 2.99 -28.84 -32.36
CA GLU F 90 4.03 -27.90 -32.75
C GLU F 90 5.42 -28.43 -32.40
N ASN F 91 6.44 -27.76 -32.92
CA ASN F 91 7.83 -28.12 -32.67
C ASN F 91 8.56 -26.88 -32.11
N PRO F 92 8.21 -26.46 -30.88
CA PRO F 92 8.86 -25.29 -30.31
C PRO F 92 10.38 -25.50 -30.21
N SER F 93 11.16 -24.47 -30.49
CA SER F 93 12.60 -24.51 -30.22
C SER F 93 13.14 -23.18 -29.74
N TYR F 94 14.34 -23.25 -29.18
CA TYR F 94 15.02 -22.11 -28.59
C TYR F 94 16.47 -22.53 -28.35
N LYS F 95 17.31 -21.55 -28.02
CA LYS F 95 18.67 -21.81 -27.62
C LYS F 95 18.81 -21.59 -26.12
N LEU F 96 19.38 -22.55 -25.41
CA LEU F 96 19.68 -22.36 -24.00
C LEU F 96 21.05 -21.70 -23.90
N LEU F 97 21.09 -20.49 -23.36
CA LEU F 97 22.34 -19.79 -23.21
C LEU F 97 23.03 -20.09 -21.89
N LYS F 98 22.27 -20.13 -20.80
CA LYS F 98 22.89 -20.29 -19.50
C LYS F 98 21.85 -20.74 -18.47
N LYS F 99 22.23 -21.74 -17.70
CA LYS F 99 21.49 -22.11 -16.50
C LYS F 99 21.99 -21.17 -15.39
N LEU F 100 21.08 -20.41 -14.77
CA LEU F 100 21.48 -19.35 -13.87
C LEU F 100 21.48 -19.84 -12.42
N ASP F 101 21.90 -18.99 -11.48
CA ASP F 101 22.10 -19.41 -10.07
C ASP F 101 21.04 -18.86 -9.11
N PHE F 102 19.83 -18.65 -9.61
CA PHE F 102 18.72 -18.29 -8.77
C PHE F 102 17.45 -18.93 -9.33
N GLY F 103 16.34 -18.72 -8.64
CA GLY F 103 15.06 -19.31 -9.02
C GLY F 103 14.93 -20.79 -8.71
N TYR F 104 15.74 -21.28 -7.79
CA TYR F 104 15.71 -22.69 -7.47
C TYR F 104 14.36 -23.08 -6.87
N CYS F 105 13.79 -24.18 -7.35
CA CYS F 105 12.64 -24.78 -6.71
C CYS F 105 12.47 -26.20 -7.19
N ARG F 106 11.65 -26.95 -6.45
CA ARG F 106 11.34 -28.32 -6.76
C ARG F 106 9.86 -28.36 -7.03
N LEU F 107 9.45 -28.99 -8.12
CA LEU F 107 8.04 -29.27 -8.33
C LEU F 107 7.77 -30.64 -7.73
N SER F 108 6.95 -30.66 -6.69
CA SER F 108 6.76 -31.85 -5.87
C SER F 108 5.30 -32.20 -5.65
N LEU F 109 5.04 -33.51 -5.60
CA LEU F 109 3.80 -34.04 -5.07
C LEU F 109 3.79 -33.93 -3.54
N ALA F 110 2.67 -33.48 -3.00
CA ALA F 110 2.49 -33.31 -1.58
C ALA F 110 1.08 -33.71 -1.17
N LEU F 111 0.96 -34.17 0.08
CA LEU F 111 -0.27 -34.74 0.65
C LEU F 111 -0.47 -34.17 2.04
N PRO F 112 -1.73 -34.12 2.51
CA PRO F 112 -1.94 -33.74 3.91
C PRO F 112 -1.10 -34.59 4.86
N GLN F 113 -0.54 -33.96 5.88
CA GLN F 113 0.27 -34.68 6.86
C GLN F 113 -0.64 -35.73 7.50
N GLU F 114 -0.26 -37.00 7.43
CA GLU F 114 -1.15 -38.05 7.94
C GLU F 114 -2.34 -38.22 7.03
N PHE F 117 1.57 -42.28 3.38
CA PHE F 117 2.27 -42.51 2.14
C PHE F 117 3.35 -43.57 2.28
N GLN F 118 3.23 -44.66 1.52
CA GLN F 118 4.26 -45.67 1.41
C GLN F 118 4.96 -45.53 0.07
N ASN F 119 4.20 -45.40 -1.01
CA ASN F 119 4.79 -45.22 -2.34
C ASN F 119 3.85 -44.53 -3.33
N LEU F 120 4.36 -44.28 -4.52
CA LEU F 120 3.66 -43.51 -5.53
C LEU F 120 2.24 -44.01 -5.82
N LYS F 121 1.97 -45.30 -5.58
CA LYS F 121 0.62 -45.86 -5.81
C LYS F 121 -0.43 -45.25 -4.90
N ASP F 122 -0.03 -44.63 -3.79
CA ASP F 122 -0.96 -43.89 -2.92
C ASP F 122 -1.64 -42.67 -3.59
N PHE F 123 -1.12 -42.24 -4.74
CA PHE F 123 -1.73 -41.19 -5.54
C PHE F 123 -2.72 -41.74 -6.55
N GLU F 124 -2.77 -43.07 -6.69
CA GLU F 124 -3.71 -43.74 -7.59
C GLU F 124 -5.12 -43.24 -7.37
N GLY F 125 -5.73 -42.75 -8.42
CA GLY F 125 -7.11 -42.28 -8.37
C GLY F 125 -7.37 -40.97 -7.65
N LEU F 126 -6.34 -40.30 -7.12
CA LEU F 126 -6.54 -39.03 -6.41
C LEU F 126 -6.79 -37.87 -7.37
N ARG F 127 -7.57 -36.89 -6.90
CA ARG F 127 -7.60 -35.57 -7.54
C ARG F 127 -6.37 -34.81 -7.09
N ILE F 128 -5.58 -34.35 -8.04
CA ILE F 128 -4.33 -33.62 -7.73
C ILE F 128 -4.39 -32.23 -8.34
N ALA F 129 -4.28 -31.22 -7.49
CA ALA F 129 -4.30 -29.83 -7.92
C ALA F 129 -2.89 -29.37 -8.31
N THR F 130 -2.78 -28.66 -9.44
CA THR F 130 -1.49 -28.14 -9.90
C THR F 130 -1.66 -26.96 -10.84
N SER F 131 -0.62 -26.14 -10.92
CA SER F 131 -0.51 -25.12 -11.96
C SER F 131 0.33 -25.61 -13.12
N TYR F 132 0.87 -26.83 -13.04
CA TYR F 132 1.75 -27.39 -14.08
C TYR F 132 1.20 -28.73 -14.59
N PRO F 133 0.02 -28.69 -15.24
CA PRO F 133 -0.62 -29.96 -15.58
C PRO F 133 0.17 -30.81 -16.57
N GLN F 134 0.91 -30.20 -17.48
CA GLN F 134 1.72 -30.99 -18.45
C GLN F 134 2.87 -31.72 -17.76
N LEU F 135 3.60 -31.04 -16.89
CA LEU F 135 4.68 -31.69 -16.14
C LEU F 135 4.14 -32.82 -15.26
N LEU F 136 3.01 -32.60 -14.59
CA LEU F 136 2.40 -33.63 -13.78
C LEU F 136 1.96 -34.82 -14.65
N LYS F 137 1.24 -34.53 -15.73
CA LYS F 137 0.75 -35.57 -16.64
C LYS F 137 1.88 -36.47 -17.14
N ARG F 138 2.97 -35.87 -17.58
CA ARG F 138 4.10 -36.65 -18.09
C ARG F 138 4.65 -37.58 -17.01
N PHE F 139 4.84 -37.06 -15.81
CA PHE F 139 5.38 -37.85 -14.73
C PHE F 139 4.47 -39.03 -14.36
N MET F 140 3.17 -38.77 -14.27
CA MET F 140 2.23 -39.81 -13.85
C MET F 140 2.08 -40.87 -14.94
N LYS F 141 2.03 -40.44 -16.21
CA LYS F 141 2.05 -41.37 -17.34
C LYS F 141 3.28 -42.27 -17.29
N GLU F 142 4.46 -41.66 -17.16
CA GLU F 142 5.71 -42.39 -17.05
C GLU F 142 5.73 -43.42 -15.92
N ASN F 143 5.04 -43.13 -14.82
CA ASN F 143 5.00 -44.06 -13.70
C ASN F 143 3.72 -44.88 -13.66
N GLY F 144 2.90 -44.79 -14.69
CA GLY F 144 1.65 -45.56 -14.80
C GLY F 144 0.66 -45.35 -13.67
N ILE F 145 0.55 -44.11 -13.18
CA ILE F 145 -0.40 -43.78 -12.11
C ILE F 145 -1.57 -43.02 -12.69
N ASN F 146 -2.78 -43.55 -12.50
CA ASN F 146 -4.00 -42.83 -12.87
C ASN F 146 -4.37 -41.81 -11.79
N TYR F 147 -4.88 -40.66 -12.22
CA TYR F 147 -5.24 -39.58 -11.29
C TYR F 147 -6.23 -38.67 -11.98
N LYS F 148 -6.86 -37.78 -11.22
CA LYS F 148 -7.72 -36.75 -11.79
C LYS F 148 -7.04 -35.38 -11.64
N ASN F 149 -6.88 -34.68 -12.77
CA ASN F 149 -6.20 -33.39 -12.75
C ASN F 149 -7.14 -32.30 -12.27
N CYS F 150 -6.63 -31.38 -11.45
CA CYS F 150 -7.33 -30.14 -11.15
C CYS F 150 -6.36 -28.96 -11.37
N THR F 151 -6.62 -28.17 -12.41
CA THR F 151 -5.77 -27.04 -12.73
C THR F 151 -6.20 -25.83 -11.90
N LEU F 152 -5.26 -25.32 -11.10
CA LEU F 152 -5.45 -24.09 -10.36
C LEU F 152 -4.26 -23.16 -10.66
N THR F 153 -4.56 -21.87 -10.84
CA THR F 153 -3.56 -20.91 -11.30
C THR F 153 -2.74 -20.38 -10.16
N GLY F 154 -3.28 -20.45 -8.95
CA GLY F 154 -2.58 -19.93 -7.78
C GLY F 154 -3.14 -20.54 -6.52
N SER F 155 -2.45 -20.30 -5.41
CA SER F 155 -2.83 -20.81 -4.09
C SER F 155 -3.15 -22.30 -4.10
N VAL F 156 -2.34 -23.05 -4.83
CA VAL F 156 -2.57 -24.48 -4.97
C VAL F 156 -2.53 -25.16 -3.61
N GLU F 157 -1.69 -24.64 -2.70
CA GLU F 157 -1.52 -25.25 -1.39
C GLU F 157 -2.80 -25.31 -0.54
N VAL F 158 -3.80 -24.50 -0.87
CA VAL F 158 -5.07 -24.50 -0.13
C VAL F 158 -6.09 -25.51 -0.67
N ALA F 159 -5.79 -26.13 -1.80
CA ALA F 159 -6.77 -27.02 -2.44
C ALA F 159 -7.24 -28.21 -1.56
N PRO F 160 -6.33 -28.91 -0.87
CA PRO F 160 -6.81 -30.01 -0.03
C PRO F 160 -7.75 -29.55 1.09
N ARG F 161 -7.36 -28.50 1.80
CA ARG F 161 -8.19 -27.97 2.86
C ARG F 161 -9.51 -27.46 2.32
N ALA F 162 -9.49 -26.87 1.13
CA ALA F 162 -10.71 -26.38 0.49
C ALA F 162 -11.55 -27.50 -0.12
N ASN F 163 -11.07 -28.74 -0.04
CA ASN F 163 -11.73 -29.89 -0.65
C ASN F 163 -11.84 -29.79 -2.16
N LEU F 164 -10.88 -29.15 -2.79
CA LEU F 164 -10.83 -29.10 -4.24
C LEU F 164 -10.01 -30.24 -4.82
N ALA F 165 -9.20 -30.87 -3.99
CA ALA F 165 -8.36 -31.98 -4.42
C ALA F 165 -7.84 -32.75 -3.20
N ASP F 166 -7.34 -33.94 -3.44
CA ASP F 166 -6.82 -34.80 -2.38
C ASP F 166 -5.34 -34.50 -2.12
N ALA F 167 -4.67 -33.95 -3.12
CA ALA F 167 -3.24 -33.74 -3.08
C ALA F 167 -2.86 -32.61 -4.04
N ILE F 168 -1.61 -32.21 -4.01
CA ILE F 168 -1.13 -31.19 -4.91
C ILE F 168 0.21 -31.55 -5.53
N CYS F 169 0.49 -30.86 -6.63
CA CYS F 169 1.81 -30.88 -7.25
C CYS F 169 2.19 -29.41 -7.43
N ASP F 170 3.11 -28.91 -6.60
CA ASP F 170 3.44 -27.48 -6.58
C ASP F 170 4.90 -27.24 -6.26
N LEU F 171 5.34 -26.00 -6.48
CA LEU F 171 6.71 -25.61 -6.31
C LEU F 171 7.05 -25.43 -4.84
N VAL F 172 8.22 -25.92 -4.47
CA VAL F 172 8.73 -25.84 -3.11
C VAL F 172 10.14 -25.27 -3.16
N SER F 173 10.43 -24.31 -2.29
CA SER F 173 11.77 -23.80 -2.15
C SER F 173 12.21 -24.11 -0.73
N SER F 174 11.71 -23.37 0.26
CA SER F 174 12.08 -23.58 1.66
C SER F 174 11.24 -24.65 2.35
N GLY F 175 10.05 -24.92 1.83
CA GLY F 175 9.14 -25.86 2.47
C GLY F 175 8.19 -25.20 3.46
N ALA F 176 8.32 -23.89 3.68
CA ALA F 176 7.48 -23.21 4.69
C ALA F 176 5.99 -23.21 4.32
N THR F 177 5.70 -23.03 3.03
CA THR F 177 4.32 -22.98 2.58
C THR F 177 3.60 -24.33 2.75
N LEU F 178 4.28 -25.43 2.42
CA LEU F 178 3.71 -26.74 2.66
C LEU F 178 3.43 -26.93 4.15
N GLN F 179 4.41 -26.62 5.00
CA GLN F 179 4.24 -26.77 6.46
C GLN F 179 3.09 -25.92 6.98
N ALA F 180 2.98 -24.70 6.49
CA ALA F 180 1.90 -23.81 6.90
C ALA F 180 0.53 -24.36 6.57
N ASN F 181 0.45 -25.27 5.60
CA ASN F 181 -0.81 -25.82 5.17
C ASN F 181 -0.96 -27.28 5.53
N ASN F 182 -0.15 -27.74 6.49
CA ASN F 182 -0.19 -29.09 6.97
C ASN F 182 0.01 -30.14 5.87
N LEU F 183 0.90 -29.83 4.91
CA LEU F 183 1.21 -30.73 3.81
C LEU F 183 2.63 -31.29 3.96
N LYS F 184 2.83 -32.52 3.48
CA LYS F 184 4.12 -33.20 3.48
C LYS F 184 4.57 -33.35 2.03
N GLU F 185 5.82 -32.97 1.75
CA GLU F 185 6.41 -33.17 0.45
C GLU F 185 6.81 -34.63 0.33
N VAL F 186 6.28 -35.30 -0.69
CA VAL F 186 6.42 -36.74 -0.80
C VAL F 186 7.29 -37.21 -1.95
N LYS F 187 7.22 -36.53 -3.10
CA LYS F 187 7.98 -36.95 -4.26
C LYS F 187 8.31 -35.75 -5.14
N VAL F 188 9.58 -35.55 -5.42
CA VAL F 188 10.03 -34.51 -6.32
C VAL F 188 9.88 -34.99 -7.76
N ILE F 189 9.17 -34.25 -8.61
CA ILE F 189 9.04 -34.65 -10.00
C ILE F 189 9.85 -33.82 -10.99
N TYR F 190 10.31 -32.64 -10.58
CA TYR F 190 11.05 -31.77 -11.49
C TYR F 190 11.82 -30.76 -10.65
N GLU F 191 13.07 -30.49 -11.02
CA GLU F 191 13.85 -29.48 -10.35
C GLU F 191 14.14 -28.40 -11.34
N SER F 192 14.09 -27.17 -10.85
CA SER F 192 14.17 -26.02 -11.76
C SER F 192 15.03 -24.92 -11.18
N ARG F 193 15.66 -24.18 -12.08
CA ARG F 193 16.25 -22.88 -11.77
C ARG F 193 15.96 -21.97 -12.94
N ALA F 194 16.24 -20.68 -12.75
CA ALA F 194 16.11 -19.71 -13.82
C ALA F 194 17.12 -20.02 -14.92
N CYS F 195 16.73 -19.80 -16.17
N CYS F 195 16.70 -19.77 -16.16
CA CYS F 195 17.67 -19.92 -17.30
CA CYS F 195 17.54 -19.92 -17.37
C CYS F 195 17.52 -18.72 -18.22
C CYS F 195 17.50 -18.69 -18.23
N LEU F 196 18.59 -18.44 -18.93
CA LEU F 196 18.62 -17.41 -19.97
C LEU F 196 18.52 -18.12 -21.30
N ILE F 197 17.50 -17.79 -22.08
CA ILE F 197 17.25 -18.45 -23.37
C ILE F 197 17.17 -17.42 -24.48
N GLN F 198 17.34 -17.92 -25.70
CA GLN F 198 17.35 -17.10 -26.90
C GLN F 198 16.47 -17.75 -27.97
N LYS F 199 15.83 -16.92 -28.81
CA LYS F 199 15.04 -17.45 -29.89
C LYS F 199 15.92 -18.23 -30.87
N GLU F 200 15.29 -19.14 -31.61
CA GLU F 200 16.01 -20.04 -32.50
C GLU F 200 16.58 -19.31 -33.71
N ASN F 201 15.78 -18.47 -34.35
CA ASN F 201 16.24 -17.78 -35.56
C ASN F 201 17.37 -16.81 -35.27
N ALA F 202 18.36 -16.81 -36.17
CA ALA F 202 19.58 -16.07 -35.95
C ALA F 202 19.27 -14.58 -35.77
N LEU F 203 20.00 -13.94 -34.88
CA LEU F 203 19.90 -12.51 -34.70
C LEU F 203 20.76 -11.80 -35.72
N SER F 204 20.52 -10.51 -35.88
CA SER F 204 21.44 -9.65 -36.62
C SER F 204 22.82 -9.71 -35.97
N LYS F 205 23.85 -9.40 -36.75
CA LYS F 205 25.21 -9.42 -36.27
C LYS F 205 25.38 -8.49 -35.05
N GLU F 206 24.74 -7.32 -35.08
CA GLU F 206 24.87 -6.35 -34.00
C GLU F 206 24.20 -6.85 -32.73
N LYS F 207 23.01 -7.41 -32.86
CA LYS F 207 22.31 -7.96 -31.71
C LYS F 207 23.05 -9.16 -31.12
N GLN F 208 23.56 -10.05 -31.97
CA GLN F 208 24.32 -11.19 -31.47
C GLN F 208 25.59 -10.76 -30.76
N ALA F 209 26.26 -9.73 -31.29
CA ALA F 209 27.45 -9.19 -30.64
C ALA F 209 27.15 -8.65 -29.23
N LEU F 210 25.99 -8.03 -29.07
CA LEU F 210 25.60 -7.53 -27.76
C LEU F 210 25.31 -8.71 -26.81
N VAL F 211 24.61 -9.71 -27.30
CA VAL F 211 24.33 -10.90 -26.51
C VAL F 211 25.66 -11.52 -26.05
N ASP F 212 26.63 -11.63 -26.97
CA ASP F 212 27.95 -12.18 -26.61
C ASP F 212 28.62 -11.38 -25.49
N LYS F 213 28.55 -10.05 -25.58
CA LYS F 213 29.09 -9.20 -24.51
C LYS F 213 28.41 -9.46 -23.17
N ILE F 214 27.08 -9.52 -23.19
CA ILE F 214 26.30 -9.72 -21.99
C ILE F 214 26.69 -11.06 -21.37
N MET F 215 26.83 -12.08 -22.19
CA MET F 215 27.18 -13.42 -21.72
C MET F 215 28.55 -13.53 -21.02
N LEU F 216 29.53 -12.77 -21.49
CA LEU F 216 30.84 -12.72 -20.80
C LEU F 216 30.66 -12.21 -19.37
N ARG F 217 29.82 -11.18 -19.21
CA ARG F 217 29.56 -10.59 -17.91
C ARG F 217 28.74 -11.51 -17.02
N VAL F 218 27.75 -12.17 -17.60
CA VAL F 218 26.97 -13.15 -16.87
C VAL F 218 27.89 -14.19 -16.25
N ALA F 219 28.85 -14.68 -17.03
CA ALA F 219 29.78 -15.67 -16.51
C ALA F 219 30.62 -15.11 -15.36
N GLY F 220 31.06 -13.86 -15.51
CA GLY F 220 31.78 -13.17 -14.45
C GLY F 220 31.01 -13.09 -13.14
N VAL F 221 29.73 -12.76 -13.24
CA VAL F 221 28.85 -12.67 -12.05
C VAL F 221 28.69 -14.05 -11.38
N MET F 222 28.40 -15.05 -12.19
CA MET F 222 28.16 -16.38 -11.66
C MET F 222 29.42 -16.98 -11.02
N GLN F 223 30.57 -16.77 -11.63
CA GLN F 223 31.81 -17.33 -11.10
C GLN F 223 32.23 -16.68 -9.77
N ALA F 224 31.82 -15.42 -9.55
CA ALA F 224 32.15 -14.71 -8.30
C ALA F 224 31.17 -14.99 -7.15
N ARG F 225 30.03 -15.60 -7.45
CA ARG F 225 29.00 -15.77 -6.44
C ARG F 225 29.60 -16.60 -5.28
N GLU F 226 29.47 -16.11 -4.06
CA GLU F 226 29.99 -16.81 -2.86
C GLU F 226 31.51 -16.81 -2.67
N SER F 227 32.27 -16.08 -3.51
CA SER F 227 33.71 -15.97 -3.33
C SER F 227 34.04 -14.58 -2.80
N LYS F 228 35.09 -14.50 -1.99
CA LYS F 228 35.54 -13.27 -1.41
C LYS F 228 37.05 -13.17 -1.52
N TYR F 229 37.55 -11.96 -1.34
CA TYR F 229 38.98 -11.71 -1.39
C TYR F 229 39.47 -11.59 0.02
N ILE F 230 40.31 -12.53 0.43
CA ILE F 230 40.77 -12.61 1.81
C ILE F 230 42.16 -12.00 1.90
N MET F 231 42.38 -11.16 2.90
CA MET F 231 43.70 -10.60 3.17
C MET F 231 44.04 -10.85 4.61
N LEU F 232 45.33 -11.11 4.88
CA LEU F 232 45.75 -11.34 6.27
C LEU F 232 47.22 -11.10 6.41
N HIS F 233 47.68 -10.99 7.64
CA HIS F 233 49.10 -10.93 7.96
C HIS F 233 49.52 -12.25 8.56
N ALA F 234 50.73 -12.68 8.23
CA ALA F 234 51.30 -13.86 8.85
C ALA F 234 52.81 -13.81 8.87
N PRO F 235 53.43 -14.55 9.81
CA PRO F 235 54.88 -14.69 9.76
C PRO F 235 55.31 -15.36 8.47
N LYS F 236 56.39 -14.87 7.87
CA LYS F 236 56.92 -15.45 6.64
C LYS F 236 57.10 -16.95 6.74
N GLU F 237 57.57 -17.40 7.90
CA GLU F 237 57.85 -18.82 8.11
C GLU F 237 56.58 -19.68 8.06
N LYS F 238 55.42 -19.05 8.23
CA LYS F 238 54.15 -19.78 8.17
C LYS F 238 53.48 -19.82 6.81
N LEU F 239 54.13 -19.27 5.77
CA LEU F 239 53.55 -19.23 4.44
C LEU F 239 52.97 -20.57 4.01
N ASP F 240 53.76 -21.63 4.15
CA ASP F 240 53.36 -22.92 3.59
C ASP F 240 52.16 -23.51 4.31
N LYS F 241 52.11 -23.36 5.64
CA LYS F 241 50.98 -23.86 6.43
C LYS F 241 49.72 -23.09 6.08
N ILE F 242 49.85 -21.77 5.94
CA ILE F 242 48.69 -20.94 5.59
C ILE F 242 48.22 -21.20 4.17
N GLN F 243 49.15 -21.34 3.22
CA GLN F 243 48.79 -21.71 1.86
C GLN F 243 48.05 -23.06 1.80
N ALA F 244 48.46 -24.03 2.62
CA ALA F 244 47.79 -25.33 2.64
C ALA F 244 46.33 -25.19 3.09
N LEU F 245 46.07 -24.27 4.02
CA LEU F 245 44.71 -24.05 4.52
C LEU F 245 43.86 -23.21 3.58
N LEU F 246 44.49 -22.21 2.96
CA LEU F 246 43.81 -21.24 2.13
C LEU F 246 44.67 -21.00 0.87
N PRO F 247 44.42 -21.78 -0.18
CA PRO F 247 45.37 -21.80 -1.30
C PRO F 247 45.23 -20.68 -2.33
N GLY F 248 44.11 -19.99 -2.32
CA GLY F 248 43.78 -19.04 -3.38
C GLY F 248 43.26 -19.77 -4.60
N VAL F 249 42.88 -19.02 -5.63
CA VAL F 249 42.39 -19.61 -6.84
C VAL F 249 43.57 -20.15 -7.67
N GLU F 250 44.76 -19.56 -7.51
CA GLU F 250 45.99 -20.11 -8.07
C GLU F 250 47.08 -20.29 -7.01
N ARG F 251 47.54 -19.18 -6.45
CA ARG F 251 48.44 -19.22 -5.32
C ARG F 251 48.38 -17.89 -4.61
N PRO F 252 48.69 -17.85 -3.32
CA PRO F 252 48.55 -16.60 -2.58
C PRO F 252 49.45 -15.50 -3.11
N THR F 253 48.91 -14.29 -3.15
CA THR F 253 49.74 -13.09 -3.34
C THR F 253 50.52 -12.80 -2.05
N ILE F 254 51.80 -12.45 -2.18
CA ILE F 254 52.64 -12.19 -1.00
C ILE F 254 53.15 -10.76 -1.09
N LEU F 255 52.86 -9.96 -0.06
CA LEU F 255 53.10 -8.52 -0.06
C LEU F 255 53.91 -8.10 1.16
N PRO F 256 54.96 -7.29 0.96
CA PRO F 256 55.75 -6.78 2.09
C PRO F 256 54.95 -5.83 2.99
N LEU F 257 55.34 -5.76 4.26
CA LEU F 257 54.79 -4.84 5.23
C LEU F 257 55.87 -3.84 5.62
N ALA F 258 55.46 -2.60 5.89
CA ALA F 258 56.40 -1.51 6.14
C ALA F 258 57.37 -1.83 7.28
N HIS F 259 58.67 -1.72 7.00
CA HIS F 259 59.73 -1.90 8.01
C HIS F 259 59.64 -3.23 8.76
N ASP F 260 59.21 -4.27 8.06
CA ASP F 260 59.00 -5.56 8.68
C ASP F 260 59.63 -6.61 7.75
N GLU F 261 60.63 -7.32 8.25
CA GLU F 261 61.24 -8.42 7.50
C GLU F 261 60.73 -9.81 7.99
N LYS F 262 59.96 -9.84 9.08
CA LYS F 262 59.45 -11.10 9.68
C LYS F 262 58.06 -11.53 9.20
N ASN F 263 57.21 -10.56 8.86
CA ASN F 263 55.83 -10.84 8.49
C ASN F 263 55.49 -10.28 7.13
N VAL F 264 54.49 -10.87 6.50
CA VAL F 264 54.00 -10.43 5.20
C VAL F 264 52.47 -10.37 5.24
N ALA F 265 51.89 -9.65 4.28
CA ALA F 265 50.49 -9.81 3.96
C ALA F 265 50.34 -10.91 2.93
N LEU F 266 49.28 -11.71 3.06
CA LEU F 266 48.94 -12.73 2.08
C LEU F 266 47.52 -12.47 1.63
N HIS F 267 47.27 -12.54 0.32
CA HIS F 267 45.95 -12.40 -0.22
C HIS F 267 45.55 -13.63 -1.01
N MET F 268 44.32 -14.09 -0.80
CA MET F 268 43.78 -15.29 -1.46
C MET F 268 42.28 -15.11 -1.74
N VAL F 269 41.84 -15.48 -2.93
CA VAL F 269 40.43 -15.65 -3.20
C VAL F 269 39.97 -16.96 -2.50
N SER F 270 38.80 -16.92 -1.89
CA SER F 270 38.21 -18.11 -1.27
C SER F 270 36.69 -18.06 -1.33
N LYS F 271 36.07 -19.23 -1.48
CA LYS F 271 34.63 -19.35 -1.20
C LYS F 271 34.46 -18.93 0.25
N GLU F 272 33.41 -18.19 0.55
CA GLU F 272 33.31 -17.61 1.88
C GLU F 272 33.12 -18.69 2.96
N ASN F 273 32.27 -19.66 2.70
CA ASN F 273 32.00 -20.68 3.73
C ASN F 273 33.28 -21.50 4.03
N LEU F 274 34.04 -21.85 3.01
CA LEU F 274 35.35 -22.47 3.22
C LEU F 274 36.26 -21.60 4.05
N PHE F 275 36.27 -20.29 3.79
CA PHE F 275 37.07 -19.40 4.62
C PHE F 275 36.70 -19.53 6.11
N TRP F 276 35.42 -19.41 6.43
CA TRP F 276 34.98 -19.47 7.82
C TRP F 276 35.33 -20.80 8.47
N GLU F 277 35.25 -21.88 7.69
CA GLU F 277 35.63 -23.21 8.17
C GLU F 277 37.11 -23.36 8.52
N THR F 278 37.98 -22.55 7.92
CA THR F 278 39.39 -22.65 8.25
C THR F 278 39.92 -21.48 9.08
N MET F 279 39.06 -20.54 9.44
CA MET F 279 39.54 -19.30 10.03
C MET F 279 40.28 -19.53 11.36
N GLU F 280 39.76 -20.42 12.20
CA GLU F 280 40.42 -20.71 13.49
C GLU F 280 41.78 -21.40 13.32
N ALA F 281 41.91 -22.28 12.35
CA ALA F 281 43.20 -22.87 12.00
C ALA F 281 44.19 -21.80 11.48
N LEU F 282 43.69 -20.82 10.74
CA LEU F 282 44.52 -19.73 10.26
C LEU F 282 45.08 -18.97 11.45
N LYS F 283 44.23 -18.67 12.42
CA LYS F 283 44.70 -17.98 13.63
C LYS F 283 45.70 -18.83 14.39
N GLU F 284 45.46 -20.14 14.49
CA GLU F 284 46.41 -21.07 15.13
C GLU F 284 47.79 -20.99 14.50
N GLU F 285 47.83 -20.82 13.18
CA GLU F 285 49.08 -20.68 12.44
C GLU F 285 49.63 -19.24 12.40
N GLY F 286 49.09 -18.33 13.20
CA GLY F 286 49.67 -17.00 13.35
C GLY F 286 49.08 -15.91 12.47
N ALA F 287 47.98 -16.18 11.77
CA ALA F 287 47.33 -15.16 10.96
C ALA F 287 46.68 -14.09 11.85
N SER F 288 46.77 -12.84 11.43
CA SER F 288 46.11 -11.73 12.12
C SER F 288 45.59 -10.70 11.11
N SER F 289 44.75 -9.78 11.62
CA SER F 289 44.16 -8.72 10.79
C SER F 289 43.58 -9.27 9.51
N ILE F 290 42.68 -10.23 9.67
CA ILE F 290 42.10 -10.94 8.56
C ILE F 290 40.91 -10.16 8.03
N LEU F 291 40.92 -9.86 6.74
CA LEU F 291 39.86 -9.08 6.09
C LEU F 291 39.13 -9.91 5.05
N VAL F 292 37.83 -9.67 4.94
CA VAL F 292 37.00 -10.27 3.92
C VAL F 292 36.41 -9.16 3.06
N LEU F 293 36.82 -9.12 1.80
CA LEU F 293 36.35 -8.13 0.83
C LEU F 293 35.52 -8.78 -0.26
N PRO F 294 34.56 -8.02 -0.82
CA PRO F 294 33.73 -8.55 -1.86
C PRO F 294 34.46 -8.71 -3.18
N ILE F 295 33.96 -9.63 -4.02
CA ILE F 295 34.37 -9.76 -5.41
C ILE F 295 33.07 -9.73 -6.25
N GLU F 296 33.00 -8.82 -7.22
CA GLU F 296 31.78 -8.67 -8.03
C GLU F 296 31.75 -9.54 -9.27
N LYS F 297 32.91 -9.73 -9.89
CA LYS F 297 33.04 -10.63 -11.02
C LYS F 297 34.38 -11.34 -10.93
N MET F 298 34.41 -12.57 -11.41
CA MET F 298 35.64 -13.33 -11.53
C MET F 298 35.66 -14.08 -12.87
N LEU F 299 36.78 -13.97 -13.56
CA LEU F 299 36.99 -14.69 -14.79
C LEU F 299 38.20 -15.60 -14.72
N LYS F 300 38.05 -16.85 -15.15
N LYS F 300 38.03 -16.79 -15.30
CA LYS F 300 39.10 -17.86 -15.05
CA LYS F 300 39.08 -17.78 -15.50
C LYS F 300 40.37 -17.44 -15.78
C LYS F 300 40.39 -17.15 -15.90
#